data_9J9G
#
_entry.id   9J9G
#
_cell.length_a   1.00
_cell.length_b   1.00
_cell.length_c   1.00
_cell.angle_alpha   90.00
_cell.angle_beta   90.00
_cell.angle_gamma   90.00
#
_symmetry.space_group_name_H-M   'P 1'
#
loop_
_entity.id
_entity.type
_entity.pdbx_description
1 polymer 'Multidrug resistance-associated protein 1'
2 non-polymer 2-acetamido-2-deoxy-beta-D-glucopyranose
#
_entity_poly.entity_id   1
_entity_poly.type   'polypeptide(L)'
_entity_poly.pdbx_seq_one_letter_code
;MALRDFCSVDGSDLFWEWNVTWNTSNPDFTKCFQNTVLVWVPCSYLWVCFPFYFLYLSHHDRGYIQMTHLNKAKTALGFL
LWIVCWADLFYSFWERSMGKLLAPVFLVSPTLLGITMLLATFLIQIERRRGVQSSGIMLTFWLIALLCALAILRSKIMTA
LKEDARVDVFRDVTFYIYFSLVLIQLVLSCFSDRSPLFSETINDPNPCPESSASFLSRITFWWITGMMVQGYRQPLESTD
LWSLNKEDTSEQVVPVLVKNWKKECAKSRKQPVKIVYSSKDPAKPKGSSKVDVNEEAEALIVKCPQKERDPSLFKVLYKT
FGPYFLMSFLFKAVHDLMMFAGPEILKLLINFVNDKKAPEWQGYFYTALLFISACLQTLVLHQYFHICFVSGMRIKTAVI
GAVYRKALVITNAARKSSTVGEIVNLMSVDAQRFMDLATYINMIWSAPLQVILALYLLWLNLGPSVLAGVAVMVLMVPLN
AVMAMKTKTYQVAHMKSKDNRIKLMNEILNGIKVLKLYAWELAFKDKVLAIRQEELKVLKKSAYLAAVGTFTWVCTPFLV
ALSTFAVYVTVDENNILDAQKAFVSLALFNILRFPLNILPMVISSIVQASVSLKRLRVFLSHEDLDPDSIQRRPIKDAGA
TNSITVKNATFTWARNDPPTLHGITFSVPEGSLVAVVGQVGCGKSSLLSALLAEMDKVEGHVTVKGSVAYVPQQAWIQNI
SLRENILFGRQLQERYYKAVVEACALLPDLEILPSGDRTEIGEKGVNLSGGQKQRVSLARAVYCDSDVYLLDDPLSAVDA
HVGKHIFENVIGPKGLLKNKTRLLVTHAISYLPQMDVIIVMSGGKISEMGSYQELLARDGAFAEFLRTYASAEQEQGQPE
DGLAGVGGPGKEVKQMENGMLVTDTAGKQMQRQLSSSSSYSRDVSQHHTSTAELRKPGPTEETWKLVEADKAQTGQVKLS
VYWDYMKAIGLFISFLSIFLFLCNHVASLVSNYWLSLWTDDPIVNGTQEHTQVRLSVYGALGISQGITVFGYSMAVSIGG
IFASRRLHLDLLHNVLRSPISFFERTPSGNLVNRFSKELDTVDSMIPQVIKMFMGSLFNVIGACIIILLATPMAAVIIPP
LGLIYFFVQRFYVASSRQLKRLESVSRSPVYSHFNETLLGVSVIRAFEEQERFIRQSDLKVDENQKAYYPSIVANRWLAV
RLECVGNCIVLFASLFAVISRHSLSAGLVGLSVSYSLQVTTYLNWLVRMSSEMETNIVAVERLKEYSETEKEAPWQIQDM
APPKDWPQVGRVEFRDYGLRYREDLDLVLKHINVTIDGGEKVGIVGRTGAGKSSLTLGLFRIKESAEGEIIIDDINIAKI
GLHDLRFKITIIPQDPVLFSGSLRMNLDPFSQYSDEEVWTSLELAHLKGFVSALPDKLNHECAEGGENLSVGQRQLVCLA
RALLRKTKILVLDEATAAVDLETDDLIQSTIRTQFDDCTVLTIAHRLNTIMDYTRVIVLDKGEIQEWGSPSDLLQQRGLF
YSMAKDSGLV
;
_entity_poly.pdbx_strand_id   A
#
# COMPACT_ATOMS: atom_id res chain seq x y z
N MET A 1 -63.16 24.48 3.71
CA MET A 1 -63.36 24.88 2.33
C MET A 1 -62.23 25.77 1.83
N ALA A 2 -61.14 25.84 2.60
CA ALA A 2 -60.01 26.68 2.23
C ALA A 2 -59.40 26.21 0.91
N LEU A 3 -59.06 24.91 0.82
CA LEU A 3 -58.57 24.37 -0.44
C LEU A 3 -59.66 24.29 -1.48
N ARG A 4 -60.88 23.92 -1.06
CA ARG A 4 -61.96 23.71 -2.02
C ARG A 4 -62.36 25.01 -2.71
N ASP A 5 -62.55 26.09 -1.93
CA ASP A 5 -62.88 27.37 -2.53
C ASP A 5 -61.70 27.92 -3.33
N PHE A 6 -60.48 27.47 -3.04
CA PHE A 6 -59.32 27.97 -3.77
C PHE A 6 -59.31 27.44 -5.20
N CYS A 7 -59.90 26.25 -5.42
CA CYS A 7 -60.11 25.75 -6.78
C CYS A 7 -60.95 26.72 -7.60
N SER A 8 -62.09 27.11 -7.06
CA SER A 8 -63.08 27.89 -7.80
C SER A 8 -64.02 28.51 -6.78
N VAL A 9 -64.79 29.50 -7.23
CA VAL A 9 -65.72 30.17 -6.32
C VAL A 9 -66.83 29.21 -5.92
N ASP A 10 -67.18 28.26 -6.78
CA ASP A 10 -68.24 27.31 -6.49
C ASP A 10 -67.71 26.01 -5.88
N GLY A 11 -66.40 25.79 -5.90
CA GLY A 11 -65.84 24.56 -5.35
C GLY A 11 -66.31 23.31 -6.05
N SER A 12 -66.41 23.34 -7.38
CA SER A 12 -66.88 22.18 -8.12
C SER A 12 -65.75 21.20 -8.40
N ASP A 13 -64.60 21.70 -8.87
CA ASP A 13 -63.45 20.86 -9.13
C ASP A 13 -62.75 20.57 -7.81
N LEU A 14 -62.75 19.30 -7.40
CA LEU A 14 -62.10 18.92 -6.15
C LEU A 14 -60.58 18.91 -6.31
N PHE A 15 -59.87 19.11 -5.19
CA PHE A 15 -58.41 19.14 -5.22
C PHE A 15 -57.80 17.78 -5.55
N TRP A 16 -58.42 16.70 -5.08
CA TRP A 16 -57.86 15.37 -5.28
C TRP A 16 -58.99 14.36 -5.19
N GLU A 17 -59.07 13.45 -6.15
CA GLU A 17 -60.14 12.46 -6.16
C GLU A 17 -59.71 11.22 -6.93
N TRP A 18 -59.78 10.07 -6.28
CA TRP A 18 -59.36 8.80 -6.88
C TRP A 18 -60.27 8.45 -8.05
N ASN A 19 -61.48 9.02 -8.02
CA ASN A 19 -62.48 9.05 -9.09
C ASN A 19 -61.88 9.36 -10.46
N VAL A 20 -60.78 10.13 -10.53
CA VAL A 20 -60.16 10.45 -11.82
C VAL A 20 -58.66 10.24 -11.84
N THR A 21 -57.97 10.25 -10.70
CA THR A 21 -56.52 10.19 -10.68
C THR A 21 -55.95 8.78 -10.54
N TRP A 22 -56.59 7.89 -9.80
CA TRP A 22 -56.04 6.56 -9.59
C TRP A 22 -56.93 5.43 -10.12
N ASN A 23 -58.19 5.38 -9.71
CA ASN A 23 -59.07 4.26 -10.06
C ASN A 23 -59.76 4.52 -11.39
N THR A 24 -58.96 4.61 -12.44
CA THR A 24 -59.50 4.85 -13.77
C THR A 24 -58.52 4.32 -14.80
N SER A 25 -59.04 3.98 -15.97
CA SER A 25 -58.21 3.40 -17.02
C SER A 25 -57.30 4.42 -17.69
N ASN A 26 -57.52 5.72 -17.45
CA ASN A 26 -56.71 6.77 -18.04
C ASN A 26 -56.50 7.85 -16.98
N PRO A 27 -55.38 7.82 -16.27
CA PRO A 27 -55.17 8.78 -15.18
C PRO A 27 -54.94 10.19 -15.71
N ASP A 28 -55.30 11.16 -14.88
CA ASP A 28 -55.07 12.56 -15.18
C ASP A 28 -55.34 13.36 -13.90
N PHE A 29 -54.44 14.28 -13.60
CA PHE A 29 -54.59 15.12 -12.42
C PHE A 29 -55.68 16.16 -12.66
N THR A 30 -56.49 16.39 -11.63
CA THR A 30 -57.54 17.40 -11.70
C THR A 30 -56.93 18.79 -11.82
N LYS A 31 -57.71 19.71 -12.39
CA LYS A 31 -57.16 21.01 -12.77
C LYS A 31 -56.65 21.78 -11.57
N CYS A 32 -57.33 21.66 -10.42
CA CYS A 32 -56.79 22.29 -9.22
C CYS A 32 -55.42 21.71 -8.85
N PHE A 33 -55.27 20.39 -8.89
CA PHE A 33 -54.01 19.83 -8.44
C PHE A 33 -52.89 20.26 -9.38
N GLN A 34 -53.18 20.31 -10.69
CA GLN A 34 -52.21 20.86 -11.63
C GLN A 34 -51.85 22.28 -11.22
N ASN A 35 -52.82 23.19 -11.32
CA ASN A 35 -52.55 24.62 -11.19
C ASN A 35 -52.05 24.99 -9.79
N THR A 36 -52.18 24.12 -8.80
CA THR A 36 -51.55 24.41 -7.52
C THR A 36 -50.21 23.69 -7.36
N VAL A 37 -50.23 22.36 -7.29
CA VAL A 37 -49.03 21.63 -6.88
C VAL A 37 -48.02 21.55 -8.01
N LEU A 38 -48.48 21.27 -9.25
CA LEU A 38 -47.53 21.05 -10.33
C LEU A 38 -46.79 22.33 -10.70
N VAL A 39 -47.21 23.48 -10.20
CA VAL A 39 -46.47 24.71 -10.37
C VAL A 39 -45.83 25.20 -9.08
N TRP A 40 -46.31 24.76 -7.91
CA TRP A 40 -45.66 25.17 -6.68
C TRP A 40 -44.43 24.34 -6.34
N VAL A 41 -44.38 23.07 -6.75
CA VAL A 41 -43.22 22.24 -6.41
C VAL A 41 -41.92 22.75 -7.02
N PRO A 42 -41.85 23.15 -8.30
CA PRO A 42 -40.55 23.64 -8.79
C PRO A 42 -40.20 25.02 -8.24
N CYS A 43 -41.20 25.89 -8.09
CA CYS A 43 -40.96 27.19 -7.44
C CYS A 43 -40.46 26.99 -6.02
N SER A 44 -41.07 26.06 -5.28
CA SER A 44 -40.63 25.79 -3.93
C SER A 44 -39.20 25.29 -3.91
N TYR A 45 -38.85 24.39 -4.82
CA TYR A 45 -37.49 23.86 -4.82
C TYR A 45 -36.49 24.96 -5.11
N LEU A 46 -36.75 25.78 -6.12
CA LEU A 46 -35.81 26.85 -6.46
C LEU A 46 -35.67 27.85 -5.32
N TRP A 47 -36.79 28.25 -4.72
CA TRP A 47 -36.73 29.25 -3.67
C TRP A 47 -36.16 28.72 -2.37
N VAL A 48 -36.18 27.39 -2.15
CA VAL A 48 -35.57 26.86 -0.94
C VAL A 48 -34.10 26.57 -1.18
N CYS A 49 -33.71 26.28 -2.42
CA CYS A 49 -32.31 26.02 -2.72
C CYS A 49 -31.51 27.28 -2.98
N PHE A 50 -32.18 28.41 -3.28
CA PHE A 50 -31.42 29.65 -3.51
C PHE A 50 -30.66 30.11 -2.28
N PRO A 51 -31.24 30.17 -1.07
CA PRO A 51 -30.45 30.69 0.07
C PRO A 51 -29.15 29.93 0.29
N PHE A 52 -29.22 28.59 0.38
CA PHE A 52 -28.02 27.81 0.66
C PHE A 52 -27.03 27.89 -0.49
N TYR A 53 -27.52 27.83 -1.73
CA TYR A 53 -26.64 27.89 -2.89
C TYR A 53 -25.94 29.24 -3.00
N PHE A 54 -26.67 30.32 -2.72
CA PHE A 54 -26.07 31.65 -2.74
C PHE A 54 -25.03 31.80 -1.63
N LEU A 55 -25.31 31.24 -0.46
CA LEU A 55 -24.32 31.27 0.62
C LEU A 55 -23.07 30.49 0.21
N TYR A 56 -23.25 29.38 -0.52
CA TYR A 56 -22.10 28.59 -0.95
C TYR A 56 -21.30 29.31 -2.03
N LEU A 57 -21.98 29.93 -2.98
CA LEU A 57 -21.29 30.68 -4.03
C LEU A 57 -20.53 31.87 -3.46
N SER A 58 -21.14 32.57 -2.49
CA SER A 58 -20.45 33.69 -1.85
C SER A 58 -19.17 33.23 -1.17
N HIS A 59 -19.13 31.99 -0.69
CA HIS A 59 -17.95 31.42 -0.07
C HIS A 59 -17.10 30.62 -1.04
N HIS A 60 -17.46 30.57 -2.32
CA HIS A 60 -16.72 29.78 -3.31
C HIS A 60 -16.82 30.48 -4.66
N ASP A 61 -15.82 31.28 -4.99
CA ASP A 61 -15.75 31.99 -6.26
C ASP A 61 -14.60 31.41 -7.08
N ARG A 62 -14.87 31.11 -8.35
CA ARG A 62 -13.87 30.57 -9.26
C ARG A 62 -13.52 31.57 -10.36
N GLY A 63 -13.73 32.86 -10.10
CA GLY A 63 -13.32 33.88 -11.05
C GLY A 63 -14.45 34.60 -11.75
N TYR A 64 -14.39 34.64 -13.07
CA TYR A 64 -15.36 35.39 -13.86
C TYR A 64 -15.43 34.79 -15.25
N ILE A 65 -16.63 34.83 -15.83
CA ILE A 65 -16.87 34.27 -17.15
C ILE A 65 -17.48 35.35 -18.02
N GLN A 66 -17.09 35.34 -19.29
CA GLN A 66 -17.63 36.27 -20.26
C GLN A 66 -19.08 35.96 -20.56
N MET A 67 -19.74 36.86 -21.29
CA MET A 67 -21.13 36.70 -21.67
C MET A 67 -21.15 36.12 -23.08
N THR A 68 -21.14 34.80 -23.17
CA THR A 68 -21.08 34.10 -24.45
C THR A 68 -22.47 33.96 -25.05
N HIS A 69 -22.57 33.26 -26.18
CA HIS A 69 -23.85 33.06 -26.83
C HIS A 69 -24.78 32.21 -25.97
N LEU A 70 -24.25 31.17 -25.35
CA LEU A 70 -25.07 30.27 -24.56
C LEU A 70 -25.73 31.00 -23.39
N ASN A 71 -24.95 31.77 -22.64
CA ASN A 71 -25.51 32.45 -21.48
C ASN A 71 -26.42 33.60 -21.88
N LYS A 72 -26.11 34.28 -22.97
CA LYS A 72 -27.02 35.31 -23.49
C LYS A 72 -28.35 34.69 -23.86
N ALA A 73 -28.32 33.55 -24.54
CA ALA A 73 -29.56 32.86 -24.90
C ALA A 73 -30.32 32.43 -23.65
N LYS A 74 -29.62 31.91 -22.64
CA LYS A 74 -30.29 31.47 -21.42
C LYS A 74 -30.95 32.64 -20.69
N THR A 75 -30.27 33.77 -20.59
CA THR A 75 -30.86 34.95 -19.97
C THR A 75 -32.06 35.47 -20.76
N ALA A 76 -31.94 35.52 -22.09
CA ALA A 76 -33.06 35.99 -22.91
C ALA A 76 -34.26 35.08 -22.76
N LEU A 77 -34.02 33.77 -22.74
CA LEU A 77 -35.11 32.82 -22.57
C LEU A 77 -35.74 32.93 -21.19
N GLY A 78 -34.94 33.21 -20.16
CA GLY A 78 -35.51 33.43 -18.85
C GLY A 78 -36.42 34.64 -18.80
N PHE A 79 -35.98 35.74 -19.40
CA PHE A 79 -36.83 36.93 -19.44
C PHE A 79 -38.11 36.70 -20.25
N LEU A 80 -37.98 36.01 -21.38
CA LEU A 80 -39.16 35.68 -22.19
C LEU A 80 -40.11 34.78 -21.41
N LEU A 81 -39.56 33.82 -20.67
CA LEU A 81 -40.40 32.96 -19.84
C LEU A 81 -41.14 33.76 -18.79
N TRP A 82 -40.47 34.73 -18.16
CA TRP A 82 -41.18 35.52 -17.16
C TRP A 82 -42.28 36.37 -17.78
N ILE A 83 -42.03 36.96 -18.95
CA ILE A 83 -43.07 37.79 -19.56
C ILE A 83 -44.25 36.92 -20.01
N VAL A 84 -43.98 35.73 -20.56
CA VAL A 84 -45.08 34.87 -20.98
C VAL A 84 -45.82 34.33 -19.77
N CYS A 85 -45.13 34.16 -18.65
CA CYS A 85 -45.80 33.73 -17.43
C CYS A 85 -46.73 34.82 -16.90
N TRP A 86 -46.30 36.08 -17.02
CA TRP A 86 -47.18 37.17 -16.59
C TRP A 86 -48.23 37.52 -17.62
N ALA A 87 -48.13 36.95 -18.83
CA ALA A 87 -49.16 37.18 -19.84
C ALA A 87 -50.53 36.72 -19.37
N ASP A 88 -50.61 35.50 -18.83
CA ASP A 88 -51.90 35.01 -18.36
C ASP A 88 -52.35 35.76 -17.10
N LEU A 89 -51.41 36.25 -16.30
CA LEU A 89 -51.76 37.12 -15.18
C LEU A 89 -52.48 38.38 -15.66
N PHE A 90 -51.91 39.04 -16.68
CA PHE A 90 -52.55 40.24 -17.22
C PHE A 90 -53.89 39.90 -17.84
N TYR A 91 -53.99 38.74 -18.48
CA TYR A 91 -55.28 38.30 -19.04
C TYR A 91 -56.31 38.12 -17.93
N SER A 92 -55.92 37.52 -16.82
CA SER A 92 -56.84 37.31 -15.71
C SER A 92 -57.26 38.63 -15.10
N PHE A 93 -56.33 39.58 -14.98
CA PHE A 93 -56.68 40.90 -14.47
C PHE A 93 -57.67 41.59 -15.40
N TRP A 94 -57.48 41.47 -16.71
CA TRP A 94 -58.43 42.05 -17.65
C TRP A 94 -59.80 41.40 -17.51
N GLU A 95 -59.84 40.08 -17.36
CA GLU A 95 -61.12 39.40 -17.22
C GLU A 95 -61.83 39.82 -15.93
N ARG A 96 -61.09 39.93 -14.83
CA ARG A 96 -61.71 40.36 -13.57
C ARG A 96 -62.23 41.78 -13.68
N SER A 97 -61.46 42.66 -14.35
CA SER A 97 -61.96 44.00 -14.61
C SER A 97 -63.19 43.97 -15.52
N MET A 98 -63.27 42.98 -16.41
CA MET A 98 -64.43 42.83 -17.27
C MET A 98 -65.67 42.36 -16.51
N GLY A 99 -65.50 41.84 -15.29
CA GLY A 99 -66.61 41.40 -14.48
C GLY A 99 -66.73 39.89 -14.34
N LYS A 100 -66.00 39.12 -15.14
CA LYS A 100 -66.06 37.67 -15.01
C LYS A 100 -65.37 37.23 -13.73
N LEU A 101 -66.03 36.35 -12.97
CA LEU A 101 -65.48 35.87 -11.72
C LEU A 101 -64.46 34.77 -11.96
N LEU A 102 -63.28 34.91 -11.37
CA LEU A 102 -62.20 33.95 -11.53
C LEU A 102 -61.60 33.61 -10.17
N ALA A 103 -61.05 32.41 -10.07
CA ALA A 103 -60.57 31.85 -8.83
C ALA A 103 -59.26 32.51 -8.38
N PRO A 104 -58.94 32.41 -7.08
CA PRO A 104 -57.64 32.91 -6.61
C PRO A 104 -56.45 32.21 -7.24
N VAL A 105 -56.57 30.92 -7.56
CA VAL A 105 -55.42 30.17 -8.06
C VAL A 105 -54.91 30.77 -9.36
N PHE A 106 -55.82 31.14 -10.26
CA PHE A 106 -55.42 31.76 -11.51
C PHE A 106 -54.71 33.09 -11.29
N LEU A 107 -54.92 33.71 -10.13
CA LEU A 107 -54.31 35.00 -9.84
C LEU A 107 -53.12 34.91 -8.90
N VAL A 108 -52.78 33.73 -8.40
CA VAL A 108 -51.64 33.55 -7.50
C VAL A 108 -50.56 32.68 -8.12
N SER A 109 -50.94 31.60 -8.78
CA SER A 109 -49.94 30.70 -9.36
C SER A 109 -49.07 31.37 -10.41
N PRO A 110 -49.62 32.07 -11.41
CA PRO A 110 -48.74 32.73 -12.39
C PRO A 110 -47.78 33.73 -11.76
N THR A 111 -48.18 34.40 -10.68
CA THR A 111 -47.26 35.32 -10.02
C THR A 111 -46.03 34.61 -9.50
N LEU A 112 -46.24 33.51 -8.77
CA LEU A 112 -45.10 32.78 -8.20
C LEU A 112 -44.26 32.17 -9.32
N LEU A 113 -44.89 31.67 -10.38
CA LEU A 113 -44.12 31.09 -11.47
C LEU A 113 -43.27 32.15 -12.17
N GLY A 114 -43.82 33.34 -12.40
CA GLY A 114 -43.03 34.41 -13.01
C GLY A 114 -41.89 34.86 -12.13
N ILE A 115 -42.14 35.03 -10.82
CA ILE A 115 -41.07 35.50 -9.95
C ILE A 115 -39.98 34.45 -9.82
N THR A 116 -40.33 33.17 -9.82
CA THR A 116 -39.29 32.17 -9.76
C THR A 116 -38.54 32.06 -11.08
N MET A 117 -39.19 32.39 -12.21
CA MET A 117 -38.47 32.40 -13.47
C MET A 117 -37.47 33.55 -13.53
N LEU A 118 -37.88 34.73 -13.08
CA LEU A 118 -36.93 35.83 -12.95
C LEU A 118 -35.80 35.45 -12.00
N LEU A 119 -36.13 34.73 -10.94
CA LEU A 119 -35.11 34.30 -9.99
C LEU A 119 -34.12 33.37 -10.67
N ALA A 120 -34.61 32.45 -11.51
CA ALA A 120 -33.71 31.57 -12.24
C ALA A 120 -32.79 32.36 -13.15
N THR A 121 -33.32 33.37 -13.83
CA THR A 121 -32.47 34.22 -14.67
C THR A 121 -31.40 34.92 -13.85
N PHE A 122 -31.79 35.50 -12.71
CA PHE A 122 -30.83 36.22 -11.88
C PHE A 122 -29.77 35.27 -11.33
N LEU A 123 -30.18 34.08 -10.91
CA LEU A 123 -29.21 33.13 -10.36
C LEU A 123 -28.29 32.61 -11.45
N ILE A 124 -28.77 32.51 -12.69
CA ILE A 124 -27.88 32.13 -13.79
C ILE A 124 -26.86 33.23 -14.05
N GLN A 125 -27.27 34.49 -13.91
CA GLN A 125 -26.32 35.59 -14.04
C GLN A 125 -25.27 35.55 -12.93
N ILE A 126 -25.70 35.31 -11.69
CA ILE A 126 -24.74 35.29 -10.59
C ILE A 126 -23.83 34.06 -10.70
N GLU A 127 -24.35 32.96 -11.26
CA GLU A 127 -23.52 31.80 -11.53
C GLU A 127 -22.45 32.12 -12.55
N ARG A 128 -22.81 32.87 -13.60
CA ARG A 128 -21.82 33.32 -14.56
C ARG A 128 -20.77 34.20 -13.89
N ARG A 129 -21.22 35.11 -13.02
CA ARG A 129 -20.28 36.01 -12.35
C ARG A 129 -19.33 35.25 -11.44
N ARG A 130 -19.81 34.19 -10.78
CA ARG A 130 -19.00 33.47 -9.80
C ARG A 130 -18.25 32.29 -10.40
N GLY A 131 -18.44 32.00 -11.68
CA GLY A 131 -17.59 31.05 -12.37
C GLY A 131 -17.94 29.59 -12.18
N VAL A 132 -19.16 29.19 -12.54
CA VAL A 132 -19.55 27.80 -12.59
C VAL A 132 -20.00 27.50 -14.01
N GLN A 133 -19.40 26.48 -14.60
CA GLN A 133 -19.58 26.19 -16.02
C GLN A 133 -20.79 25.33 -16.30
N SER A 134 -21.11 24.39 -15.41
CA SER A 134 -22.28 23.52 -15.56
C SER A 134 -23.03 23.52 -14.23
N SER A 135 -24.16 24.22 -14.20
CA SER A 135 -24.91 24.37 -12.97
C SER A 135 -25.66 23.09 -12.63
N GLY A 136 -25.48 22.61 -11.40
CA GLY A 136 -26.20 21.44 -10.95
C GLY A 136 -27.60 21.79 -10.50
N ILE A 137 -27.74 22.89 -9.77
CA ILE A 137 -29.05 23.29 -9.25
C ILE A 137 -29.99 23.61 -10.40
N MET A 138 -29.51 24.34 -11.39
CA MET A 138 -30.36 24.72 -12.53
C MET A 138 -30.80 23.50 -13.32
N LEU A 139 -29.92 22.52 -13.52
CA LEU A 139 -30.32 21.35 -14.30
C LEU A 139 -31.44 20.59 -13.61
N THR A 140 -31.34 20.38 -12.29
CA THR A 140 -32.40 19.68 -11.58
C THR A 140 -33.67 20.52 -11.51
N PHE A 141 -33.53 21.84 -11.34
CA PHE A 141 -34.72 22.68 -11.32
C PHE A 141 -35.46 22.62 -12.65
N TRP A 142 -34.72 22.70 -13.75
CA TRP A 142 -35.34 22.60 -15.06
C TRP A 142 -35.94 21.23 -15.29
N LEU A 143 -35.30 20.18 -14.78
CA LEU A 143 -35.85 18.83 -14.92
C LEU A 143 -37.18 18.70 -14.18
N ILE A 144 -37.24 19.23 -12.95
CA ILE A 144 -38.48 19.18 -12.18
C ILE A 144 -39.57 19.98 -12.89
N ALA A 145 -39.22 21.18 -13.36
CA ALA A 145 -40.20 22.00 -14.06
C ALA A 145 -40.70 21.32 -15.32
N LEU A 146 -39.79 20.67 -16.06
CA LEU A 146 -40.19 19.99 -17.29
C LEU A 146 -41.10 18.82 -16.99
N LEU A 147 -40.82 18.06 -15.93
CA LEU A 147 -41.68 16.94 -15.59
C LEU A 147 -43.09 17.41 -15.22
N CYS A 148 -43.18 18.43 -14.37
CA CYS A 148 -44.48 18.93 -13.97
C CYS A 148 -45.24 19.53 -15.14
N ALA A 149 -44.55 20.34 -15.96
CA ALA A 149 -45.18 20.92 -17.14
C ALA A 149 -45.56 19.85 -18.14
N LEU A 150 -44.84 18.73 -18.16
CA LEU A 150 -45.20 17.62 -19.04
C LEU A 150 -46.50 16.97 -18.60
N ALA A 151 -46.66 16.77 -17.29
CA ALA A 151 -47.93 16.25 -16.79
C ALA A 151 -49.08 17.20 -17.16
N ILE A 152 -48.87 18.50 -16.95
CA ILE A 152 -49.91 19.47 -17.29
C ILE A 152 -50.17 19.46 -18.79
N LEU A 153 -49.12 19.30 -19.59
CA LEU A 153 -49.27 19.28 -21.03
C LEU A 153 -50.08 18.08 -21.49
N ARG A 154 -49.84 16.91 -20.91
CA ARG A 154 -50.63 15.73 -21.25
C ARG A 154 -52.08 15.97 -20.88
N SER A 155 -52.33 16.52 -19.69
CA SER A 155 -53.70 16.83 -19.29
C SER A 155 -54.37 17.76 -20.29
N LYS A 156 -53.67 18.83 -20.69
CA LYS A 156 -54.27 19.84 -21.54
C LYS A 156 -54.51 19.30 -22.95
N ILE A 157 -53.57 18.51 -23.46
CA ILE A 157 -53.76 17.91 -24.78
C ILE A 157 -54.95 16.96 -24.77
N MET A 158 -55.08 16.14 -23.72
CA MET A 158 -56.22 15.24 -23.63
C MET A 158 -57.53 16.03 -23.57
N THR A 159 -57.56 17.09 -22.75
CA THR A 159 -58.78 17.88 -22.62
C THR A 159 -59.16 18.54 -23.93
N ALA A 160 -58.17 19.11 -24.63
CA ALA A 160 -58.45 19.76 -25.90
C ALA A 160 -58.89 18.76 -26.96
N LEU A 161 -58.35 17.54 -26.92
CA LEU A 161 -58.75 16.52 -27.89
C LEU A 161 -60.21 16.11 -27.73
N LYS A 162 -60.81 16.36 -26.57
CA LYS A 162 -62.23 16.11 -26.39
C LYS A 162 -63.04 17.02 -27.30
N GLU A 163 -63.97 16.43 -28.05
CA GLU A 163 -64.74 17.20 -29.02
C GLU A 163 -65.89 17.98 -28.40
N ASP A 164 -66.08 17.88 -27.09
CA ASP A 164 -67.12 18.63 -26.40
C ASP A 164 -66.60 19.58 -25.34
N ALA A 165 -65.35 19.40 -24.88
CA ALA A 165 -64.83 20.20 -23.78
C ALA A 165 -64.56 21.63 -24.22
N ARG A 166 -64.79 22.56 -23.29
CA ARG A 166 -64.46 23.96 -23.51
C ARG A 166 -62.95 24.14 -23.51
N VAL A 167 -62.47 25.04 -24.37
CA VAL A 167 -61.04 25.29 -24.53
C VAL A 167 -60.75 26.75 -24.18
N ASP A 168 -59.76 26.97 -23.33
CA ASP A 168 -59.30 28.31 -22.96
C ASP A 168 -58.07 28.61 -23.80
N VAL A 169 -58.31 29.12 -25.01
CA VAL A 169 -57.25 29.17 -26.02
C VAL A 169 -56.07 30.02 -25.55
N PHE A 170 -56.35 31.13 -24.86
CA PHE A 170 -55.27 32.03 -24.45
C PHE A 170 -54.35 31.36 -23.46
N ARG A 171 -54.91 30.81 -22.38
CA ARG A 171 -54.09 30.15 -21.38
C ARG A 171 -53.40 28.92 -21.97
N ASP A 172 -54.09 28.20 -22.85
CA ASP A 172 -53.50 27.04 -23.49
C ASP A 172 -52.26 27.42 -24.29
N VAL A 173 -52.35 28.46 -25.13
CA VAL A 173 -51.20 28.82 -25.95
C VAL A 173 -50.07 29.36 -25.10
N THR A 174 -50.39 30.14 -24.07
CA THR A 174 -49.35 30.62 -23.17
C THR A 174 -48.62 29.46 -22.52
N PHE A 175 -49.35 28.45 -22.06
CA PHE A 175 -48.70 27.32 -21.42
C PHE A 175 -47.91 26.48 -22.43
N TYR A 176 -48.40 26.39 -23.66
CA TYR A 176 -47.65 25.67 -24.70
C TYR A 176 -46.29 26.30 -24.92
N ILE A 177 -46.26 27.62 -25.11
CA ILE A 177 -44.95 28.24 -25.35
C ILE A 177 -44.10 28.25 -24.09
N TYR A 178 -44.73 28.30 -22.90
CA TYR A 178 -43.96 28.12 -21.67
C TYR A 178 -43.28 26.76 -21.65
N PHE A 179 -44.01 25.70 -22.02
CA PHE A 179 -43.43 24.38 -22.03
C PHE A 179 -42.28 24.28 -23.03
N SER A 180 -42.46 24.88 -24.22
CA SER A 180 -41.38 24.85 -25.20
C SER A 180 -40.14 25.53 -24.67
N LEU A 181 -40.31 26.71 -24.05
CA LEU A 181 -39.17 27.43 -23.52
C LEU A 181 -38.51 26.68 -22.38
N VAL A 182 -39.29 26.03 -21.52
CA VAL A 182 -38.69 25.27 -20.43
C VAL A 182 -37.89 24.09 -20.97
N LEU A 183 -38.41 23.42 -21.99
CA LEU A 183 -37.68 22.30 -22.57
C LEU A 183 -36.37 22.78 -23.19
N ILE A 184 -36.40 23.90 -23.90
CA ILE A 184 -35.17 24.39 -24.52
C ILE A 184 -34.18 24.88 -23.46
N GLN A 185 -34.69 25.46 -22.37
CA GLN A 185 -33.81 25.85 -21.27
C GLN A 185 -33.13 24.64 -20.65
N LEU A 186 -33.89 23.54 -20.48
CA LEU A 186 -33.29 22.33 -19.94
C LEU A 186 -32.23 21.78 -20.88
N VAL A 187 -32.52 21.76 -22.19
CA VAL A 187 -31.54 21.22 -23.13
C VAL A 187 -30.31 22.11 -23.20
N LEU A 188 -30.46 23.40 -22.91
CA LEU A 188 -29.30 24.28 -22.85
C LEU A 188 -28.51 24.09 -21.57
N SER A 189 -29.18 23.77 -20.46
CA SER A 189 -28.50 23.64 -19.18
C SER A 189 -27.54 22.47 -19.15
N CYS A 190 -27.71 21.51 -20.06
CA CYS A 190 -26.79 20.37 -20.10
C CYS A 190 -25.42 20.75 -20.65
N PHE A 191 -25.32 21.85 -21.39
CA PHE A 191 -24.08 22.28 -22.00
C PHE A 191 -23.17 22.90 -20.95
N SER A 192 -22.02 23.41 -21.41
CA SER A 192 -21.10 24.15 -20.56
C SER A 192 -20.59 25.35 -21.32
N ASP A 193 -20.38 26.46 -20.61
CA ASP A 193 -19.84 27.66 -21.22
C ASP A 193 -18.34 27.73 -21.00
N ARG A 194 -17.74 28.82 -21.48
CA ARG A 194 -16.28 28.92 -21.50
C ARG A 194 -15.70 28.97 -20.10
N SER A 195 -14.44 28.58 -20.00
CA SER A 195 -13.74 28.56 -18.73
C SER A 195 -13.55 30.00 -18.23
N PRO A 196 -13.37 30.16 -16.92
CA PRO A 196 -13.18 31.51 -16.37
C PRO A 196 -11.93 32.19 -16.93
N LEU A 197 -12.02 33.51 -17.05
CA LEU A 197 -10.91 34.32 -17.53
C LEU A 197 -9.71 34.29 -16.60
N PHE A 198 -9.91 34.01 -15.32
CA PHE A 198 -8.82 33.91 -14.34
C PHE A 198 -8.37 32.48 -14.14
N SER A 199 -8.42 31.66 -15.19
CA SER A 199 -8.02 30.26 -15.10
C SER A 199 -6.50 30.19 -15.05
N GLU A 200 -5.97 30.14 -13.83
CA GLU A 200 -4.53 30.04 -13.64
C GLU A 200 -3.97 28.69 -14.06
N THR A 201 -4.82 27.71 -14.33
CA THR A 201 -4.38 26.40 -14.77
C THR A 201 -3.92 26.37 -16.22
N ILE A 202 -3.79 27.54 -16.86
CA ILE A 202 -3.32 27.58 -18.25
C ILE A 202 -1.90 27.03 -18.35
N ASN A 203 -1.04 27.38 -17.38
CA ASN A 203 0.32 26.86 -17.38
C ASN A 203 0.33 25.35 -17.16
N ASP A 204 -0.59 24.85 -16.36
CA ASP A 204 -0.66 23.42 -16.08
C ASP A 204 -1.05 22.67 -17.34
N PRO A 205 -0.23 21.74 -17.82
CA PRO A 205 -0.54 21.07 -19.09
C PRO A 205 -1.50 19.90 -18.93
N ASN A 206 -1.54 19.30 -17.75
CA ASN A 206 -2.36 18.11 -17.49
C ASN A 206 -3.21 18.34 -16.25
N PRO A 207 -4.24 19.17 -16.36
CA PRO A 207 -5.11 19.42 -15.22
C PRO A 207 -6.13 18.31 -15.04
N CYS A 208 -6.68 18.23 -13.83
CA CYS A 208 -7.69 17.23 -13.54
C CYS A 208 -8.98 17.61 -14.25
N PRO A 209 -9.56 16.73 -15.07
CA PRO A 209 -10.75 17.12 -15.84
C PRO A 209 -11.96 17.45 -14.98
N GLU A 210 -11.98 17.02 -13.72
CA GLU A 210 -13.15 17.28 -12.88
C GLU A 210 -13.38 18.77 -12.69
N SER A 211 -12.32 19.58 -12.78
CA SER A 211 -12.47 21.03 -12.62
C SER A 211 -13.32 21.62 -13.72
N SER A 212 -13.29 21.04 -14.92
CA SER A 212 -14.03 21.58 -16.05
C SER A 212 -14.90 20.52 -16.70
N ALA A 213 -15.64 19.77 -15.90
CA ALA A 213 -16.53 18.72 -16.38
C ALA A 213 -17.97 19.09 -16.06
N SER A 214 -18.88 18.72 -16.95
CA SER A 214 -20.28 19.06 -16.77
C SER A 214 -20.86 18.33 -15.56
N PHE A 215 -22.03 18.80 -15.13
CA PHE A 215 -22.69 18.20 -13.96
C PHE A 215 -23.04 16.74 -14.21
N LEU A 216 -23.57 16.44 -15.40
CA LEU A 216 -23.85 15.06 -15.74
C LEU A 216 -22.57 14.23 -15.78
N SER A 217 -21.51 14.78 -16.38
CA SER A 217 -20.23 14.11 -16.40
C SER A 217 -19.62 13.97 -15.01
N ARG A 218 -20.13 14.72 -14.04
CA ARG A 218 -19.59 14.71 -12.69
C ARG A 218 -20.34 13.77 -11.76
N ILE A 219 -21.64 13.56 -11.96
CA ILE A 219 -22.37 12.61 -11.13
C ILE A 219 -22.20 11.18 -11.62
N THR A 220 -21.87 10.99 -12.90
CA THR A 220 -21.59 9.67 -13.45
C THR A 220 -20.10 9.39 -13.56
N PHE A 221 -19.25 10.34 -13.17
CA PHE A 221 -17.79 10.17 -13.18
C PHE A 221 -17.28 9.86 -14.59
N TRP A 222 -17.93 10.42 -15.60
CA TRP A 222 -17.58 10.11 -16.98
C TRP A 222 -16.21 10.64 -17.37
N TRP A 223 -15.67 11.62 -16.63
CA TRP A 223 -14.44 12.27 -17.05
C TRP A 223 -13.20 11.39 -16.88
N ILE A 224 -13.33 10.23 -16.24
CA ILE A 224 -12.21 9.30 -16.11
C ILE A 224 -12.30 8.17 -17.14
N THR A 225 -13.30 8.20 -18.02
CA THR A 225 -13.44 7.17 -19.04
C THR A 225 -12.24 7.17 -19.99
N GLY A 226 -11.76 8.34 -20.37
CA GLY A 226 -10.59 8.40 -21.23
C GLY A 226 -9.37 7.76 -20.59
N MET A 227 -9.15 8.04 -19.30
CA MET A 227 -8.04 7.44 -18.59
C MET A 227 -8.18 5.92 -18.52
N MET A 228 -9.38 5.43 -18.25
CA MET A 228 -9.54 3.98 -18.14
C MET A 228 -9.43 3.29 -19.49
N VAL A 229 -9.83 3.94 -20.58
CA VAL A 229 -9.62 3.38 -21.90
C VAL A 229 -8.13 3.33 -22.24
N GLN A 230 -7.43 4.43 -21.97
CA GLN A 230 -6.00 4.47 -22.26
C GLN A 230 -5.22 3.47 -21.42
N GLY A 231 -5.62 3.28 -20.16
CA GLY A 231 -4.93 2.34 -19.29
C GLY A 231 -5.02 0.91 -19.75
N TYR A 232 -6.02 0.58 -20.56
CA TYR A 232 -6.08 -0.73 -21.21
C TYR A 232 -5.38 -0.73 -22.56
N ARG A 233 -5.47 0.37 -23.31
CA ARG A 233 -4.80 0.40 -24.62
C ARG A 233 -3.29 0.41 -24.48
N GLN A 234 -2.75 1.06 -23.45
CA GLN A 234 -1.31 1.18 -23.27
C GLN A 234 -1.01 1.41 -21.79
N PRO A 235 0.18 1.03 -21.31
CA PRO A 235 0.46 1.13 -19.87
C PRO A 235 0.42 2.56 -19.36
N LEU A 236 -0.04 2.71 -18.12
CA LEU A 236 -0.12 3.99 -17.46
C LEU A 236 1.11 4.20 -16.58
N GLU A 237 1.73 5.37 -16.72
CA GLU A 237 2.89 5.73 -15.91
C GLU A 237 2.61 7.05 -15.22
N SER A 238 3.54 7.46 -14.36
CA SER A 238 3.33 8.66 -13.55
C SER A 238 3.22 9.91 -14.40
N THR A 239 3.78 9.90 -15.60
CA THR A 239 3.75 11.05 -16.49
C THR A 239 2.33 11.29 -17.07
N ASP A 240 1.44 10.31 -16.94
CA ASP A 240 0.10 10.40 -17.48
C ASP A 240 -0.95 10.82 -16.46
N LEU A 241 -0.67 10.72 -15.17
CA LEU A 241 -1.63 11.15 -14.17
C LEU A 241 -1.87 12.64 -14.24
N TRP A 242 -3.09 13.05 -13.93
CA TRP A 242 -3.44 14.46 -13.92
C TRP A 242 -2.86 15.15 -12.68
N SER A 243 -2.75 16.46 -12.78
CA SER A 243 -2.39 17.25 -11.60
C SER A 243 -3.55 17.33 -10.64
N LEU A 244 -3.22 17.49 -9.36
CA LEU A 244 -4.24 17.54 -8.33
C LEU A 244 -5.05 18.84 -8.44
N ASN A 245 -6.25 18.81 -7.86
CA ASN A 245 -7.02 20.04 -7.71
C ASN A 245 -6.34 20.95 -6.70
N LYS A 246 -6.52 22.25 -6.89
CA LYS A 246 -5.89 23.22 -6.00
C LYS A 246 -6.33 23.03 -4.56
N GLU A 247 -7.57 22.59 -4.33
CA GLU A 247 -8.08 22.36 -2.99
C GLU A 247 -7.52 21.09 -2.36
N ASP A 248 -6.82 20.25 -3.14
CA ASP A 248 -6.24 19.03 -2.59
C ASP A 248 -4.74 19.10 -2.40
N THR A 249 -4.06 20.06 -3.02
CA THR A 249 -2.62 20.18 -2.87
C THR A 249 -2.27 20.50 -1.42
N SER A 250 -1.17 19.93 -0.95
CA SER A 250 -0.76 20.12 0.44
C SER A 250 -0.46 21.58 0.75
N GLU A 251 0.00 22.33 -0.26
CA GLU A 251 0.26 23.75 -0.06
C GLU A 251 -1.02 24.53 0.23
N GLN A 252 -2.18 23.93 -0.01
CA GLN A 252 -3.46 24.56 0.28
C GLN A 252 -4.22 23.88 1.40
N VAL A 253 -3.78 22.72 1.85
CA VAL A 253 -4.46 21.94 2.87
C VAL A 253 -3.74 22.01 4.21
N VAL A 254 -2.42 21.88 4.20
CA VAL A 254 -1.66 21.85 5.46
C VAL A 254 -1.75 23.17 6.22
N PRO A 255 -1.61 24.35 5.60
CA PRO A 255 -1.61 25.58 6.39
C PRO A 255 -2.87 25.79 7.20
N VAL A 256 -4.03 25.34 6.73
CA VAL A 256 -5.26 25.58 7.48
C VAL A 256 -5.28 24.73 8.74
N LEU A 257 -4.83 23.47 8.66
CA LEU A 257 -4.73 22.65 9.87
C LEU A 257 -3.71 23.22 10.83
N VAL A 258 -2.57 23.68 10.30
CA VAL A 258 -1.53 24.25 11.17
C VAL A 258 -2.07 25.48 11.89
N LYS A 259 -2.76 26.36 11.16
CA LYS A 259 -3.27 27.58 11.76
C LYS A 259 -4.36 27.28 12.79
N ASN A 260 -5.26 26.35 12.50
CA ASN A 260 -6.31 26.01 13.45
C ASN A 260 -5.72 25.39 14.72
N TRP A 261 -4.74 24.51 14.57
CA TRP A 261 -4.12 23.89 15.74
C TRP A 261 -3.38 24.94 16.57
N LYS A 262 -2.67 25.86 15.92
CA LYS A 262 -2.00 26.91 16.66
C LYS A 262 -3.01 27.78 17.40
N LYS A 263 -4.14 28.09 16.75
CA LYS A 263 -5.17 28.89 17.39
C LYS A 263 -5.71 28.19 18.64
N GLU A 264 -5.98 26.89 18.54
CA GLU A 264 -6.53 26.20 19.71
C GLU A 264 -5.49 26.08 20.82
N CYS A 265 -4.22 25.85 20.46
CA CYS A 265 -3.18 25.80 21.49
C CYS A 265 -3.04 27.14 22.19
N ALA A 266 -3.12 28.24 21.44
CA ALA A 266 -3.09 29.56 22.05
C ALA A 266 -4.29 29.77 22.95
N LYS A 267 -5.46 29.29 22.52
CA LYS A 267 -6.66 29.40 23.35
C LYS A 267 -6.50 28.64 24.66
N SER A 268 -5.86 27.47 24.61
CA SER A 268 -5.68 26.66 25.81
C SER A 268 -4.71 27.28 26.80
N ARG A 269 -3.95 28.29 26.39
CA ARG A 269 -3.02 28.96 27.30
C ARG A 269 -3.74 29.93 28.21
N GLU A 308 -3.72 23.36 32.80
CA GLU A 308 -5.04 23.73 32.30
C GLU A 308 -5.66 22.58 31.51
N ARG A 309 -6.42 22.91 30.47
CA ARG A 309 -7.07 21.93 29.63
C ARG A 309 -6.23 21.73 28.37
N ASP A 310 -5.80 20.50 28.15
CA ASP A 310 -4.95 20.19 27.00
C ASP A 310 -5.75 20.39 25.71
N PRO A 311 -5.14 20.97 24.68
CA PRO A 311 -5.85 21.12 23.40
C PRO A 311 -6.25 19.78 22.82
N SER A 312 -7.42 19.75 22.18
CA SER A 312 -8.00 18.54 21.65
C SER A 312 -7.88 18.53 20.13
N LEU A 313 -7.14 17.57 19.59
CA LEU A 313 -6.96 17.50 18.15
C LEU A 313 -8.26 17.16 17.44
N PHE A 314 -9.17 16.47 18.13
CA PHE A 314 -10.46 16.14 17.52
C PHE A 314 -11.23 17.41 17.17
N LYS A 315 -11.19 18.40 18.06
CA LYS A 315 -11.90 19.65 17.80
C LYS A 315 -11.33 20.35 16.57
N VAL A 316 -10.00 20.40 16.45
CA VAL A 316 -9.38 21.05 15.30
C VAL A 316 -9.73 20.31 14.02
N LEU A 317 -9.63 18.98 14.04
CA LEU A 317 -9.94 18.20 12.85
C LEU A 317 -11.39 18.38 12.44
N TYR A 318 -12.31 18.37 13.41
CA TYR A 318 -13.71 18.61 13.13
C TYR A 318 -13.93 19.98 12.51
N LYS A 319 -13.43 21.03 13.18
CA LYS A 319 -13.60 22.39 12.67
C LYS A 319 -13.01 22.55 11.28
N THR A 320 -11.96 21.78 10.95
CA THR A 320 -11.28 21.96 9.68
C THR A 320 -11.92 21.18 8.54
N PHE A 321 -12.45 19.99 8.80
CA PHE A 321 -12.89 19.13 7.73
C PHE A 321 -14.37 18.75 7.77
N GLY A 322 -15.13 19.17 8.78
CA GLY A 322 -16.54 18.91 8.87
C GLY A 322 -17.42 19.62 7.86
N PRO A 323 -17.11 20.89 7.53
CA PRO A 323 -17.95 21.60 6.55
C PRO A 323 -18.11 20.86 5.23
N TYR A 324 -17.06 20.18 4.77
CA TYR A 324 -17.17 19.38 3.56
C TYR A 324 -17.61 17.95 3.85
N PHE A 325 -17.79 17.60 5.12
CA PHE A 325 -18.18 16.26 5.52
C PHE A 325 -19.65 16.14 5.88
N LEU A 326 -20.34 17.27 6.10
CA LEU A 326 -21.76 17.18 6.42
C LEU A 326 -22.59 16.84 5.18
N MET A 327 -22.08 17.18 4.00
CA MET A 327 -22.72 16.71 2.77
C MET A 327 -22.76 15.19 2.73
N SER A 328 -21.75 14.56 3.34
CA SER A 328 -21.75 13.11 3.45
C SER A 328 -22.94 12.62 4.28
N PHE A 329 -23.23 13.31 5.40
CA PHE A 329 -24.38 12.95 6.20
C PHE A 329 -25.67 13.10 5.41
N LEU A 330 -25.80 14.20 4.67
CA LEU A 330 -27.02 14.42 3.89
C LEU A 330 -27.21 13.32 2.86
N PHE A 331 -26.16 13.02 2.09
CA PHE A 331 -26.27 12.01 1.04
C PHE A 331 -26.52 10.63 1.64
N LYS A 332 -25.87 10.31 2.76
CA LYS A 332 -26.09 9.01 3.37
C LYS A 332 -27.52 8.86 3.86
N ALA A 333 -28.08 9.92 4.46
CA ALA A 333 -29.46 9.85 4.89
C ALA A 333 -30.41 9.65 3.71
N VAL A 334 -30.16 10.36 2.61
CA VAL A 334 -31.02 10.21 1.44
C VAL A 334 -30.93 8.80 0.88
N HIS A 335 -29.73 8.25 0.79
CA HIS A 335 -29.57 6.89 0.28
C HIS A 335 -30.25 5.87 1.19
N ASP A 336 -30.09 6.04 2.51
CA ASP A 336 -30.72 5.11 3.45
C ASP A 336 -32.23 5.14 3.30
N LEU A 337 -32.81 6.34 3.16
CA LEU A 337 -34.25 6.41 2.96
C LEU A 337 -34.68 5.78 1.64
N MET A 338 -33.97 6.08 0.55
CA MET A 338 -34.34 5.54 -0.75
C MET A 338 -34.13 4.03 -0.85
N MET A 339 -33.29 3.46 0.02
CA MET A 339 -33.03 2.03 -0.03
C MET A 339 -34.29 1.24 0.28
N PHE A 340 -35.13 1.72 1.18
CA PHE A 340 -36.35 1.04 1.57
C PHE A 340 -37.50 1.30 0.59
N ALA A 341 -37.29 2.13 -0.43
CA ALA A 341 -38.28 2.31 -1.47
C ALA A 341 -38.35 1.12 -2.42
N GLY A 342 -37.40 0.21 -2.36
CA GLY A 342 -37.40 -0.97 -3.18
C GLY A 342 -38.41 -2.00 -2.72
N PRO A 343 -38.25 -2.49 -1.48
CA PRO A 343 -39.20 -3.49 -0.97
C PRO A 343 -40.65 -3.03 -0.94
N GLU A 344 -40.92 -1.76 -0.63
CA GLU A 344 -42.30 -1.29 -0.61
C GLU A 344 -42.91 -1.29 -2.02
N ILE A 345 -42.14 -0.82 -3.01
CA ILE A 345 -42.61 -0.86 -4.38
C ILE A 345 -42.78 -2.30 -4.85
N LEU A 346 -41.92 -3.20 -4.37
CA LEU A 346 -42.08 -4.62 -4.66
C LEU A 346 -43.38 -5.15 -4.10
N LYS A 347 -43.74 -4.74 -2.88
CA LYS A 347 -45.01 -5.14 -2.32
C LYS A 347 -46.17 -4.63 -3.16
N LEU A 348 -46.08 -3.39 -3.61
CA LEU A 348 -47.13 -2.84 -4.47
C LEU A 348 -47.23 -3.61 -5.79
N LEU A 349 -46.08 -3.96 -6.36
CA LEU A 349 -46.08 -4.72 -7.62
C LEU A 349 -46.67 -6.10 -7.44
N ILE A 350 -46.36 -6.77 -6.32
CA ILE A 350 -46.92 -8.08 -6.04
C ILE A 350 -48.44 -7.97 -5.88
N ASN A 351 -48.89 -6.95 -5.17
CA ASN A 351 -50.34 -6.73 -5.05
C ASN A 351 -50.97 -6.51 -6.42
N PHE A 352 -50.31 -5.75 -7.27
CA PHE A 352 -50.83 -5.49 -8.61
C PHE A 352 -50.93 -6.76 -9.42
N VAL A 353 -49.92 -7.64 -9.32
CA VAL A 353 -49.96 -8.88 -10.07
C VAL A 353 -51.07 -9.78 -9.55
N ASN A 354 -51.27 -9.82 -8.23
CA ASN A 354 -52.34 -10.63 -7.68
C ASN A 354 -53.71 -10.10 -8.07
N ASP A 355 -53.90 -8.78 -8.01
CA ASP A 355 -55.18 -8.19 -8.38
C ASP A 355 -55.31 -8.15 -9.90
N LYS A 356 -56.48 -8.55 -10.39
CA LYS A 356 -56.74 -8.59 -11.83
C LYS A 356 -57.82 -7.62 -12.26
N LYS A 357 -58.22 -6.70 -11.38
CA LYS A 357 -59.16 -5.65 -11.73
C LYS A 357 -58.53 -4.27 -11.74
N ALA A 358 -57.26 -4.16 -11.36
CA ALA A 358 -56.55 -2.89 -11.42
C ALA A 358 -56.17 -2.56 -12.85
N PRO A 359 -56.17 -1.28 -13.22
CA PRO A 359 -55.75 -0.90 -14.57
C PRO A 359 -54.28 -1.21 -14.80
N GLU A 360 -53.96 -1.47 -16.06
CA GLU A 360 -52.64 -2.00 -16.40
C GLU A 360 -51.53 -0.98 -16.17
N TRP A 361 -51.82 0.31 -16.34
CA TRP A 361 -50.78 1.32 -16.25
C TRP A 361 -50.19 1.43 -14.84
N GLN A 362 -50.87 0.89 -13.83
CA GLN A 362 -50.36 0.97 -12.47
C GLN A 362 -49.03 0.22 -12.34
N GLY A 363 -48.93 -0.93 -12.97
CA GLY A 363 -47.68 -1.68 -12.91
C GLY A 363 -46.55 -0.95 -13.59
N TYR A 364 -46.83 -0.30 -14.72
CA TYR A 364 -45.81 0.50 -15.39
C TYR A 364 -45.39 1.69 -14.53
N PHE A 365 -46.35 2.31 -13.85
CA PHE A 365 -46.01 3.37 -12.91
C PHE A 365 -45.09 2.85 -11.82
N TYR A 366 -45.41 1.68 -11.27
CA TYR A 366 -44.59 1.10 -10.20
C TYR A 366 -43.19 0.78 -10.68
N THR A 367 -43.06 0.19 -11.88
CA THR A 367 -41.73 -0.18 -12.35
C THR A 367 -40.89 1.04 -12.71
N ALA A 368 -41.51 2.07 -13.29
CA ALA A 368 -40.79 3.32 -13.51
C ALA A 368 -40.33 3.92 -12.20
N LEU A 369 -41.20 3.91 -11.18
CA LEU A 369 -40.84 4.45 -9.88
C LEU A 369 -39.67 3.70 -9.27
N LEU A 370 -39.70 2.37 -9.38
CA LEU A 370 -38.62 1.55 -8.82
C LEU A 370 -37.30 1.82 -9.51
N PHE A 371 -37.31 1.89 -10.85
CA PHE A 371 -36.09 2.16 -11.59
C PHE A 371 -35.54 3.54 -11.26
N ILE A 372 -36.41 4.53 -11.19
CA ILE A 372 -35.98 5.89 -10.87
C ILE A 372 -35.38 5.95 -9.47
N SER A 373 -36.02 5.30 -8.51
CA SER A 373 -35.52 5.31 -7.14
C SER A 373 -34.16 4.63 -7.06
N ALA A 374 -33.99 3.50 -7.75
CA ALA A 374 -32.70 2.82 -7.73
C ALA A 374 -31.60 3.69 -8.34
N CYS A 375 -31.90 4.36 -9.46
CA CYS A 375 -30.90 5.21 -10.09
C CYS A 375 -30.52 6.37 -9.19
N LEU A 376 -31.51 7.02 -8.57
CA LEU A 376 -31.21 8.12 -7.65
C LEU A 376 -30.39 7.63 -6.47
N GLN A 377 -30.73 6.46 -5.94
CA GLN A 377 -29.99 5.91 -4.80
C GLN A 377 -28.54 5.64 -5.17
N THR A 378 -28.29 5.08 -6.36
CA THR A 378 -26.92 4.78 -6.75
C THR A 378 -26.11 6.07 -6.92
N LEU A 379 -26.72 7.09 -7.55
CA LEU A 379 -26.01 8.35 -7.72
C LEU A 379 -25.69 8.98 -6.38
N VAL A 380 -26.66 9.00 -5.47
CA VAL A 380 -26.47 9.65 -4.18
C VAL A 380 -25.41 8.92 -3.36
N LEU A 381 -25.46 7.59 -3.36
CA LEU A 381 -24.47 6.82 -2.60
C LEU A 381 -23.07 7.04 -3.12
N HIS A 382 -22.90 7.09 -4.44
CA HIS A 382 -21.55 7.24 -4.95
C HIS A 382 -21.04 8.67 -4.77
N GLN A 383 -21.92 9.67 -4.79
CA GLN A 383 -21.51 11.00 -4.38
C GLN A 383 -21.06 11.02 -2.92
N TYR A 384 -21.79 10.32 -2.05
CA TYR A 384 -21.42 10.24 -0.64
C TYR A 384 -20.04 9.60 -0.48
N PHE A 385 -19.81 8.51 -1.21
CA PHE A 385 -18.51 7.83 -1.14
C PHE A 385 -17.40 8.74 -1.64
N HIS A 386 -17.65 9.49 -2.71
CA HIS A 386 -16.64 10.42 -3.20
C HIS A 386 -16.30 11.47 -2.15
N ILE A 387 -17.32 12.03 -1.50
CA ILE A 387 -17.07 13.06 -0.50
C ILE A 387 -16.26 12.49 0.66
N CYS A 388 -16.63 11.31 1.13
CA CYS A 388 -15.92 10.70 2.24
C CYS A 388 -14.46 10.42 1.88
N PHE A 389 -14.23 9.87 0.69
CA PHE A 389 -12.88 9.52 0.27
C PHE A 389 -12.02 10.77 0.07
N VAL A 390 -12.58 11.83 -0.51
CA VAL A 390 -11.82 13.05 -0.70
C VAL A 390 -11.49 13.69 0.65
N SER A 391 -12.43 13.65 1.59
CA SER A 391 -12.17 14.19 2.92
C SER A 391 -11.06 13.42 3.61
N GLY A 392 -11.06 12.09 3.47
CA GLY A 392 -9.97 11.30 4.02
C GLY A 392 -8.64 11.62 3.39
N MET A 393 -8.62 11.81 2.06
CA MET A 393 -7.40 12.20 1.38
C MET A 393 -6.86 13.52 1.93
N ARG A 394 -7.74 14.51 2.09
CA ARG A 394 -7.31 15.80 2.60
C ARG A 394 -6.81 15.69 4.04
N ILE A 395 -7.47 14.87 4.86
CA ILE A 395 -7.03 14.70 6.24
C ILE A 395 -5.65 14.07 6.28
N LYS A 396 -5.40 13.06 5.44
CA LYS A 396 -4.09 12.43 5.40
C LYS A 396 -3.02 13.43 4.99
N THR A 397 -3.31 14.22 3.95
CA THR A 397 -2.35 15.22 3.50
C THR A 397 -2.04 16.23 4.60
N ALA A 398 -3.08 16.72 5.26
CA ALA A 398 -2.89 17.72 6.31
C ALA A 398 -2.10 17.16 7.48
N VAL A 399 -2.41 15.94 7.90
CA VAL A 399 -1.70 15.36 9.04
C VAL A 399 -0.24 15.11 8.69
N ILE A 400 0.03 14.59 7.50
CA ILE A 400 1.41 14.34 7.10
C ILE A 400 2.20 15.65 7.08
N GLY A 401 1.60 16.70 6.51
CA GLY A 401 2.30 17.97 6.46
C GLY A 401 2.53 18.57 7.84
N ALA A 402 1.52 18.51 8.71
CA ALA A 402 1.67 19.08 10.04
C ALA A 402 2.73 18.33 10.84
N VAL A 403 2.74 17.00 10.73
CA VAL A 403 3.76 16.21 11.43
C VAL A 403 5.14 16.55 10.90
N TYR A 404 5.28 16.69 9.58
CA TYR A 404 6.58 17.03 9.01
C TYR A 404 7.05 18.39 9.51
N ARG A 405 6.15 19.38 9.53
CA ARG A 405 6.54 20.71 9.96
C ARG A 405 6.84 20.76 11.45
N LYS A 406 6.20 19.90 12.24
CA LYS A 406 6.49 19.86 13.67
C LYS A 406 7.81 19.15 13.95
N ALA A 407 8.15 18.12 13.17
CA ALA A 407 9.36 17.36 13.44
C ALA A 407 10.62 18.22 13.35
N LEU A 408 10.55 19.32 12.59
CA LEU A 408 11.69 20.21 12.45
C LEU A 408 11.79 21.26 13.55
N VAL A 409 10.83 21.29 14.47
CA VAL A 409 10.86 22.30 15.52
C VAL A 409 10.68 21.67 16.89
N ILE A 410 10.50 20.35 16.96
CA ILE A 410 10.40 19.69 18.26
C ILE A 410 11.74 19.80 18.99
N THR A 411 11.66 20.02 20.30
CA THR A 411 12.86 20.12 21.10
C THR A 411 13.55 18.77 21.22
N ASN A 412 14.79 18.78 21.71
CA ASN A 412 15.57 17.55 21.75
C ASN A 412 14.96 16.53 22.73
N ALA A 413 14.45 17.00 23.86
CA ALA A 413 13.82 16.09 24.82
C ALA A 413 12.61 15.42 24.21
N ALA A 414 11.80 16.17 23.46
CA ALA A 414 10.61 15.60 22.84
C ALA A 414 10.95 14.50 21.86
N ARG A 415 11.97 14.72 21.02
CA ARG A 415 12.34 13.70 20.05
C ARG A 415 13.02 12.52 20.72
N LYS A 416 13.84 12.78 21.74
CA LYS A 416 14.52 11.69 22.43
C LYS A 416 13.57 10.87 23.29
N SER A 417 12.38 11.40 23.59
CA SER A 417 11.39 10.61 24.31
C SER A 417 10.95 9.40 23.50
N SER A 418 10.77 9.57 22.20
CA SER A 418 10.33 8.50 21.32
C SER A 418 11.48 8.04 20.43
N THR A 419 11.18 7.12 19.51
CA THR A 419 12.13 6.63 18.53
C THR A 419 11.68 7.06 17.14
N VAL A 420 12.63 7.14 16.21
CA VAL A 420 12.32 7.64 14.87
C VAL A 420 11.36 6.70 14.17
N GLY A 421 11.47 5.40 14.44
CA GLY A 421 10.53 4.45 13.85
C GLY A 421 9.10 4.67 14.31
N GLU A 422 8.91 5.24 15.49
CA GLU A 422 7.59 5.56 15.99
C GLU A 422 7.11 6.94 15.56
N ILE A 423 8.02 7.88 15.33
CA ILE A 423 7.63 9.17 14.79
C ILE A 423 7.21 9.04 13.33
N VAL A 424 7.90 8.18 12.58
CA VAL A 424 7.52 7.95 11.19
C VAL A 424 6.16 7.26 11.10
N ASN A 425 5.83 6.44 12.09
CA ASN A 425 4.53 5.77 12.07
C ASN A 425 3.38 6.76 12.11
N LEU A 426 3.63 8.00 12.53
CA LEU A 426 2.60 9.02 12.49
C LEU A 426 2.14 9.28 11.06
N MET A 427 3.00 9.05 10.07
CA MET A 427 2.57 9.09 8.68
C MET A 427 2.29 7.69 8.14
N SER A 428 3.04 6.69 8.59
CA SER A 428 2.92 5.34 8.03
C SER A 428 1.57 4.73 8.33
N VAL A 429 1.14 4.74 9.59
CA VAL A 429 -0.10 4.12 10.02
C VAL A 429 -1.08 5.15 10.57
N ASP A 430 -0.56 6.15 11.30
CA ASP A 430 -1.43 7.02 12.08
C ASP A 430 -2.23 7.98 11.21
N ALA A 431 -1.80 8.21 9.96
CA ALA A 431 -2.53 9.05 9.03
C ALA A 431 -3.30 8.25 8.00
N GLN A 432 -2.96 6.99 7.79
CA GLN A 432 -3.79 6.11 6.98
C GLN A 432 -5.05 5.68 7.74
N ARG A 433 -4.98 5.58 9.06
CA ARG A 433 -6.17 5.26 9.84
C ARG A 433 -7.22 6.36 9.72
N PHE A 434 -6.79 7.61 9.79
CA PHE A 434 -7.69 8.72 9.52
C PHE A 434 -8.17 8.71 8.08
N MET A 435 -7.32 8.25 7.17
CA MET A 435 -7.69 8.14 5.77
C MET A 435 -8.86 7.17 5.58
N ASP A 436 -8.79 6.00 6.24
CA ASP A 436 -9.79 4.96 6.04
C ASP A 436 -11.02 5.11 6.93
N LEU A 437 -10.90 5.77 8.08
CA LEU A 437 -12.06 5.95 8.95
C LEU A 437 -13.09 6.92 8.37
N ALA A 438 -12.68 7.80 7.45
CA ALA A 438 -13.63 8.74 6.86
C ALA A 438 -14.75 8.03 6.13
N THR A 439 -14.49 6.83 5.62
CA THR A 439 -15.52 6.07 4.91
C THR A 439 -16.42 5.27 5.85
N TYR A 440 -16.03 5.09 7.11
CA TYR A 440 -16.77 4.27 8.05
C TYR A 440 -17.37 5.03 9.22
N ILE A 441 -17.03 6.31 9.38
CA ILE A 441 -17.51 7.07 10.54
C ILE A 441 -19.03 7.24 10.47
N ASN A 442 -19.56 7.52 9.28
CA ASN A 442 -20.99 7.73 9.12
C ASN A 442 -21.80 6.48 9.45
N MET A 443 -21.16 5.31 9.45
CA MET A 443 -21.87 4.08 9.73
C MET A 443 -22.45 4.07 11.13
N ILE A 444 -21.80 4.71 12.09
CA ILE A 444 -22.21 4.64 13.48
C ILE A 444 -23.62 5.19 13.68
N TRP A 445 -24.06 6.08 12.80
CA TRP A 445 -25.45 6.53 12.84
C TRP A 445 -26.29 5.96 11.71
N SER A 446 -25.70 5.63 10.56
CA SER A 446 -26.51 5.09 9.47
C SER A 446 -26.97 3.66 9.75
N ALA A 447 -26.05 2.80 10.19
CA ALA A 447 -26.37 1.39 10.39
C ALA A 447 -27.46 1.18 11.44
N PRO A 448 -27.43 1.83 12.62
CA PRO A 448 -28.59 1.72 13.51
C PRO A 448 -29.89 2.20 12.90
N LEU A 449 -29.85 3.27 12.09
CA LEU A 449 -31.06 3.74 11.42
C LEU A 449 -31.61 2.68 10.47
N GLN A 450 -30.72 2.07 9.67
CA GLN A 450 -31.16 1.01 8.76
C GLN A 450 -31.72 -0.17 9.55
N VAL A 451 -31.08 -0.52 10.66
CA VAL A 451 -31.52 -1.67 11.44
C VAL A 451 -32.91 -1.43 12.00
N ILE A 452 -33.14 -0.24 12.57
CA ILE A 452 -34.45 0.03 13.16
C ILE A 452 -35.53 0.13 12.08
N LEU A 453 -35.20 0.73 10.93
CA LEU A 453 -36.18 0.81 9.85
C LEU A 453 -36.53 -0.58 9.33
N ALA A 454 -35.53 -1.43 9.13
CA ALA A 454 -35.79 -2.78 8.65
C ALA A 454 -36.61 -3.56 9.67
N LEU A 455 -36.27 -3.44 10.95
CA LEU A 455 -37.05 -4.15 11.98
C LEU A 455 -38.49 -3.66 12.01
N TYR A 456 -38.70 -2.36 11.87
CA TYR A 456 -40.06 -1.83 11.88
C TYR A 456 -40.85 -2.35 10.68
N LEU A 457 -40.26 -2.32 9.50
CA LEU A 457 -40.97 -2.78 8.31
C LEU A 457 -41.24 -4.28 8.39
N LEU A 458 -40.29 -5.05 8.94
CA LEU A 458 -40.50 -6.47 9.14
C LEU A 458 -41.64 -6.74 10.11
N TRP A 459 -41.70 -5.98 11.20
CA TRP A 459 -42.80 -6.14 12.14
C TRP A 459 -44.14 -5.83 11.50
N LEU A 460 -44.18 -4.76 10.70
CA LEU A 460 -45.42 -4.44 10.00
C LEU A 460 -45.82 -5.53 9.03
N ASN A 461 -44.84 -6.11 8.32
CA ASN A 461 -45.14 -7.02 7.23
C ASN A 461 -45.44 -8.44 7.69
N LEU A 462 -44.83 -8.89 8.79
CA LEU A 462 -44.85 -10.32 9.10
C LEU A 462 -45.12 -10.62 10.56
N GLY A 463 -45.48 -9.64 11.37
CA GLY A 463 -45.81 -9.88 12.76
C GLY A 463 -44.58 -10.05 13.62
N PRO A 464 -44.78 -10.39 14.89
CA PRO A 464 -43.65 -10.49 15.83
C PRO A 464 -42.71 -11.64 15.53
N SER A 465 -43.09 -12.57 14.67
CA SER A 465 -42.24 -13.71 14.34
C SER A 465 -40.92 -13.29 13.70
N VAL A 466 -40.76 -12.01 13.37
CA VAL A 466 -39.52 -11.48 12.86
C VAL A 466 -38.39 -11.63 13.87
N LEU A 467 -38.73 -11.67 15.15
CA LEU A 467 -37.72 -11.86 16.19
C LEU A 467 -36.94 -13.14 15.97
N ALA A 468 -37.59 -14.17 15.41
CA ALA A 468 -36.92 -15.44 15.23
C ALA A 468 -35.79 -15.35 14.21
N GLY A 469 -35.85 -14.40 13.30
CA GLY A 469 -34.80 -14.22 12.32
C GLY A 469 -33.79 -13.19 12.74
N VAL A 470 -34.26 -12.12 13.39
CA VAL A 470 -33.33 -11.12 13.89
C VAL A 470 -32.45 -11.72 14.98
N ALA A 471 -32.99 -12.66 15.75
CA ALA A 471 -32.19 -13.36 16.75
C ALA A 471 -31.08 -14.18 16.11
N VAL A 472 -31.39 -14.88 15.03
CA VAL A 472 -30.36 -15.66 14.33
C VAL A 472 -29.29 -14.73 13.77
N MET A 473 -29.69 -13.61 13.17
CA MET A 473 -28.69 -12.69 12.64
C MET A 473 -27.83 -12.07 13.72
N VAL A 474 -28.40 -11.70 14.88
CA VAL A 474 -27.60 -11.07 15.92
C VAL A 474 -26.70 -12.11 16.59
N LEU A 475 -27.18 -13.34 16.70
CA LEU A 475 -26.36 -14.41 17.26
C LEU A 475 -25.29 -14.89 16.29
N MET A 476 -25.42 -14.57 14.99
CA MET A 476 -24.38 -14.96 14.05
C MET A 476 -23.10 -14.16 14.27
N VAL A 477 -23.22 -12.87 14.62
CA VAL A 477 -22.03 -12.00 14.66
C VAL A 477 -21.08 -12.35 15.80
N PRO A 478 -21.52 -12.75 17.00
CA PRO A 478 -20.51 -13.25 17.96
C PRO A 478 -19.81 -14.49 17.45
N LEU A 479 -20.51 -15.34 16.70
CA LEU A 479 -19.89 -16.55 16.18
C LEU A 479 -18.78 -16.21 15.20
N ASN A 480 -19.03 -15.29 14.27
CA ASN A 480 -18.00 -14.98 13.29
C ASN A 480 -16.88 -14.14 13.91
N ALA A 481 -17.18 -13.34 14.93
CA ALA A 481 -16.12 -12.65 15.64
C ALA A 481 -15.21 -13.64 16.37
N VAL A 482 -15.81 -14.61 17.07
CA VAL A 482 -15.05 -15.64 17.75
C VAL A 482 -14.20 -16.44 16.78
N MET A 483 -14.79 -16.79 15.63
CA MET A 483 -14.07 -17.55 14.63
C MET A 483 -12.95 -16.73 14.00
N ALA A 484 -13.17 -15.43 13.84
CA ALA A 484 -12.12 -14.56 13.31
C ALA A 484 -10.94 -14.50 14.27
N MET A 485 -11.21 -14.43 15.58
CA MET A 485 -10.13 -14.49 16.55
C MET A 485 -9.42 -15.84 16.50
N LYS A 486 -10.19 -16.92 16.39
CA LYS A 486 -9.61 -18.26 16.39
C LYS A 486 -8.84 -18.57 15.11
N THR A 487 -9.11 -17.83 14.03
CA THR A 487 -8.26 -17.95 12.85
C THR A 487 -7.12 -16.95 12.85
N LYS A 488 -7.27 -15.84 13.57
CA LYS A 488 -6.15 -14.92 13.76
C LYS A 488 -5.03 -15.58 14.54
N THR A 489 -5.38 -16.34 15.58
CA THR A 489 -4.34 -17.04 16.34
C THR A 489 -3.65 -18.10 15.47
N TYR A 490 -4.42 -18.80 14.64
CA TYR A 490 -3.81 -19.78 13.74
C TYR A 490 -2.93 -19.10 12.69
N GLN A 491 -3.36 -17.93 12.21
CA GLN A 491 -2.56 -17.18 11.24
C GLN A 491 -1.23 -16.77 11.83
N VAL A 492 -1.24 -16.21 13.04
CA VAL A 492 0.01 -15.76 13.64
C VAL A 492 0.90 -16.96 13.99
N ALA A 493 0.29 -18.07 14.44
CA ALA A 493 1.06 -19.26 14.72
C ALA A 493 1.68 -19.85 13.46
N HIS A 494 0.99 -19.76 12.32
CA HIS A 494 1.54 -20.28 11.08
C HIS A 494 2.62 -19.36 10.52
N MET A 495 2.44 -18.05 10.64
CA MET A 495 3.44 -17.12 10.12
C MET A 495 4.72 -17.18 10.96
N LYS A 496 4.59 -17.40 12.27
CA LYS A 496 5.77 -17.52 13.11
C LYS A 496 6.57 -18.76 12.76
N SER A 497 5.88 -19.86 12.42
CA SER A 497 6.57 -21.07 11.99
C SER A 497 7.11 -20.95 10.58
N LYS A 498 6.46 -20.15 9.72
CA LYS A 498 6.96 -19.93 8.38
C LYS A 498 8.21 -19.07 8.38
N ASP A 499 8.32 -18.14 9.34
CA ASP A 499 9.52 -17.31 9.40
C ASP A 499 10.77 -18.14 9.63
N ASN A 500 10.65 -19.27 10.33
CA ASN A 500 11.81 -20.15 10.50
C ASN A 500 12.29 -20.66 9.14
N ARG A 501 11.38 -21.13 8.31
CA ARG A 501 11.76 -21.56 6.96
C ARG A 501 12.31 -20.41 6.14
N ILE A 502 11.71 -19.22 6.27
CA ILE A 502 12.15 -18.09 5.47
C ILE A 502 13.58 -17.72 5.81
N LYS A 503 13.91 -17.68 7.10
CA LYS A 503 15.28 -17.40 7.50
C LYS A 503 16.23 -18.53 7.12
N LEU A 504 15.79 -19.78 7.24
CA LEU A 504 16.61 -20.89 6.78
C LEU A 504 16.91 -20.75 5.29
N MET A 505 15.93 -20.30 4.50
CA MET A 505 16.15 -20.05 3.09
C MET A 505 17.15 -18.93 2.86
N ASN A 506 16.92 -17.79 3.50
CA ASN A 506 17.81 -16.64 3.34
C ASN A 506 19.22 -16.97 3.75
N GLU A 507 19.40 -18.01 4.57
CA GLU A 507 20.72 -18.46 4.93
C GLU A 507 21.28 -19.52 3.98
N ILE A 508 20.45 -20.44 3.50
CA ILE A 508 20.95 -21.56 2.70
C ILE A 508 21.37 -21.07 1.32
N LEU A 509 20.54 -20.20 0.71
CA LEU A 509 20.91 -19.71 -0.63
C LEU A 509 22.17 -18.86 -0.58
N ASN A 510 22.39 -18.16 0.54
CA ASN A 510 23.65 -17.44 0.71
C ASN A 510 24.84 -18.37 0.74
N GLY A 511 24.65 -19.61 1.18
CA GLY A 511 25.72 -20.57 1.22
C GLY A 511 25.51 -21.72 0.26
N ILE A 512 25.02 -21.41 -0.94
CA ILE A 512 24.68 -22.47 -1.89
C ILE A 512 25.94 -23.18 -2.37
N LYS A 513 27.02 -22.44 -2.58
CA LYS A 513 28.21 -23.07 -3.16
C LYS A 513 28.80 -24.12 -2.24
N VAL A 514 28.92 -23.82 -0.95
CA VAL A 514 29.48 -24.80 -0.01
C VAL A 514 28.53 -25.98 0.14
N LEU A 515 27.22 -25.71 0.10
CA LEU A 515 26.23 -26.78 0.21
C LEU A 515 26.36 -27.75 -0.96
N LYS A 516 26.34 -27.23 -2.18
CA LYS A 516 26.58 -28.06 -3.36
C LYS A 516 27.90 -28.78 -3.26
N LEU A 517 28.90 -28.11 -2.67
CA LEU A 517 30.26 -28.62 -2.67
C LEU A 517 30.39 -29.80 -1.70
N TYR A 518 29.63 -29.78 -0.60
CA TYR A 518 29.61 -30.90 0.33
C TYR A 518 28.65 -32.00 -0.10
N ALA A 519 27.72 -31.69 -1.02
CA ALA A 519 26.66 -32.61 -1.47
C ALA A 519 25.62 -32.88 -0.37
N TRP A 520 25.21 -31.82 0.33
CA TRP A 520 24.29 -31.94 1.45
C TRP A 520 22.87 -31.49 1.12
N GLU A 521 22.53 -31.33 -0.16
CA GLU A 521 21.28 -30.66 -0.51
C GLU A 521 20.06 -31.46 -0.07
N LEU A 522 20.16 -32.79 -0.06
CA LEU A 522 19.02 -33.61 0.35
C LEU A 522 18.64 -33.37 1.81
N ALA A 523 19.62 -33.21 2.70
CA ALA A 523 19.32 -33.01 4.11
C ALA A 523 18.57 -31.70 4.33
N PHE A 524 19.03 -30.62 3.69
CA PHE A 524 18.32 -29.35 3.83
C PHE A 524 16.96 -29.39 3.15
N LYS A 525 16.84 -30.13 2.06
CA LYS A 525 15.53 -30.34 1.46
C LYS A 525 14.57 -30.99 2.45
N ASP A 526 15.05 -32.03 3.15
CA ASP A 526 14.21 -32.71 4.14
C ASP A 526 13.83 -31.79 5.29
N LYS A 527 14.78 -30.99 5.78
CA LYS A 527 14.49 -30.08 6.89
C LYS A 527 13.43 -29.05 6.49
N VAL A 528 13.59 -28.46 5.30
CA VAL A 528 12.60 -27.52 4.80
C VAL A 528 11.25 -28.20 4.64
N LEU A 529 11.24 -29.45 4.17
CA LEU A 529 9.98 -30.16 3.98
C LEU A 529 9.28 -30.39 5.31
N ALA A 530 10.03 -30.69 6.37
CA ALA A 530 9.41 -30.87 7.69
C ALA A 530 8.78 -29.57 8.17
N ILE A 531 9.50 -28.45 8.03
CA ILE A 531 8.92 -27.16 8.43
C ILE A 531 7.66 -26.87 7.61
N ARG A 532 7.71 -27.20 6.32
CA ARG A 532 6.53 -27.04 5.47
C ARG A 532 5.37 -27.89 5.95
N GLN A 533 5.67 -29.09 6.44
CA GLN A 533 4.62 -29.95 6.97
C GLN A 533 3.93 -29.31 8.16
N GLU A 534 4.71 -28.69 9.05
CA GLU A 534 4.08 -27.97 10.17
C GLU A 534 3.18 -26.84 9.67
N GLU A 535 3.68 -26.05 8.72
CA GLU A 535 2.85 -24.98 8.18
C GLU A 535 1.56 -25.54 7.58
N LEU A 536 1.66 -26.70 6.91
CA LEU A 536 0.50 -27.25 6.24
C LEU A 536 -0.53 -27.80 7.23
N LYS A 537 -0.08 -28.33 8.36
CA LYS A 537 -1.03 -28.71 9.41
C LYS A 537 -1.82 -27.49 9.90
N VAL A 538 -1.10 -26.39 10.17
CA VAL A 538 -1.81 -25.19 10.61
C VAL A 538 -2.78 -24.72 9.52
N LEU A 539 -2.36 -24.84 8.26
CA LEU A 539 -3.20 -24.42 7.14
C LEU A 539 -4.45 -25.29 7.05
N LYS A 540 -4.35 -26.58 7.33
CA LYS A 540 -5.53 -27.44 7.33
C LYS A 540 -6.52 -27.02 8.41
N LYS A 541 -6.03 -26.70 9.60
CA LYS A 541 -6.95 -26.24 10.64
C LYS A 541 -7.64 -24.93 10.23
N SER A 542 -6.87 -23.99 9.69
CA SER A 542 -7.48 -22.76 9.17
C SER A 542 -8.47 -23.05 8.06
N ALA A 543 -8.23 -24.11 7.28
CA ALA A 543 -9.15 -24.49 6.22
C ALA A 543 -10.49 -24.95 6.78
N TYR A 544 -10.46 -25.74 7.84
CA TYR A 544 -11.71 -26.12 8.52
C TYR A 544 -12.47 -24.88 8.99
N LEU A 545 -11.74 -23.95 9.63
CA LEU A 545 -12.40 -22.75 10.12
C LEU A 545 -13.02 -21.95 8.97
N ALA A 546 -12.29 -21.81 7.86
CA ALA A 546 -12.81 -21.06 6.73
C ALA A 546 -14.02 -21.75 6.11
N ALA A 547 -14.03 -23.08 6.11
CA ALA A 547 -15.19 -23.81 5.62
C ALA A 547 -16.43 -23.46 6.42
N VAL A 548 -16.32 -23.53 7.75
CA VAL A 548 -17.48 -23.20 8.58
C VAL A 548 -17.89 -21.74 8.38
N GLY A 549 -16.90 -20.86 8.22
CA GLY A 549 -17.21 -19.45 8.03
C GLY A 549 -17.99 -19.17 6.75
N THR A 550 -17.56 -19.77 5.64
CA THR A 550 -18.27 -19.51 4.40
C THR A 550 -19.63 -20.23 4.40
N PHE A 551 -19.74 -21.32 5.16
CA PHE A 551 -21.06 -21.92 5.34
C PHE A 551 -22.01 -20.92 5.99
N THR A 552 -21.56 -20.28 7.08
CA THR A 552 -22.40 -19.28 7.73
C THR A 552 -22.73 -18.15 6.76
N TRP A 553 -21.72 -17.63 6.06
CA TRP A 553 -21.96 -16.48 5.20
C TRP A 553 -22.93 -16.78 4.07
N VAL A 554 -22.87 -17.97 3.49
CA VAL A 554 -23.78 -18.29 2.40
C VAL A 554 -25.18 -18.68 2.89
N CYS A 555 -25.28 -19.43 3.99
CA CYS A 555 -26.56 -19.99 4.41
C CYS A 555 -27.25 -19.21 5.51
N THR A 556 -26.74 -18.06 5.93
CA THR A 556 -27.45 -17.26 6.92
C THR A 556 -28.82 -16.79 6.44
N PRO A 557 -28.98 -16.21 5.23
CA PRO A 557 -30.33 -15.75 4.84
C PRO A 557 -31.36 -16.87 4.82
N PHE A 558 -31.00 -18.06 4.35
CA PHE A 558 -31.94 -19.17 4.39
C PHE A 558 -32.34 -19.50 5.83
N LEU A 559 -31.37 -19.51 6.74
CA LEU A 559 -31.66 -19.83 8.13
C LEU A 559 -32.62 -18.83 8.73
N VAL A 560 -32.40 -17.55 8.43
CA VAL A 560 -33.28 -16.50 8.94
C VAL A 560 -34.69 -16.68 8.38
N ALA A 561 -34.78 -16.91 7.07
CA ALA A 561 -36.09 -17.09 6.46
C ALA A 561 -36.81 -18.29 7.05
N LEU A 562 -36.09 -19.39 7.25
CA LEU A 562 -36.72 -20.59 7.79
C LEU A 562 -37.21 -20.36 9.21
N SER A 563 -36.40 -19.72 10.05
CA SER A 563 -36.85 -19.47 11.42
C SER A 563 -38.08 -18.59 11.43
N THR A 564 -38.06 -17.49 10.67
CA THR A 564 -39.19 -16.57 10.67
C THR A 564 -40.45 -17.24 10.15
N PHE A 565 -40.35 -17.92 9.01
CA PHE A 565 -41.52 -18.56 8.42
C PHE A 565 -42.03 -19.69 9.31
N ALA A 566 -41.14 -20.44 9.93
CA ALA A 566 -41.56 -21.52 10.80
C ALA A 566 -42.38 -20.99 11.96
N VAL A 567 -41.86 -19.98 12.66
CA VAL A 567 -42.61 -19.44 13.79
C VAL A 567 -43.94 -18.85 13.31
N TYR A 568 -43.89 -18.09 12.21
CA TYR A 568 -45.10 -17.40 11.75
C TYR A 568 -46.19 -18.38 11.37
N VAL A 569 -45.84 -19.44 10.64
CA VAL A 569 -46.88 -20.36 10.17
C VAL A 569 -47.28 -21.37 11.23
N THR A 570 -46.41 -21.71 12.18
CA THR A 570 -46.77 -22.67 13.21
C THR A 570 -47.47 -22.05 14.40
N VAL A 571 -47.27 -20.77 14.66
CA VAL A 571 -47.92 -20.14 15.81
C VAL A 571 -49.43 -20.10 15.63
N ASP A 572 -49.89 -19.67 14.46
CA ASP A 572 -51.31 -19.55 14.19
C ASP A 572 -51.65 -20.20 12.86
N GLU A 573 -52.81 -20.87 12.82
CA GLU A 573 -53.29 -21.45 11.58
C GLU A 573 -53.63 -20.36 10.57
N ASN A 574 -54.25 -19.27 11.02
CA ASN A 574 -54.68 -18.21 10.13
C ASN A 574 -53.53 -17.38 9.57
N ASN A 575 -52.30 -17.64 10.01
CA ASN A 575 -51.15 -16.97 9.43
C ASN A 575 -50.90 -17.53 8.04
N ILE A 576 -51.13 -16.71 7.02
CA ILE A 576 -51.09 -17.16 5.63
C ILE A 576 -49.85 -16.58 4.96
N LEU A 577 -49.00 -17.44 4.43
CA LEU A 577 -47.83 -16.99 3.70
C LEU A 577 -48.23 -16.57 2.29
N ASP A 578 -48.11 -15.28 2.02
CA ASP A 578 -48.42 -14.71 0.72
C ASP A 578 -47.14 -14.16 0.13
N ALA A 579 -47.21 -13.80 -1.14
CA ALA A 579 -46.01 -13.34 -1.84
C ALA A 579 -45.48 -12.04 -1.23
N GLN A 580 -46.35 -11.17 -0.77
CA GLN A 580 -45.93 -9.91 -0.17
C GLN A 580 -45.43 -10.07 1.26
N LYS A 581 -45.63 -11.24 1.87
CA LYS A 581 -45.07 -11.50 3.20
C LYS A 581 -43.70 -12.14 3.12
N ALA A 582 -43.46 -12.97 2.11
CA ALA A 582 -42.20 -13.69 2.01
C ALA A 582 -41.16 -12.89 1.24
N PHE A 583 -41.51 -12.42 0.04
CA PHE A 583 -40.53 -11.81 -0.84
C PHE A 583 -40.26 -10.35 -0.52
N VAL A 584 -41.12 -9.71 0.26
CA VAL A 584 -40.81 -8.40 0.83
C VAL A 584 -39.94 -8.53 2.07
N SER A 585 -40.16 -9.55 2.89
CA SER A 585 -39.33 -9.81 4.06
C SER A 585 -37.89 -10.14 3.68
N LEU A 586 -37.70 -10.94 2.64
CA LEU A 586 -36.34 -11.32 2.23
C LEU A 586 -35.57 -10.11 1.71
N ALA A 587 -36.20 -9.30 0.86
CA ALA A 587 -35.55 -8.10 0.35
C ALA A 587 -35.16 -7.15 1.48
N LEU A 588 -35.88 -7.20 2.60
CA LEU A 588 -35.54 -6.38 3.76
C LEU A 588 -34.52 -7.06 4.67
N PHE A 589 -34.55 -8.39 4.74
CA PHE A 589 -33.51 -9.09 5.48
C PHE A 589 -32.14 -8.85 4.86
N ASN A 590 -32.06 -8.81 3.53
CA ASN A 590 -30.79 -8.55 2.87
C ASN A 590 -30.24 -7.18 3.24
N ILE A 591 -31.09 -6.15 3.26
CA ILE A 591 -30.62 -4.81 3.58
C ILE A 591 -30.50 -4.56 5.06
N LEU A 592 -31.00 -5.46 5.90
CA LEU A 592 -30.65 -5.44 7.32
C LEU A 592 -29.34 -6.18 7.59
N ARG A 593 -28.96 -7.10 6.70
CA ARG A 593 -27.75 -7.89 6.89
C ARG A 593 -26.50 -7.02 6.98
N PHE A 594 -26.35 -6.09 6.04
CA PHE A 594 -25.09 -5.34 5.92
C PHE A 594 -24.81 -4.44 7.13
N PRO A 595 -25.75 -3.62 7.61
CA PRO A 595 -25.46 -2.78 8.78
C PRO A 595 -25.11 -3.57 10.02
N LEU A 596 -25.57 -4.81 10.15
CA LEU A 596 -25.21 -5.64 11.29
C LEU A 596 -23.84 -6.27 11.11
N ASN A 597 -23.55 -6.80 9.92
CA ASN A 597 -22.28 -7.47 9.69
C ASN A 597 -21.10 -6.51 9.69
N ILE A 598 -21.29 -5.24 9.32
CA ILE A 598 -20.15 -4.33 9.28
C ILE A 598 -20.04 -3.44 10.51
N LEU A 599 -21.01 -3.46 11.41
CA LEU A 599 -20.95 -2.58 12.58
C LEU A 599 -19.77 -2.88 13.50
N PRO A 600 -19.46 -4.13 13.86
CA PRO A 600 -18.27 -4.37 14.70
C PRO A 600 -16.98 -3.89 14.07
N MET A 601 -16.83 -4.05 12.75
CA MET A 601 -15.63 -3.53 12.09
C MET A 601 -15.55 -2.02 12.22
N VAL A 602 -16.68 -1.33 12.08
CA VAL A 602 -16.71 0.12 12.20
C VAL A 602 -16.30 0.55 13.60
N ILE A 603 -16.84 -0.10 14.62
CA ILE A 603 -16.52 0.33 15.98
C ILE A 603 -15.06 0.04 16.32
N SER A 604 -14.53 -1.11 15.85
CA SER A 604 -13.12 -1.39 16.06
C SER A 604 -12.25 -0.34 15.37
N SER A 605 -12.62 0.04 14.15
CA SER A 605 -11.88 1.08 13.45
C SER A 605 -11.92 2.39 14.21
N ILE A 606 -13.06 2.70 14.82
CA ILE A 606 -13.16 3.94 15.59
C ILE A 606 -12.21 3.91 16.79
N VAL A 607 -12.15 2.79 17.51
CA VAL A 607 -11.26 2.74 18.67
C VAL A 607 -9.80 2.83 18.26
N GLN A 608 -9.44 2.17 17.16
CA GLN A 608 -8.07 2.30 16.64
C GLN A 608 -7.76 3.74 16.27
N ALA A 609 -8.71 4.42 15.63
CA ALA A 609 -8.49 5.82 15.29
C ALA A 609 -8.43 6.69 16.53
N SER A 610 -9.10 6.29 17.62
CA SER A 610 -8.99 7.03 18.86
C SER A 610 -7.57 6.98 19.41
N VAL A 611 -6.98 5.78 19.42
CA VAL A 611 -5.60 5.68 19.89
C VAL A 611 -4.67 6.44 18.95
N SER A 612 -4.97 6.41 17.64
CA SER A 612 -4.20 7.15 16.67
C SER A 612 -4.24 8.66 16.94
N LEU A 613 -5.43 9.18 17.21
CA LEU A 613 -5.58 10.60 17.45
C LEU A 613 -4.89 11.02 18.73
N LYS A 614 -4.91 10.15 19.75
CA LYS A 614 -4.15 10.47 20.96
C LYS A 614 -2.65 10.54 20.66
N ARG A 615 -2.15 9.60 19.85
CA ARG A 615 -0.73 9.64 19.48
C ARG A 615 -0.38 10.94 18.76
N LEU A 616 -1.16 11.29 17.75
CA LEU A 616 -0.88 12.51 16.98
C LEU A 616 -1.01 13.75 17.85
N ARG A 617 -1.99 13.79 18.74
CA ARG A 617 -2.15 14.93 19.63
C ARG A 617 -0.95 15.07 20.56
N VAL A 618 -0.47 13.96 21.10
CA VAL A 618 0.69 14.01 21.97
C VAL A 618 1.91 14.52 21.22
N PHE A 619 2.10 14.05 19.98
CA PHE A 619 3.27 14.51 19.23
C PHE A 619 3.17 15.99 18.86
N LEU A 620 1.99 16.42 18.41
CA LEU A 620 1.80 17.79 17.95
C LEU A 620 1.73 18.80 19.08
N SER A 621 1.61 18.37 20.32
CA SER A 621 1.63 19.26 21.47
C SER A 621 3.02 19.41 22.08
N HIS A 622 4.04 18.84 21.45
CA HIS A 622 5.38 18.89 22.02
C HIS A 622 5.90 20.32 22.10
N GLU A 623 6.74 20.57 23.10
CA GLU A 623 7.40 21.85 23.22
C GLU A 623 8.38 22.03 22.08
N ASP A 624 8.38 23.21 21.48
CA ASP A 624 9.22 23.50 20.34
C ASP A 624 10.35 24.44 20.73
N LEU A 625 11.42 24.43 19.92
CA LEU A 625 12.59 25.24 20.22
C LEU A 625 12.22 26.72 20.23
N ASP A 626 12.82 27.46 21.15
CA ASP A 626 12.56 28.89 21.23
C ASP A 626 13.44 29.60 20.21
N PRO A 627 12.87 30.13 19.13
CA PRO A 627 13.71 30.68 18.06
C PRO A 627 14.58 31.85 18.48
N ASP A 628 14.13 32.69 19.40
CA ASP A 628 14.85 33.89 19.76
C ASP A 628 15.85 33.69 20.90
N SER A 629 16.03 32.45 21.35
CA SER A 629 17.07 32.18 22.36
C SER A 629 18.45 32.42 21.78
N ILE A 630 18.63 32.14 20.49
CA ILE A 630 19.87 32.38 19.78
C ILE A 630 19.68 33.65 18.96
N GLN A 631 20.45 34.70 19.26
CA GLN A 631 20.29 35.97 18.57
C GLN A 631 21.07 35.92 17.27
N ARG A 632 20.35 35.77 16.16
CA ARG A 632 20.95 35.84 14.84
C ARG A 632 20.98 37.27 14.35
N ARG A 633 22.09 37.65 13.71
CA ARG A 633 22.24 39.00 13.19
C ARG A 633 22.96 38.92 11.85
N PRO A 634 22.70 39.86 10.95
CA PRO A 634 23.36 39.83 9.63
C PRO A 634 24.84 40.13 9.74
N ILE A 635 25.60 39.63 8.77
CA ILE A 635 27.05 39.81 8.77
C ILE A 635 27.40 41.27 8.55
N LYS A 636 26.50 42.04 7.93
CA LYS A 636 26.80 43.44 7.66
C LYS A 636 26.88 44.27 8.94
N ASP A 637 26.29 43.78 10.03
CA ASP A 637 26.33 44.51 11.30
C ASP A 637 27.77 44.63 11.78
N ALA A 638 28.16 45.84 12.19
CA ALA A 638 29.48 46.13 12.70
C ALA A 638 29.49 46.37 14.20
N GLY A 639 28.66 45.62 14.95
CA GLY A 639 28.64 45.79 16.40
C GLY A 639 29.97 45.49 17.03
N ALA A 640 30.61 44.41 16.62
CA ALA A 640 31.95 44.06 17.11
C ALA A 640 32.59 43.11 16.12
N THR A 641 33.92 42.98 16.25
CA THR A 641 34.72 42.18 15.33
C THR A 641 34.73 40.70 15.65
N ASN A 642 33.78 40.21 16.44
CA ASN A 642 33.71 38.80 16.80
C ASN A 642 32.39 38.21 16.33
N SER A 643 32.47 37.13 15.58
CA SER A 643 31.27 36.51 15.01
C SER A 643 30.50 35.69 16.03
N ILE A 644 31.15 35.23 17.10
CA ILE A 644 30.51 34.41 18.13
C ILE A 644 30.81 35.04 19.48
N THR A 645 29.76 35.34 20.25
CA THR A 645 29.90 35.90 21.57
C THR A 645 29.00 35.16 22.54
N VAL A 646 29.44 35.06 23.79
CA VAL A 646 28.75 34.31 24.82
C VAL A 646 28.99 34.99 26.17
N LYS A 647 27.93 35.15 26.95
CA LYS A 647 28.03 35.79 28.28
C LYS A 647 27.21 34.99 29.28
N ASN A 648 27.89 34.32 30.21
CA ASN A 648 27.27 33.59 31.31
C ASN A 648 26.17 32.66 30.82
N ALA A 649 26.44 31.96 29.73
CA ALA A 649 25.46 31.07 29.13
C ALA A 649 25.54 29.70 29.75
N THR A 650 24.40 29.17 30.16
CA THR A 650 24.28 27.79 30.61
C THR A 650 23.13 27.14 29.86
N PHE A 651 23.30 25.88 29.49
CA PHE A 651 22.29 25.17 28.74
C PHE A 651 22.11 23.77 29.31
N THR A 652 20.99 23.15 28.95
CA THR A 652 20.71 21.77 29.30
C THR A 652 19.78 21.20 28.25
N TRP A 653 19.82 19.87 28.10
CA TRP A 653 19.00 19.20 27.11
C TRP A 653 17.56 19.02 27.55
N ALA A 654 17.24 19.28 28.80
CA ALA A 654 15.87 19.23 29.29
C ALA A 654 15.77 20.10 30.53
N ARG A 655 14.57 20.59 30.82
CA ARG A 655 14.39 21.47 31.97
C ARG A 655 14.74 20.77 33.27
N ASN A 656 14.31 19.51 33.43
CA ASN A 656 14.54 18.81 34.68
C ASN A 656 15.99 18.34 34.80
N ASP A 657 16.62 18.04 33.67
CA ASP A 657 17.98 17.52 33.70
C ASP A 657 18.94 18.60 34.18
N PRO A 658 20.04 18.21 34.84
CA PRO A 658 21.02 19.20 35.30
C PRO A 658 21.68 19.87 34.12
N PRO A 659 22.08 21.13 34.25
CA PRO A 659 22.77 21.81 33.15
C PRO A 659 24.10 21.15 32.83
N THR A 660 24.46 21.16 31.54
CA THR A 660 25.69 20.54 31.07
C THR A 660 26.83 21.55 31.01
N LEU A 661 26.65 22.62 30.24
CA LEU A 661 27.62 23.70 30.17
C LEU A 661 27.27 24.75 31.23
N HIS A 662 28.24 25.10 32.06
CA HIS A 662 27.99 25.91 33.24
C HIS A 662 28.71 27.24 33.11
N GLY A 663 27.96 28.30 32.82
CA GLY A 663 28.50 29.65 32.88
C GLY A 663 29.64 29.92 31.93
N ILE A 664 29.54 29.47 30.69
CA ILE A 664 30.57 29.74 29.69
C ILE A 664 30.47 31.21 29.29
N THR A 665 31.61 31.84 29.05
CA THR A 665 31.67 33.24 28.65
C THR A 665 32.91 33.44 27.79
N PHE A 666 32.72 33.51 26.47
CA PHE A 666 33.85 33.61 25.55
C PHE A 666 33.39 34.29 24.28
N SER A 667 34.38 34.75 23.50
CA SER A 667 34.11 35.46 22.26
C SER A 667 35.09 34.98 21.20
N VAL A 668 34.59 34.81 19.99
CA VAL A 668 35.39 34.32 18.87
C VAL A 668 35.55 35.43 17.83
N PRO A 669 36.72 36.04 17.71
CA PRO A 669 36.89 37.14 16.75
C PRO A 669 36.62 36.69 15.32
N GLU A 670 36.16 37.63 14.50
CA GLU A 670 35.79 37.31 13.12
C GLU A 670 36.99 36.77 12.36
N GLY A 671 36.77 35.66 11.66
CA GLY A 671 37.80 35.04 10.86
C GLY A 671 38.80 34.21 11.62
N SER A 672 38.67 34.12 12.95
CA SER A 672 39.63 33.38 13.74
C SER A 672 39.41 31.87 13.59
N LEU A 673 40.48 31.12 13.83
CA LEU A 673 40.44 29.66 13.85
C LEU A 673 40.61 29.25 15.31
N VAL A 674 39.49 29.03 15.99
CA VAL A 674 39.46 28.78 17.42
C VAL A 674 39.31 27.27 17.65
N ALA A 675 39.97 26.78 18.69
CA ALA A 675 39.95 25.37 19.03
C ALA A 675 39.34 25.15 20.41
N VAL A 676 38.61 24.05 20.55
CA VAL A 676 38.12 23.58 21.84
C VAL A 676 38.52 22.12 21.99
N VAL A 677 39.49 21.86 22.85
CA VAL A 677 40.01 20.52 23.11
C VAL A 677 40.01 20.28 24.61
N GLY A 678 39.59 19.08 24.99
CA GLY A 678 39.54 18.73 26.40
C GLY A 678 39.26 17.26 26.57
N GLN A 679 39.05 16.86 27.83
CA GLN A 679 38.75 15.46 28.12
C GLN A 679 37.43 15.05 27.45
N VAL A 680 37.36 13.79 27.02
CA VAL A 680 36.16 13.32 26.37
C VAL A 680 35.01 13.33 27.37
N GLY A 681 33.81 13.63 26.86
CA GLY A 681 32.63 13.66 27.70
C GLY A 681 32.54 14.82 28.65
N CYS A 682 33.42 15.81 28.53
CA CYS A 682 33.44 16.93 29.46
C CYS A 682 32.57 18.11 29.01
N GLY A 683 31.96 18.01 27.83
CA GLY A 683 31.06 19.06 27.35
C GLY A 683 31.55 19.84 26.15
N LYS A 684 32.71 19.48 25.58
CA LYS A 684 33.20 20.20 24.41
C LYS A 684 32.36 19.88 23.18
N SER A 685 31.81 18.66 23.11
CA SER A 685 31.05 18.25 21.94
C SER A 685 29.64 18.80 21.92
N SER A 686 29.19 19.45 22.99
CA SER A 686 27.86 20.02 23.05
C SER A 686 27.83 21.53 22.83
N LEU A 687 28.99 22.18 22.83
CA LEU A 687 29.01 23.63 22.69
C LEU A 687 28.53 24.07 21.31
N LEU A 688 28.90 23.32 20.27
CA LEU A 688 28.43 23.63 18.93
C LEU A 688 26.92 23.48 18.83
N SER A 689 26.39 22.40 19.40
CA SER A 689 24.94 22.19 19.39
C SER A 689 24.23 23.28 20.17
N ALA A 690 24.82 23.72 21.27
CA ALA A 690 24.25 24.83 22.03
C ALA A 690 24.21 26.09 21.20
N LEU A 691 25.29 26.37 20.47
CA LEU A 691 25.34 27.55 19.62
C LEU A 691 24.42 27.44 18.41
N LEU A 692 23.98 26.23 18.07
CA LEU A 692 23.02 26.02 17.00
C LEU A 692 21.57 26.09 17.48
N ALA A 693 21.33 26.45 18.75
CA ALA A 693 20.02 26.58 19.41
C ALA A 693 19.38 25.24 19.76
N GLU A 694 20.11 24.13 19.62
CA GLU A 694 19.53 22.82 19.92
C GLU A 694 19.18 22.68 21.40
N MET A 695 20.06 23.19 22.27
CA MET A 695 19.93 22.98 23.70
C MET A 695 19.22 24.18 24.33
N ASP A 696 18.36 23.90 25.31
CA ASP A 696 17.58 24.95 25.95
C ASP A 696 18.52 25.87 26.72
N LYS A 697 18.38 27.18 26.49
CA LYS A 697 19.22 28.18 27.13
C LYS A 697 18.54 28.60 28.44
N VAL A 698 19.02 28.05 29.56
CA VAL A 698 18.44 28.41 30.85
C VAL A 698 18.68 29.88 31.15
N GLU A 699 19.90 30.35 30.92
CA GLU A 699 20.27 31.73 31.22
C GLU A 699 21.48 32.10 30.38
N GLY A 700 21.54 33.37 29.99
CA GLY A 700 22.71 33.89 29.32
C GLY A 700 22.34 34.79 28.17
N HIS A 701 23.34 35.14 27.38
CA HIS A 701 23.17 36.04 26.24
C HIS A 701 24.27 35.75 25.24
N VAL A 702 23.92 35.13 24.11
CA VAL A 702 24.88 34.77 23.08
C VAL A 702 24.35 35.25 21.73
N THR A 703 25.28 35.56 20.81
CA THR A 703 24.94 36.07 19.50
C THR A 703 25.94 35.58 18.47
N VAL A 704 25.43 35.15 17.31
CA VAL A 704 26.25 34.69 16.19
C VAL A 704 25.84 35.45 14.94
N LYS A 705 26.84 35.85 14.16
CA LYS A 705 26.62 36.66 12.97
C LYS A 705 26.83 35.82 11.71
N GLY A 706 26.12 36.19 10.66
CA GLY A 706 26.31 35.56 9.37
C GLY A 706 25.68 34.18 9.26
N SER A 707 25.95 33.55 8.13
CA SER A 707 25.45 32.21 7.87
C SER A 707 26.26 31.18 8.65
N VAL A 708 25.62 30.06 8.94
CA VAL A 708 26.20 29.02 9.77
C VAL A 708 26.33 27.74 8.94
N ALA A 709 27.53 27.17 8.95
CA ALA A 709 27.79 25.87 8.35
C ALA A 709 28.17 24.89 9.44
N TYR A 710 27.58 23.70 9.40
CA TYR A 710 27.72 22.75 10.50
C TYR A 710 27.96 21.36 9.95
N VAL A 711 28.96 20.67 10.49
CA VAL A 711 29.22 19.27 10.17
C VAL A 711 29.23 18.46 11.46
N PRO A 712 28.23 17.62 11.70
CA PRO A 712 28.16 16.88 12.96
C PRO A 712 29.16 15.74 12.99
N GLN A 713 29.38 15.20 14.20
CA GLN A 713 30.27 14.06 14.34
C GLN A 713 29.69 12.84 13.64
N GLN A 714 28.43 12.52 13.91
CA GLN A 714 27.74 11.47 13.18
C GLN A 714 27.24 12.06 11.87
N ALA A 715 27.81 11.58 10.77
CA ALA A 715 27.54 12.19 9.47
C ALA A 715 26.11 11.93 9.02
N TRP A 716 25.54 12.91 8.33
CA TRP A 716 24.20 12.81 7.75
C TRP A 716 24.35 12.75 6.24
N ILE A 717 23.81 11.69 5.63
CA ILE A 717 23.94 11.46 4.20
C ILE A 717 22.57 11.14 3.62
N GLN A 718 22.23 11.83 2.54
CA GLN A 718 20.94 11.60 1.89
C GLN A 718 21.05 10.45 0.89
N ASN A 719 19.89 9.93 0.50
CA ASN A 719 19.82 8.86 -0.47
C ASN A 719 19.77 9.39 -1.90
N ILE A 720 20.73 10.26 -2.23
CA ILE A 720 20.85 10.84 -3.56
C ILE A 720 22.32 10.78 -3.97
N SER A 721 22.62 11.34 -5.14
CA SER A 721 23.97 11.26 -5.67
C SER A 721 24.95 12.02 -4.79
N LEU A 722 26.19 11.56 -4.78
CA LEU A 722 27.24 12.22 -4.01
C LEU A 722 27.36 13.68 -4.40
N ARG A 723 27.24 13.98 -5.69
CA ARG A 723 27.35 15.36 -6.14
C ARG A 723 26.21 16.21 -5.60
N GLU A 724 24.97 15.74 -5.79
CA GLU A 724 23.81 16.50 -5.30
C GLU A 724 23.87 16.66 -3.79
N ASN A 725 24.39 15.65 -3.09
CA ASN A 725 24.62 15.79 -1.66
C ASN A 725 25.65 16.85 -1.35
N ILE A 726 26.66 17.01 -2.21
CA ILE A 726 27.69 18.02 -1.97
C ILE A 726 27.12 19.42 -2.18
N LEU A 727 26.36 19.63 -3.26
CA LEU A 727 25.81 20.97 -3.46
C LEU A 727 24.71 21.30 -2.48
N PHE A 728 23.94 20.31 -2.04
CA PHE A 728 22.87 20.53 -1.07
C PHE A 728 21.85 21.54 -1.57
N GLY A 729 21.59 21.50 -2.88
CA GLY A 729 20.58 22.34 -3.48
C GLY A 729 21.06 23.73 -3.85
N ARG A 730 22.12 23.81 -4.63
CA ARG A 730 22.66 25.09 -5.08
C ARG A 730 23.10 24.95 -6.53
N GLN A 731 23.47 26.07 -7.14
CA GLN A 731 23.91 26.09 -8.52
C GLN A 731 25.29 25.47 -8.64
N LEU A 732 25.50 24.69 -9.69
CA LEU A 732 26.76 23.98 -9.88
C LEU A 732 27.77 24.90 -10.56
N GLN A 733 28.60 25.56 -9.76
CA GLN A 733 29.76 26.26 -10.26
C GLN A 733 30.87 25.23 -10.44
N GLU A 734 31.17 24.90 -11.71
CA GLU A 734 32.06 23.78 -12.00
C GLU A 734 33.45 24.01 -11.41
N ARG A 735 33.98 25.23 -11.55
CA ARG A 735 35.32 25.52 -11.06
C ARG A 735 35.38 25.36 -9.54
N TYR A 736 34.45 25.99 -8.82
CA TYR A 736 34.48 25.93 -7.37
C TYR A 736 34.21 24.53 -6.86
N TYR A 737 33.30 23.80 -7.51
CA TYR A 737 33.03 22.43 -7.12
C TYR A 737 34.27 21.56 -7.30
N LYS A 738 34.95 21.71 -8.44
CA LYS A 738 36.19 20.97 -8.63
C LYS A 738 37.21 21.34 -7.57
N ALA A 739 37.30 22.63 -7.24
CA ALA A 739 38.28 23.08 -6.25
C ALA A 739 38.00 22.46 -4.89
N VAL A 740 36.73 22.45 -4.46
CA VAL A 740 36.43 21.92 -3.14
C VAL A 740 36.62 20.41 -3.10
N VAL A 741 36.24 19.71 -4.18
CA VAL A 741 36.39 18.26 -4.19
C VAL A 741 37.86 17.86 -4.20
N GLU A 742 38.70 18.56 -4.97
CA GLU A 742 40.11 18.22 -4.97
C GLU A 742 40.79 18.63 -3.67
N ALA A 743 40.34 19.74 -3.06
CA ALA A 743 40.91 20.18 -1.80
C ALA A 743 40.50 19.27 -0.64
N CYS A 744 39.30 18.73 -0.69
CA CYS A 744 38.81 17.85 0.37
C CYS A 744 39.27 16.42 0.21
N ALA A 745 40.09 16.13 -0.80
CA ALA A 745 40.66 14.80 -1.02
C ALA A 745 39.60 13.76 -1.33
N LEU A 746 38.57 14.16 -2.09
CA LEU A 746 37.56 13.21 -2.56
C LEU A 746 37.90 12.61 -3.92
N LEU A 747 38.80 13.21 -4.67
CA LEU A 747 39.12 12.71 -6.02
C LEU A 747 39.60 11.27 -6.04
N PRO A 748 40.48 10.79 -5.15
CA PRO A 748 40.80 9.35 -5.18
C PRO A 748 39.60 8.48 -4.88
N ASP A 749 38.68 8.96 -4.04
CA ASP A 749 37.54 8.15 -3.61
C ASP A 749 36.56 7.94 -4.76
N LEU A 750 36.33 8.97 -5.58
CA LEU A 750 35.37 8.83 -6.66
C LEU A 750 35.87 7.90 -7.75
N GLU A 751 37.18 7.61 -7.77
CA GLU A 751 37.72 6.69 -8.76
C GLU A 751 37.31 5.25 -8.48
N ILE A 752 37.23 4.88 -7.20
CA ILE A 752 36.89 3.50 -6.85
C ILE A 752 35.45 3.19 -7.25
N LEU A 753 34.52 4.06 -6.87
CA LEU A 753 33.11 3.83 -7.20
C LEU A 753 32.84 4.15 -8.68
N PRO A 754 31.88 3.46 -9.30
CA PRO A 754 31.80 3.44 -10.77
C PRO A 754 31.63 4.79 -11.45
N SER A 755 30.57 5.51 -11.12
CA SER A 755 30.18 6.68 -11.91
C SER A 755 30.87 7.97 -11.45
N GLY A 756 31.73 7.91 -10.44
CA GLY A 756 32.38 9.12 -9.97
C GLY A 756 31.44 9.95 -9.10
N ASP A 757 31.52 11.27 -9.28
CA ASP A 757 30.66 12.16 -8.49
C ASP A 757 29.19 11.91 -8.79
N ARG A 758 28.87 11.44 -9.98
CA ARG A 758 27.50 11.11 -10.34
C ARG A 758 26.98 9.87 -9.64
N THR A 759 27.84 9.10 -8.98
CA THR A 759 27.44 7.83 -8.40
C THR A 759 26.47 8.02 -7.25
N GLU A 760 25.25 7.52 -7.42
CA GLU A 760 24.24 7.64 -6.37
C GLU A 760 24.64 6.81 -5.16
N ILE A 761 24.45 7.39 -3.98
CA ILE A 761 24.74 6.71 -2.73
C ILE A 761 23.78 5.55 -2.49
N GLY A 762 22.72 5.45 -3.27
CA GLY A 762 21.82 4.33 -3.18
C GLY A 762 20.97 4.37 -1.92
N GLU A 763 20.44 3.20 -1.57
CA GLU A 763 19.60 3.11 -0.38
C GLU A 763 20.51 3.06 0.85
N LYS A 764 20.61 4.21 1.53
CA LYS A 764 21.31 4.34 2.80
C LYS A 764 22.75 3.81 2.72
N GLY A 765 23.56 4.49 1.90
CA GLY A 765 24.98 4.21 1.90
C GLY A 765 25.38 2.86 1.34
N VAL A 766 25.25 2.67 0.02
CA VAL A 766 25.54 1.38 -0.60
C VAL A 766 26.95 0.92 -0.25
N ASN A 767 27.92 1.82 -0.36
CA ASN A 767 29.32 1.47 -0.10
C ASN A 767 30.10 2.53 0.66
N LEU A 768 29.46 3.60 1.11
CA LEU A 768 30.18 4.69 1.75
C LEU A 768 30.63 4.27 3.15
N SER A 769 31.90 4.52 3.45
CA SER A 769 32.47 4.20 4.75
C SER A 769 32.47 5.44 5.64
N GLY A 770 33.01 5.30 6.84
CA GLY A 770 33.00 6.40 7.79
C GLY A 770 33.81 7.59 7.30
N GLY A 771 35.03 7.32 6.83
CA GLY A 771 35.85 8.39 6.31
C GLY A 771 35.24 9.05 5.09
N GLN A 772 34.68 8.26 4.20
CA GLN A 772 33.98 8.81 3.05
C GLN A 772 32.81 9.68 3.48
N LYS A 773 32.06 9.23 4.48
CA LYS A 773 30.91 9.98 4.97
C LYS A 773 31.34 11.34 5.54
N GLN A 774 32.36 11.32 6.40
CA GLN A 774 32.86 12.58 6.95
C GLN A 774 33.38 13.48 5.84
N ARG A 775 34.05 12.90 4.85
CA ARG A 775 34.65 13.71 3.79
C ARG A 775 33.57 14.38 2.95
N VAL A 776 32.50 13.65 2.60
CA VAL A 776 31.45 14.25 1.79
C VAL A 776 30.68 15.29 2.61
N SER A 777 30.49 15.05 3.91
CA SER A 777 29.84 16.06 4.75
C SER A 777 30.67 17.33 4.81
N LEU A 778 31.97 17.20 4.99
CA LEU A 778 32.84 18.38 4.99
C LEU A 778 32.81 19.08 3.64
N ALA A 779 32.81 18.31 2.55
CA ALA A 779 32.75 18.91 1.23
C ALA A 779 31.48 19.73 1.05
N ARG A 780 30.36 19.20 1.52
CA ARG A 780 29.11 19.96 1.46
C ARG A 780 29.22 21.25 2.26
N ALA A 781 29.82 21.16 3.46
CA ALA A 781 29.97 22.34 4.29
C ALA A 781 30.80 23.41 3.59
N VAL A 782 31.93 23.02 2.98
CA VAL A 782 32.77 24.00 2.30
C VAL A 782 32.06 24.58 1.09
N TYR A 783 31.39 23.74 0.32
CA TYR A 783 30.73 24.25 -0.89
C TYR A 783 29.57 25.18 -0.54
N CYS A 784 28.99 25.03 0.64
CA CYS A 784 27.93 25.95 1.05
C CYS A 784 28.44 27.38 1.13
N ASP A 785 29.71 27.56 1.51
CA ASP A 785 30.35 28.87 1.61
C ASP A 785 29.57 29.78 2.56
N SER A 786 29.59 29.38 3.83
CA SER A 786 28.99 30.16 4.90
C SER A 786 30.08 30.97 5.60
N ASP A 787 29.67 31.75 6.60
CA ASP A 787 30.59 32.66 7.27
C ASP A 787 31.28 32.00 8.46
N VAL A 788 30.51 31.46 9.39
CA VAL A 788 31.06 30.76 10.54
C VAL A 788 30.92 29.26 10.31
N TYR A 789 31.95 28.51 10.69
CA TYR A 789 32.03 27.09 10.43
C TYR A 789 32.16 26.36 11.76
N LEU A 790 31.11 25.64 12.15
CA LEU A 790 31.12 24.82 13.36
C LEU A 790 31.37 23.37 12.96
N LEU A 791 32.53 22.85 13.34
CA LEU A 791 32.94 21.51 12.94
C LEU A 791 33.04 20.62 14.18
N ASP A 792 32.24 19.56 14.20
CA ASP A 792 32.21 18.64 15.34
C ASP A 792 33.10 17.43 15.06
N ASP A 793 34.40 17.72 14.97
CA ASP A 793 35.42 16.72 14.71
C ASP A 793 35.16 15.94 13.42
N PRO A 794 35.22 16.59 12.26
CA PRO A 794 35.02 15.86 11.00
C PRO A 794 36.15 14.92 10.69
N LEU A 795 37.26 15.01 11.41
CA LEU A 795 38.48 14.25 11.16
C LEU A 795 38.54 12.94 11.95
N SER A 796 37.59 12.69 12.84
CA SER A 796 37.72 11.60 13.79
C SER A 796 37.87 10.25 13.11
N ALA A 797 37.05 9.99 12.09
CA ALA A 797 37.07 8.72 11.40
C ALA A 797 38.04 8.69 10.22
N VAL A 798 39.00 9.62 10.18
CA VAL A 798 39.92 9.74 9.07
C VAL A 798 41.35 9.62 9.60
N ASP A 799 42.19 8.91 8.85
CA ASP A 799 43.58 8.71 9.25
C ASP A 799 44.37 10.00 9.11
N ALA A 800 45.63 9.94 9.56
CA ALA A 800 46.42 11.16 9.69
C ALA A 800 46.84 11.72 8.33
N HIS A 801 47.23 10.86 7.39
CA HIS A 801 47.83 11.32 6.14
C HIS A 801 46.89 12.20 5.34
N VAL A 802 45.80 11.60 4.84
CA VAL A 802 44.81 12.43 4.16
C VAL A 802 44.14 13.37 5.15
N GLY A 803 44.16 13.02 6.43
CA GLY A 803 43.72 13.93 7.46
C GLY A 803 44.50 15.24 7.40
N LYS A 804 45.81 15.17 7.60
CA LYS A 804 46.61 16.40 7.53
C LYS A 804 46.51 17.05 6.17
N HIS A 805 46.31 16.26 5.12
CA HIS A 805 46.12 16.83 3.79
C HIS A 805 44.91 17.77 3.77
N ILE A 806 43.76 17.29 4.23
CA ILE A 806 42.56 18.12 4.21
C ILE A 806 42.69 19.26 5.22
N PHE A 807 43.39 19.03 6.33
CA PHE A 807 43.59 20.12 7.29
C PHE A 807 44.35 21.26 6.66
N GLU A 808 45.38 20.94 5.88
CA GLU A 808 46.15 21.99 5.21
C GLU A 808 45.34 22.63 4.09
N ASN A 809 44.55 21.84 3.36
CA ASN A 809 43.97 22.37 2.12
C ASN A 809 42.67 23.13 2.35
N VAL A 810 41.81 22.69 3.28
CA VAL A 810 40.46 23.21 3.37
C VAL A 810 40.27 24.13 4.58
N ILE A 811 40.81 23.75 5.74
CA ILE A 811 40.41 24.39 6.99
C ILE A 811 41.56 25.13 7.68
N GLY A 812 42.79 24.63 7.62
CA GLY A 812 43.90 25.23 8.32
C GLY A 812 44.27 26.62 7.84
N PRO A 813 45.39 27.15 8.35
CA PRO A 813 45.81 28.51 7.96
C PRO A 813 46.05 28.65 6.47
N LYS A 814 46.49 27.59 5.80
CA LYS A 814 46.60 27.57 4.34
C LYS A 814 45.35 27.00 3.68
N GLY A 815 44.29 26.78 4.45
CA GLY A 815 43.13 26.09 3.95
C GLY A 815 42.32 26.90 2.95
N LEU A 816 41.28 26.25 2.42
CA LEU A 816 40.40 26.90 1.46
C LEU A 816 39.66 28.06 2.11
N LEU A 817 39.16 27.86 3.33
CA LEU A 817 38.36 28.88 4.01
C LEU A 817 39.15 29.57 5.10
N LYS A 818 40.43 29.83 4.86
CA LYS A 818 41.30 30.42 5.87
C LYS A 818 40.87 31.82 6.28
N ASN A 819 40.01 32.48 5.50
CA ASN A 819 39.53 33.82 5.80
C ASN A 819 38.11 33.80 6.35
N LYS A 820 37.78 32.76 7.10
CA LYS A 820 36.46 32.60 7.68
C LYS A 820 36.61 32.27 9.17
N THR A 821 35.48 32.23 9.87
CA THR A 821 35.45 31.94 11.30
C THR A 821 35.15 30.46 11.49
N ARG A 822 36.05 29.73 12.13
CA ARG A 822 35.94 28.29 12.27
C ARG A 822 36.05 27.91 13.75
N LEU A 823 35.06 27.16 14.23
CA LEU A 823 35.11 26.53 15.54
C LEU A 823 35.44 25.04 15.34
N LEU A 824 36.58 24.61 15.86
CA LEU A 824 37.01 23.23 15.79
C LEU A 824 36.95 22.59 17.18
N VAL A 825 36.25 21.46 17.27
CA VAL A 825 36.34 20.58 18.42
C VAL A 825 36.91 19.25 17.93
N THR A 826 38.13 18.95 18.35
CA THR A 826 38.77 17.70 17.96
C THR A 826 39.78 17.30 19.01
N HIS A 827 40.12 16.01 19.02
CA HIS A 827 41.08 15.46 19.96
C HIS A 827 42.49 15.41 19.40
N ALA A 828 42.74 16.01 18.24
CA ALA A 828 44.07 15.98 17.64
C ALA A 828 45.02 16.91 18.39
N ILE A 829 46.31 16.60 18.30
CA ILE A 829 47.34 17.39 18.97
C ILE A 829 48.21 18.08 17.94
N SER A 830 48.72 17.31 16.97
CA SER A 830 49.74 17.82 16.07
C SER A 830 49.26 19.02 15.27
N TYR A 831 47.97 19.10 15.01
CA TYR A 831 47.40 20.20 14.24
C TYR A 831 46.98 21.36 15.12
N LEU A 832 46.99 21.16 16.43
CA LEU A 832 46.60 22.23 17.36
C LEU A 832 47.53 23.44 17.32
N PRO A 833 48.86 23.31 17.24
CA PRO A 833 49.72 24.50 17.33
C PRO A 833 49.45 25.54 16.26
N GLN A 834 49.03 25.12 15.06
CA GLN A 834 48.81 26.08 13.99
C GLN A 834 47.64 27.01 14.25
N MET A 835 46.76 26.64 15.18
CA MET A 835 45.46 27.29 15.27
C MET A 835 45.53 28.47 16.25
N ASP A 836 44.80 29.53 15.91
CA ASP A 836 45.10 30.85 16.48
C ASP A 836 44.97 30.86 18.00
N VAL A 837 43.77 30.68 18.52
CA VAL A 837 43.53 30.69 19.96
C VAL A 837 42.80 29.41 20.33
N ILE A 838 43.12 28.86 21.50
CA ILE A 838 42.67 27.54 21.90
C ILE A 838 41.88 27.65 23.20
N ILE A 839 40.75 26.94 23.26
CA ILE A 839 39.90 26.87 24.43
C ILE A 839 39.99 25.46 24.98
N VAL A 840 40.24 25.33 26.28
CA VAL A 840 40.27 24.04 26.95
C VAL A 840 39.08 23.96 27.90
N MET A 841 38.30 22.90 27.78
CA MET A 841 37.13 22.67 28.60
C MET A 841 37.51 21.85 29.83
N SER A 842 36.63 21.90 30.84
CA SER A 842 36.77 21.03 32.01
C SER A 842 35.38 20.82 32.60
N GLY A 843 34.75 19.70 32.26
CA GLY A 843 33.47 19.33 32.84
C GLY A 843 32.39 20.37 32.62
N GLY A 844 32.27 20.88 31.40
CA GLY A 844 31.28 21.88 31.12
C GLY A 844 31.62 23.27 31.58
N LYS A 845 32.90 23.56 31.78
CA LYS A 845 33.35 24.88 32.18
C LYS A 845 34.53 25.31 31.34
N ILE A 846 34.69 26.62 31.17
CA ILE A 846 35.77 27.18 30.38
C ILE A 846 37.00 27.29 31.29
N SER A 847 37.93 26.35 31.14
CA SER A 847 39.12 26.35 31.97
C SER A 847 40.00 27.58 31.70
N GLU A 848 40.34 27.81 30.44
CA GLU A 848 41.25 28.87 30.05
C GLU A 848 41.29 28.89 28.53
N MET A 849 41.56 30.08 27.97
CA MET A 849 41.61 30.23 26.53
C MET A 849 42.77 31.13 26.15
N GLY A 850 43.36 30.86 24.99
CA GLY A 850 44.48 31.63 24.51
C GLY A 850 45.18 30.89 23.39
N SER A 851 46.29 31.48 22.94
CA SER A 851 47.07 30.89 21.87
C SER A 851 47.93 29.74 22.40
N TYR A 852 48.53 28.99 21.48
CA TYR A 852 49.21 27.77 21.88
C TYR A 852 50.54 28.06 22.57
N GLN A 853 51.22 29.13 22.16
CA GLN A 853 52.46 29.50 22.83
C GLN A 853 52.20 29.86 24.30
N GLU A 854 51.10 30.57 24.56
CA GLU A 854 50.81 30.96 25.94
C GLU A 854 50.48 29.76 26.81
N LEU A 855 49.78 28.76 26.26
CA LEU A 855 49.48 27.58 27.06
C LEU A 855 50.71 26.68 27.20
N LEU A 856 51.65 26.76 26.26
CA LEU A 856 52.97 26.18 26.54
C LEU A 856 53.63 26.87 27.72
N ALA A 857 53.54 28.21 27.75
CA ALA A 857 54.21 28.97 28.80
C ALA A 857 53.62 28.68 30.17
N ARG A 858 52.33 28.96 30.34
CA ARG A 858 51.69 28.77 31.63
C ARG A 858 51.58 27.29 32.00
N ASP A 859 51.37 26.43 31.01
CA ASP A 859 51.22 24.99 31.21
C ASP A 859 50.13 24.70 32.25
N GLY A 860 48.91 25.08 31.90
CA GLY A 860 47.76 24.82 32.75
C GLY A 860 47.10 23.51 32.43
N ALA A 861 45.83 23.56 31.99
CA ALA A 861 45.12 22.33 31.66
C ALA A 861 45.77 21.60 30.50
N PHE A 862 46.28 22.35 29.51
CA PHE A 862 46.90 21.69 28.37
C PHE A 862 48.16 20.93 28.76
N ALA A 863 48.77 21.28 29.89
CA ALA A 863 49.92 20.52 30.36
C ALA A 863 49.53 19.07 30.64
N GLU A 864 48.49 18.87 31.44
CA GLU A 864 48.00 17.51 31.66
C GLU A 864 47.43 16.93 30.38
N PHE A 865 46.81 17.76 29.55
CA PHE A 865 46.22 17.27 28.31
C PHE A 865 47.27 16.61 27.42
N LEU A 866 48.38 17.30 27.18
CA LEU A 866 49.48 16.69 26.43
C LEU A 866 50.08 15.54 27.21
N ARG A 867 50.21 15.69 28.53
CA ARG A 867 50.78 14.62 29.34
C ARG A 867 49.84 13.41 29.39
N THR A 868 48.64 13.60 29.94
CA THR A 868 47.73 12.49 30.19
C THR A 868 46.86 12.17 28.97
N TYR A 869 46.10 13.16 28.49
CA TYR A 869 45.15 12.90 27.41
C TYR A 869 45.88 12.52 26.13
N ALA A 870 47.02 13.15 25.86
CA ALA A 870 47.80 12.86 24.66
C ALA A 870 48.92 11.86 24.93
N SER A 871 48.72 10.94 25.86
CA SER A 871 49.73 9.92 26.16
C SER A 871 49.93 8.98 24.98
N THR A 954 0.85 -6.52 -16.13
CA THR A 954 0.95 -6.22 -17.55
C THR A 954 -0.30 -6.65 -18.30
N GLY A 955 -0.12 -7.58 -19.24
CA GLY A 955 -1.24 -8.09 -20.01
C GLY A 955 -2.07 -9.10 -19.24
N GLN A 956 -3.14 -9.56 -19.88
CA GLN A 956 -4.01 -10.55 -19.27
C GLN A 956 -3.26 -11.86 -19.04
N VAL A 957 -3.45 -12.43 -17.86
CA VAL A 957 -2.78 -13.68 -17.52
C VAL A 957 -3.38 -14.82 -18.33
N LYS A 958 -2.52 -15.68 -18.85
CA LYS A 958 -2.96 -16.77 -19.70
C LYS A 958 -3.79 -17.78 -18.91
N LEU A 959 -4.76 -18.39 -19.60
CA LEU A 959 -5.61 -19.39 -18.98
C LEU A 959 -4.83 -20.64 -18.59
N SER A 960 -3.66 -20.87 -19.20
CA SER A 960 -2.85 -22.03 -18.85
C SER A 960 -2.37 -21.96 -17.42
N VAL A 961 -2.23 -20.74 -16.87
CA VAL A 961 -1.85 -20.60 -15.46
C VAL A 961 -2.96 -21.12 -14.56
N TYR A 962 -4.21 -20.76 -14.85
CA TYR A 962 -5.33 -21.31 -14.11
C TYR A 962 -5.39 -22.82 -14.26
N TRP A 963 -5.15 -23.33 -15.47
CA TRP A 963 -5.21 -24.76 -15.70
C TRP A 963 -4.13 -25.50 -14.91
N ASP A 964 -2.91 -24.97 -14.88
CA ASP A 964 -1.85 -25.67 -14.17
C ASP A 964 -2.02 -25.56 -12.67
N TYR A 965 -2.62 -24.46 -12.18
CA TYR A 965 -2.98 -24.44 -10.76
C TYR A 965 -4.07 -25.45 -10.44
N MET A 966 -5.04 -25.60 -11.35
CA MET A 966 -6.07 -26.62 -11.14
C MET A 966 -5.47 -28.01 -11.11
N LYS A 967 -4.49 -28.26 -11.97
CA LYS A 967 -3.75 -29.53 -11.92
C LYS A 967 -3.01 -29.68 -10.60
N ALA A 968 -2.40 -28.60 -10.12
CA ALA A 968 -1.69 -28.64 -8.84
C ALA A 968 -2.63 -29.02 -7.69
N ILE A 969 -3.85 -28.46 -7.70
CA ILE A 969 -4.86 -28.90 -6.75
C ILE A 969 -5.17 -30.38 -6.94
N GLY A 970 -5.35 -30.77 -8.20
CA GLY A 970 -5.80 -32.12 -8.51
C GLY A 970 -7.10 -32.06 -9.25
N LEU A 971 -7.16 -32.66 -10.44
CA LEU A 971 -8.38 -32.59 -11.24
C LEU A 971 -9.55 -33.24 -10.53
N PHE A 972 -9.30 -34.23 -9.67
CA PHE A 972 -10.38 -34.86 -8.92
C PHE A 972 -11.00 -33.89 -7.92
N ILE A 973 -10.16 -33.22 -7.12
CA ILE A 973 -10.67 -32.26 -6.15
C ILE A 973 -11.37 -31.11 -6.85
N SER A 974 -10.83 -30.66 -7.99
CA SER A 974 -11.44 -29.56 -8.72
C SER A 974 -12.83 -29.95 -9.24
N PHE A 975 -12.94 -31.15 -9.82
CA PHE A 975 -14.23 -31.60 -10.30
C PHE A 975 -15.22 -31.75 -9.14
N LEU A 976 -14.75 -32.29 -8.01
CA LEU A 976 -15.62 -32.43 -6.85
C LEU A 976 -16.12 -31.07 -6.35
N SER A 977 -15.21 -30.09 -6.30
CA SER A 977 -15.60 -28.76 -5.83
C SER A 977 -16.61 -28.11 -6.77
N ILE A 978 -16.39 -28.23 -8.08
CA ILE A 978 -17.33 -27.66 -9.04
C ILE A 978 -18.69 -28.34 -8.92
N PHE A 979 -18.68 -29.68 -8.78
CA PHE A 979 -19.94 -30.41 -8.65
C PHE A 979 -20.69 -30.00 -7.40
N LEU A 980 -19.99 -29.89 -6.28
CA LEU A 980 -20.65 -29.46 -5.05
C LEU A 980 -21.17 -28.03 -5.16
N PHE A 981 -20.42 -27.15 -5.82
CA PHE A 981 -20.90 -25.77 -5.96
C PHE A 981 -22.16 -25.71 -6.81
N LEU A 982 -22.17 -26.44 -7.92
CA LEU A 982 -23.36 -26.47 -8.77
C LEU A 982 -24.54 -27.07 -8.03
N CYS A 983 -24.30 -28.11 -7.23
CA CYS A 983 -25.36 -28.69 -6.42
C CYS A 983 -25.89 -27.68 -5.41
N ASN A 984 -24.99 -26.90 -4.79
CA ASN A 984 -25.40 -25.85 -3.86
C ASN A 984 -26.36 -24.88 -4.54
N HIS A 985 -25.99 -24.40 -5.72
CA HIS A 985 -26.83 -23.37 -6.33
C HIS A 985 -28.13 -23.94 -6.89
N VAL A 986 -28.13 -25.17 -7.39
CA VAL A 986 -29.40 -25.74 -7.81
C VAL A 986 -30.30 -25.94 -6.59
N ALA A 987 -29.72 -26.33 -5.45
CA ALA A 987 -30.53 -26.46 -4.24
C ALA A 987 -31.12 -25.13 -3.81
N SER A 988 -30.32 -24.06 -3.83
CA SER A 988 -30.84 -22.75 -3.44
C SER A 988 -31.92 -22.26 -4.39
N LEU A 989 -31.70 -22.44 -5.70
CA LEU A 989 -32.70 -22.00 -6.68
C LEU A 989 -33.99 -22.78 -6.52
N VAL A 990 -33.91 -24.10 -6.34
CA VAL A 990 -35.10 -24.90 -6.13
C VAL A 990 -35.78 -24.51 -4.83
N SER A 991 -35.00 -24.14 -3.81
CA SER A 991 -35.60 -23.71 -2.55
C SER A 991 -36.41 -22.43 -2.72
N ASN A 992 -35.84 -21.46 -3.44
CA ASN A 992 -36.57 -20.21 -3.67
C ASN A 992 -37.81 -20.45 -4.52
N TYR A 993 -37.71 -21.33 -5.53
CA TYR A 993 -38.88 -21.64 -6.33
C TYR A 993 -39.94 -22.37 -5.51
N TRP A 994 -39.52 -23.23 -4.58
CA TRP A 994 -40.46 -23.91 -3.72
C TRP A 994 -41.16 -22.92 -2.79
N LEU A 995 -40.42 -21.93 -2.30
CA LEU A 995 -41.05 -20.87 -1.52
C LEU A 995 -42.08 -20.11 -2.36
N SER A 996 -41.75 -19.85 -3.62
CA SER A 996 -42.71 -19.19 -4.51
C SER A 996 -43.99 -20.02 -4.64
N LEU A 997 -43.84 -21.32 -4.86
CA LEU A 997 -45.01 -22.20 -4.94
C LEU A 997 -45.81 -22.17 -3.66
N TRP A 998 -45.12 -22.20 -2.52
CA TRP A 998 -45.79 -22.16 -1.22
C TRP A 998 -46.60 -20.89 -1.05
N THR A 999 -46.03 -19.75 -1.44
CA THR A 999 -46.77 -18.50 -1.39
C THR A 999 -47.89 -18.44 -2.42
N ASP A 1000 -47.85 -19.30 -3.43
CA ASP A 1000 -48.93 -19.35 -4.41
C ASP A 1000 -50.10 -20.23 -3.96
N ASP A 1001 -50.07 -20.75 -2.74
CA ASP A 1001 -51.10 -21.66 -2.28
C ASP A 1001 -52.43 -20.94 -2.07
N PRO A 1002 -53.55 -21.66 -2.15
CA PRO A 1002 -54.85 -21.03 -2.00
C PRO A 1002 -55.31 -20.92 -0.55
N ILE A 1003 -56.36 -20.12 -0.37
CA ILE A 1003 -56.98 -19.93 0.94
C ILE A 1003 -58.30 -20.70 0.93
N VAL A 1004 -58.37 -21.76 1.72
CA VAL A 1004 -59.58 -22.57 1.82
C VAL A 1004 -59.96 -22.67 3.30
N ASN A 1005 -61.16 -22.20 3.63
CA ASN A 1005 -61.67 -22.21 5.01
C ASN A 1005 -60.72 -21.47 5.96
N GLY A 1006 -60.12 -20.40 5.46
CA GLY A 1006 -59.30 -19.54 6.30
C GLY A 1006 -57.90 -20.04 6.58
N THR A 1007 -57.50 -21.17 6.01
CA THR A 1007 -56.19 -21.73 6.27
C THR A 1007 -55.60 -22.26 4.97
N GLN A 1008 -54.27 -22.37 4.94
CA GLN A 1008 -53.57 -22.91 3.79
C GLN A 1008 -53.33 -24.40 4.00
N GLU A 1009 -53.73 -25.21 3.02
CA GLU A 1009 -53.36 -26.61 3.06
C GLU A 1009 -51.89 -26.77 2.69
N HIS A 1010 -51.36 -27.96 2.96
CA HIS A 1010 -49.99 -28.35 2.64
C HIS A 1010 -48.94 -27.57 3.43
N THR A 1011 -49.31 -26.93 4.54
CA THR A 1011 -48.34 -26.12 5.28
C THR A 1011 -47.16 -26.95 5.79
N GLN A 1012 -47.46 -28.10 6.42
CA GLN A 1012 -46.39 -28.91 7.00
C GLN A 1012 -45.46 -29.44 5.92
N VAL A 1013 -46.03 -29.90 4.79
CA VAL A 1013 -45.22 -30.42 3.71
C VAL A 1013 -44.31 -29.34 3.14
N ARG A 1014 -44.86 -28.15 2.93
CA ARG A 1014 -44.06 -27.05 2.40
C ARG A 1014 -42.91 -26.71 3.34
N LEU A 1015 -43.20 -26.62 4.63
CA LEU A 1015 -42.16 -26.27 5.59
C LEU A 1015 -41.09 -27.35 5.65
N SER A 1016 -41.49 -28.62 5.67
CA SER A 1016 -40.52 -29.71 5.74
C SER A 1016 -39.63 -29.74 4.51
N VAL A 1017 -40.22 -29.56 3.31
CA VAL A 1017 -39.41 -29.60 2.10
C VAL A 1017 -38.48 -28.40 2.03
N TYR A 1018 -38.96 -27.23 2.46
CA TYR A 1018 -38.11 -26.05 2.50
C TYR A 1018 -36.91 -26.28 3.42
N GLY A 1019 -37.16 -26.86 4.59
CA GLY A 1019 -36.07 -27.18 5.50
C GLY A 1019 -35.10 -28.18 4.92
N ALA A 1020 -35.61 -29.22 4.28
CA ALA A 1020 -34.74 -30.24 3.69
C ALA A 1020 -33.85 -29.63 2.61
N LEU A 1021 -34.42 -28.79 1.74
CA LEU A 1021 -33.65 -28.15 0.70
C LEU A 1021 -32.58 -27.25 1.30
N GLY A 1022 -32.93 -26.51 2.35
CA GLY A 1022 -31.95 -25.65 2.98
C GLY A 1022 -30.80 -26.40 3.63
N ILE A 1023 -31.10 -27.49 4.33
CA ILE A 1023 -30.02 -28.25 4.96
C ILE A 1023 -29.16 -28.92 3.89
N SER A 1024 -29.76 -29.33 2.77
CA SER A 1024 -28.96 -29.85 1.68
C SER A 1024 -28.00 -28.79 1.17
N GLN A 1025 -28.51 -27.57 0.98
CA GLN A 1025 -27.66 -26.45 0.55
C GLN A 1025 -26.55 -26.20 1.55
N GLY A 1026 -26.86 -26.27 2.85
CA GLY A 1026 -25.86 -26.00 3.86
C GLY A 1026 -24.75 -27.03 3.89
N ILE A 1027 -25.11 -28.32 3.91
CA ILE A 1027 -24.09 -29.36 3.94
C ILE A 1027 -23.28 -29.34 2.67
N THR A 1028 -23.90 -29.01 1.54
CA THR A 1028 -23.17 -28.95 0.28
C THR A 1028 -22.20 -27.77 0.24
N VAL A 1029 -22.61 -26.61 0.78
CA VAL A 1029 -21.71 -25.47 0.89
C VAL A 1029 -20.52 -25.81 1.77
N PHE A 1030 -20.78 -26.42 2.92
CA PHE A 1030 -19.69 -26.80 3.80
C PHE A 1030 -18.74 -27.77 3.11
N GLY A 1031 -19.29 -28.73 2.37
CA GLY A 1031 -18.47 -29.68 1.66
C GLY A 1031 -17.60 -29.04 0.60
N TYR A 1032 -18.18 -28.14 -0.20
CA TYR A 1032 -17.38 -27.57 -1.28
C TYR A 1032 -16.30 -26.65 -0.73
N SER A 1033 -16.59 -25.94 0.35
CA SER A 1033 -15.57 -25.09 0.95
C SER A 1033 -14.42 -25.94 1.51
N MET A 1034 -14.74 -27.01 2.24
CA MET A 1034 -13.68 -27.88 2.73
C MET A 1034 -12.90 -28.49 1.58
N ALA A 1035 -13.58 -28.86 0.50
CA ALA A 1035 -12.91 -29.51 -0.62
C ALA A 1035 -11.92 -28.56 -1.29
N VAL A 1036 -12.35 -27.33 -1.57
CA VAL A 1036 -11.46 -26.38 -2.23
C VAL A 1036 -10.31 -26.00 -1.30
N SER A 1037 -10.56 -25.92 0.01
CA SER A 1037 -9.47 -25.56 0.92
C SER A 1037 -8.45 -26.70 1.04
N ILE A 1038 -8.90 -27.94 1.14
CA ILE A 1038 -7.98 -29.08 1.17
C ILE A 1038 -7.20 -29.16 -0.13
N GLY A 1039 -7.87 -28.96 -1.27
CA GLY A 1039 -7.16 -28.91 -2.53
C GLY A 1039 -6.15 -27.78 -2.59
N GLY A 1040 -6.47 -26.65 -1.97
CA GLY A 1040 -5.52 -25.56 -1.92
C GLY A 1040 -4.26 -25.92 -1.14
N ILE A 1041 -4.42 -26.61 0.00
CA ILE A 1041 -3.22 -27.04 0.72
C ILE A 1041 -2.45 -28.08 -0.08
N PHE A 1042 -3.16 -28.94 -0.82
CA PHE A 1042 -2.50 -29.92 -1.66
C PHE A 1042 -1.64 -29.23 -2.71
N ALA A 1043 -2.21 -28.22 -3.37
CA ALA A 1043 -1.49 -27.46 -4.38
C ALA A 1043 -0.32 -26.72 -3.76
N SER A 1044 -0.53 -26.11 -2.60
CA SER A 1044 0.55 -25.42 -1.91
C SER A 1044 1.68 -26.35 -1.56
N ARG A 1045 1.39 -27.60 -1.26
CA ARG A 1045 2.46 -28.55 -0.96
C ARG A 1045 3.22 -28.94 -2.22
N ARG A 1046 2.49 -29.32 -3.28
CA ARG A 1046 3.17 -29.80 -4.48
C ARG A 1046 3.96 -28.69 -5.17
N LEU A 1047 3.39 -27.49 -5.22
CA LEU A 1047 4.08 -26.37 -5.86
C LEU A 1047 5.39 -26.07 -5.16
N HIS A 1048 5.38 -26.04 -3.82
CA HIS A 1048 6.59 -25.71 -3.08
C HIS A 1048 7.61 -26.84 -3.18
N LEU A 1049 7.17 -28.09 -3.14
CA LEU A 1049 8.12 -29.19 -3.29
C LEU A 1049 8.78 -29.14 -4.65
N ASP A 1050 8.01 -28.87 -5.70
CA ASP A 1050 8.58 -28.77 -7.04
C ASP A 1050 9.54 -27.60 -7.16
N LEU A 1051 9.16 -26.45 -6.60
CA LEU A 1051 10.03 -25.28 -6.68
C LEU A 1051 11.35 -25.55 -5.95
N LEU A 1052 11.27 -26.14 -4.76
CA LEU A 1052 12.48 -26.43 -3.99
C LEU A 1052 13.37 -27.42 -4.72
N HIS A 1053 12.79 -28.49 -5.27
CA HIS A 1053 13.59 -29.47 -5.99
C HIS A 1053 14.25 -28.85 -7.21
N ASN A 1054 13.50 -28.04 -7.96
CA ASN A 1054 14.06 -27.41 -9.16
C ASN A 1054 15.17 -26.44 -8.81
N VAL A 1055 14.99 -25.64 -7.75
CA VAL A 1055 16.03 -24.68 -7.36
C VAL A 1055 17.26 -25.41 -6.85
N LEU A 1056 17.08 -26.43 -6.03
CA LEU A 1056 18.21 -27.17 -5.48
C LEU A 1056 18.92 -28.02 -6.53
N ARG A 1057 18.26 -28.33 -7.64
CA ARG A 1057 18.89 -29.08 -8.71
C ARG A 1057 19.53 -28.17 -9.77
N SER A 1058 19.37 -26.85 -9.64
CA SER A 1058 19.92 -25.94 -10.64
C SER A 1058 21.40 -25.68 -10.34
N PRO A 1059 22.21 -25.42 -11.39
CA PRO A 1059 23.64 -25.13 -11.17
C PRO A 1059 23.90 -23.81 -10.45
N ILE A 1060 25.14 -23.59 -10.05
CA ILE A 1060 25.49 -22.39 -9.29
C ILE A 1060 25.36 -21.15 -10.18
N SER A 1061 25.56 -21.32 -11.48
CA SER A 1061 25.48 -20.21 -12.42
C SER A 1061 24.14 -19.49 -12.29
N PHE A 1062 23.06 -20.26 -12.19
CA PHE A 1062 21.76 -19.65 -11.97
C PHE A 1062 21.72 -18.92 -10.63
N PHE A 1063 22.49 -19.37 -9.65
CA PHE A 1063 22.50 -18.70 -8.36
C PHE A 1063 23.19 -17.35 -8.44
N GLU A 1064 24.30 -17.25 -9.17
CA GLU A 1064 24.96 -15.95 -9.27
C GLU A 1064 24.22 -15.01 -10.21
N ARG A 1065 23.65 -15.51 -11.30
CA ARG A 1065 22.97 -14.62 -12.24
C ARG A 1065 21.66 -14.06 -11.70
N THR A 1066 20.90 -14.85 -10.96
CA THR A 1066 19.62 -14.41 -10.41
C THR A 1066 19.84 -13.79 -9.04
N PRO A 1067 19.48 -12.53 -8.83
CA PRO A 1067 19.64 -11.93 -7.50
C PRO A 1067 18.80 -12.66 -6.47
N SER A 1068 19.37 -12.82 -5.27
CA SER A 1068 18.72 -13.62 -4.23
C SER A 1068 17.39 -13.03 -3.81
N GLY A 1069 17.20 -11.73 -4.02
CA GLY A 1069 15.92 -11.11 -3.68
C GLY A 1069 14.77 -11.76 -4.40
N ASN A 1070 14.94 -12.09 -5.68
CA ASN A 1070 13.87 -12.74 -6.42
C ASN A 1070 13.56 -14.11 -5.86
N LEU A 1071 14.59 -14.88 -5.48
CA LEU A 1071 14.33 -16.21 -4.94
C LEU A 1071 13.64 -16.16 -3.59
N VAL A 1072 14.07 -15.25 -2.71
CA VAL A 1072 13.41 -15.14 -1.41
C VAL A 1072 11.99 -14.62 -1.59
N ASN A 1073 11.77 -13.73 -2.55
CA ASN A 1073 10.40 -13.27 -2.83
C ASN A 1073 9.54 -14.42 -3.33
N ARG A 1074 10.09 -15.24 -4.22
CA ARG A 1074 9.36 -16.38 -4.76
C ARG A 1074 8.99 -17.37 -3.66
N PHE A 1075 9.90 -17.61 -2.73
CA PHE A 1075 9.61 -18.56 -1.66
C PHE A 1075 8.69 -17.98 -0.59
N SER A 1076 8.74 -16.67 -0.34
CA SER A 1076 7.94 -16.10 0.73
C SER A 1076 6.60 -15.56 0.23
N LYS A 1077 6.63 -14.53 -0.60
CA LYS A 1077 5.40 -13.78 -0.88
C LYS A 1077 4.50 -14.52 -1.86
N GLU A 1078 5.07 -15.06 -2.93
CA GLU A 1078 4.27 -15.78 -3.91
C GLU A 1078 3.66 -17.05 -3.30
N LEU A 1079 4.47 -17.80 -2.55
CA LEU A 1079 3.94 -18.96 -1.85
C LEU A 1079 2.89 -18.56 -0.82
N ASP A 1080 3.09 -17.44 -0.12
CA ASP A 1080 2.13 -16.99 0.87
C ASP A 1080 0.79 -16.67 0.23
N THR A 1081 0.82 -15.94 -0.89
CA THR A 1081 -0.42 -15.57 -1.54
C THR A 1081 -1.08 -16.79 -2.20
N VAL A 1082 -0.31 -17.79 -2.60
CA VAL A 1082 -0.90 -19.01 -3.12
C VAL A 1082 -1.57 -19.79 -2.00
N ASP A 1083 -0.93 -19.87 -0.83
CA ASP A 1083 -1.48 -20.65 0.27
C ASP A 1083 -2.69 -19.99 0.91
N SER A 1084 -2.66 -18.67 1.06
CA SER A 1084 -3.68 -17.96 1.83
C SER A 1084 -4.70 -17.23 0.96
N MET A 1085 -4.28 -16.58 -0.11
CA MET A 1085 -5.19 -15.69 -0.84
C MET A 1085 -6.04 -16.42 -1.87
N ILE A 1086 -5.40 -17.07 -2.84
CA ILE A 1086 -6.14 -17.56 -4.02
C ILE A 1086 -7.22 -18.56 -3.69
N PRO A 1087 -7.06 -19.50 -2.74
CA PRO A 1087 -8.18 -20.42 -2.45
C PRO A 1087 -9.43 -19.71 -1.99
N GLN A 1088 -9.29 -18.60 -1.27
CA GLN A 1088 -10.45 -17.83 -0.84
C GLN A 1088 -11.02 -16.99 -1.99
N VAL A 1089 -10.14 -16.52 -2.88
CA VAL A 1089 -10.62 -15.82 -4.07
C VAL A 1089 -11.45 -16.75 -4.93
N ILE A 1090 -11.08 -18.04 -4.99
CA ILE A 1090 -11.89 -19.00 -5.74
C ILE A 1090 -13.30 -19.07 -5.15
N LYS A 1091 -13.39 -19.22 -3.82
CA LYS A 1091 -14.66 -19.18 -3.12
C LYS A 1091 -15.51 -18.00 -3.57
N MET A 1092 -14.98 -16.80 -3.34
CA MET A 1092 -15.81 -15.60 -3.53
C MET A 1092 -16.12 -15.36 -5.00
N PHE A 1093 -15.18 -15.64 -5.91
CA PHE A 1093 -15.43 -15.44 -7.32
C PHE A 1093 -16.50 -16.40 -7.83
N MET A 1094 -16.39 -17.68 -7.49
CA MET A 1094 -17.41 -18.63 -7.90
C MET A 1094 -18.76 -18.26 -7.31
N GLY A 1095 -18.77 -17.85 -6.04
CA GLY A 1095 -20.03 -17.45 -5.42
C GLY A 1095 -20.69 -16.31 -6.15
N SER A 1096 -19.93 -15.24 -6.44
CA SER A 1096 -20.51 -14.09 -7.11
C SER A 1096 -20.98 -14.45 -8.51
N LEU A 1097 -20.15 -15.18 -9.27
CA LEU A 1097 -20.50 -15.49 -10.64
C LEU A 1097 -21.76 -16.34 -10.70
N PHE A 1098 -21.83 -17.39 -9.90
CA PHE A 1098 -22.99 -18.27 -9.97
C PHE A 1098 -24.21 -17.66 -9.30
N ASN A 1099 -24.03 -16.71 -8.39
CA ASN A 1099 -25.17 -15.93 -7.91
C ASN A 1099 -25.76 -15.10 -9.03
N VAL A 1100 -24.91 -14.45 -9.82
CA VAL A 1100 -25.38 -13.68 -10.96
C VAL A 1100 -26.09 -14.58 -11.97
N ILE A 1101 -25.50 -15.75 -12.24
CA ILE A 1101 -26.12 -16.69 -13.18
C ILE A 1101 -27.47 -17.16 -12.66
N GLY A 1102 -27.56 -17.44 -11.36
CA GLY A 1102 -28.82 -17.88 -10.79
C GLY A 1102 -29.90 -16.81 -10.86
N ALA A 1103 -29.52 -15.56 -10.57
CA ALA A 1103 -30.48 -14.48 -10.69
C ALA A 1103 -30.96 -14.34 -12.12
N CYS A 1104 -30.04 -14.42 -13.09
CA CYS A 1104 -30.42 -14.31 -14.49
C CYS A 1104 -31.34 -15.45 -14.90
N ILE A 1105 -31.06 -16.67 -14.44
CA ILE A 1105 -31.89 -17.81 -14.86
C ILE A 1105 -33.27 -17.72 -14.22
N ILE A 1106 -33.36 -17.23 -12.98
CA ILE A 1106 -34.66 -17.01 -12.37
C ILE A 1106 -35.46 -15.98 -13.16
N ILE A 1107 -34.81 -14.85 -13.49
CA ILE A 1107 -35.51 -13.78 -14.19
C ILE A 1107 -36.00 -14.26 -15.54
N LEU A 1108 -35.15 -14.95 -16.29
CA LEU A 1108 -35.53 -15.38 -17.63
C LEU A 1108 -36.36 -16.64 -17.65
N LEU A 1109 -36.48 -17.35 -16.52
CA LEU A 1109 -37.43 -18.44 -16.43
C LEU A 1109 -38.82 -17.94 -16.10
N ALA A 1110 -38.94 -16.90 -15.27
CA ALA A 1110 -40.26 -16.32 -15.03
C ALA A 1110 -40.77 -15.57 -16.24
N THR A 1111 -39.93 -14.73 -16.85
CA THR A 1111 -40.30 -13.96 -18.04
C THR A 1111 -39.20 -14.14 -19.08
N PRO A 1112 -39.46 -14.91 -20.14
CA PRO A 1112 -38.40 -15.23 -21.11
C PRO A 1112 -37.95 -14.07 -21.99
N MET A 1113 -38.58 -12.90 -21.93
CA MET A 1113 -38.06 -11.75 -22.66
C MET A 1113 -36.82 -11.17 -22.00
N ALA A 1114 -36.58 -11.53 -20.74
CA ALA A 1114 -35.29 -11.26 -20.14
C ALA A 1114 -34.16 -11.87 -20.96
N ALA A 1115 -34.41 -12.99 -21.61
CA ALA A 1115 -33.42 -13.56 -22.52
C ALA A 1115 -33.17 -12.61 -23.70
N VAL A 1116 -34.16 -11.77 -24.02
CA VAL A 1116 -33.95 -10.78 -25.07
C VAL A 1116 -33.09 -9.64 -24.55
N ILE A 1117 -33.36 -9.16 -23.33
CA ILE A 1117 -32.65 -7.97 -22.88
C ILE A 1117 -31.21 -8.30 -22.50
N ILE A 1118 -30.96 -9.50 -21.96
CA ILE A 1118 -29.63 -9.79 -21.39
C ILE A 1118 -28.47 -9.67 -22.37
N PRO A 1119 -28.56 -10.09 -23.63
CA PRO A 1119 -27.40 -9.94 -24.52
C PRO A 1119 -27.01 -8.48 -24.75
N PRO A 1120 -27.92 -7.60 -25.19
CA PRO A 1120 -27.48 -6.21 -25.45
C PRO A 1120 -27.20 -5.42 -24.20
N LEU A 1121 -27.33 -6.00 -23.02
CA LEU A 1121 -27.06 -5.28 -21.78
C LEU A 1121 -26.10 -6.01 -20.86
N GLY A 1122 -26.19 -7.34 -20.78
CA GLY A 1122 -25.29 -8.07 -19.93
C GLY A 1122 -23.88 -8.12 -20.48
N LEU A 1123 -23.69 -8.89 -21.55
CA LEU A 1123 -22.34 -9.15 -22.04
C LEU A 1123 -21.73 -7.91 -22.68
N ILE A 1124 -22.49 -7.23 -23.54
CA ILE A 1124 -21.90 -6.13 -24.32
C ILE A 1124 -21.53 -4.97 -23.42
N TYR A 1125 -22.42 -4.58 -22.52
CA TYR A 1125 -22.17 -3.44 -21.66
C TYR A 1125 -21.53 -3.86 -20.34
N PHE A 1126 -21.26 -5.14 -20.16
CA PHE A 1126 -20.45 -5.65 -19.06
C PHE A 1126 -18.98 -5.74 -19.44
N PHE A 1127 -18.62 -5.29 -20.63
N PHE A 1127 -18.61 -5.29 -20.63
CA PHE A 1127 -17.24 -5.07 -21.01
CA PHE A 1127 -17.20 -5.12 -20.96
C PHE A 1127 -16.72 -3.73 -20.50
C PHE A 1127 -16.64 -3.81 -20.40
N VAL A 1128 -17.36 -3.20 -19.45
CA VAL A 1128 -16.81 -2.09 -18.68
C VAL A 1128 -15.77 -2.57 -17.68
N GLN A 1129 -15.72 -3.87 -17.42
CA GLN A 1129 -14.66 -4.46 -16.61
C GLN A 1129 -13.36 -4.61 -17.39
N ARG A 1130 -13.42 -4.60 -18.72
CA ARG A 1130 -12.21 -4.68 -19.52
C ARG A 1130 -11.31 -3.47 -19.28
N PHE A 1131 -11.91 -2.34 -18.91
CA PHE A 1131 -11.18 -1.11 -18.70
C PHE A 1131 -10.80 -0.91 -17.23
N TYR A 1132 -11.73 -1.18 -16.32
CA TYR A 1132 -11.46 -1.03 -14.90
C TYR A 1132 -10.36 -1.99 -14.45
N VAL A 1133 -10.46 -3.26 -14.88
CA VAL A 1133 -9.48 -4.25 -14.45
C VAL A 1133 -8.08 -3.85 -14.91
N ALA A 1134 -7.97 -3.38 -16.16
CA ALA A 1134 -6.67 -2.99 -16.68
C ALA A 1134 -6.14 -1.74 -15.98
N SER A 1135 -7.02 -0.79 -15.65
CA SER A 1135 -6.54 0.51 -15.18
C SER A 1135 -6.34 0.58 -13.68
N SER A 1136 -7.26 0.03 -12.88
CA SER A 1136 -7.13 0.13 -11.43
C SER A 1136 -5.91 -0.60 -10.93
N ARG A 1137 -5.56 -1.72 -11.58
CA ARG A 1137 -4.35 -2.46 -11.21
C ARG A 1137 -3.12 -1.61 -11.40
N GLN A 1138 -3.05 -0.86 -12.49
CA GLN A 1138 -1.93 0.04 -12.71
C GLN A 1138 -1.92 1.18 -11.71
N LEU A 1139 -3.11 1.73 -11.42
CA LEU A 1139 -3.19 2.89 -10.53
C LEU A 1139 -2.77 2.54 -9.11
N LYS A 1140 -3.17 1.36 -8.63
CA LYS A 1140 -2.78 0.96 -7.28
C LYS A 1140 -1.27 0.73 -7.20
N ARG A 1141 -0.69 0.17 -8.26
CA ARG A 1141 0.76 0.04 -8.34
C ARG A 1141 1.44 1.39 -8.18
N LEU A 1142 1.00 2.37 -8.97
CA LEU A 1142 1.57 3.71 -8.87
C LEU A 1142 1.37 4.26 -7.46
N GLU A 1143 0.21 4.00 -6.86
CA GLU A 1143 -0.08 4.50 -5.53
C GLU A 1143 0.94 4.00 -4.51
N SER A 1144 1.20 2.69 -4.51
CA SER A 1144 2.16 2.14 -3.55
C SER A 1144 3.58 2.64 -3.83
N VAL A 1145 3.97 2.66 -5.11
CA VAL A 1145 5.31 3.06 -5.49
C VAL A 1145 5.56 4.51 -5.08
N SER A 1146 4.54 5.35 -5.17
CA SER A 1146 4.65 6.74 -4.73
C SER A 1146 4.41 6.90 -3.24
N ARG A 1147 3.83 5.90 -2.57
CA ARG A 1147 3.60 6.00 -1.14
C ARG A 1147 4.88 5.79 -0.35
N SER A 1148 5.72 4.86 -0.80
CA SER A 1148 6.96 4.61 -0.04
C SER A 1148 7.88 5.84 0.09
N PRO A 1149 8.11 6.66 -0.94
CA PRO A 1149 9.08 7.76 -0.79
C PRO A 1149 8.71 8.80 0.25
N VAL A 1150 7.42 9.01 0.53
CA VAL A 1150 7.05 9.97 1.57
C VAL A 1150 7.65 9.58 2.90
N TYR A 1151 7.46 8.32 3.30
CA TYR A 1151 8.00 7.83 4.56
C TYR A 1151 9.52 7.78 4.51
N SER A 1152 10.09 7.40 3.37
CA SER A 1152 11.55 7.40 3.25
C SER A 1152 12.11 8.79 3.51
N HIS A 1153 11.49 9.82 2.91
CA HIS A 1153 11.95 11.19 3.09
C HIS A 1153 11.76 11.65 4.53
N PHE A 1154 10.65 11.26 5.16
CA PHE A 1154 10.47 11.65 6.55
C PHE A 1154 11.54 11.06 7.45
N ASN A 1155 11.86 9.78 7.27
CA ASN A 1155 12.94 9.18 8.04
C ASN A 1155 14.27 9.89 7.78
N GLU A 1156 14.55 10.15 6.50
CA GLU A 1156 15.83 10.74 6.14
C GLU A 1156 15.95 12.15 6.71
N THR A 1157 14.83 12.87 6.79
CA THR A 1157 14.87 14.23 7.33
C THR A 1157 14.91 14.22 8.85
N LEU A 1158 14.31 13.20 9.49
CA LEU A 1158 14.37 13.09 10.93
C LEU A 1158 15.79 12.76 11.40
N LEU A 1159 16.53 12.00 10.59
CA LEU A 1159 17.90 11.67 10.98
C LEU A 1159 18.77 12.92 11.04
N GLY A 1160 18.55 13.87 10.13
CA GLY A 1160 19.42 15.03 10.03
C GLY A 1160 18.73 16.37 10.27
N VAL A 1161 17.88 16.43 11.30
CA VAL A 1161 17.15 17.67 11.59
C VAL A 1161 18.11 18.79 11.96
N SER A 1162 19.13 18.49 12.78
CA SER A 1162 20.07 19.52 13.19
C SER A 1162 20.80 20.13 12.01
N VAL A 1163 21.19 19.30 11.04
CA VAL A 1163 21.91 19.81 9.87
C VAL A 1163 21.02 20.73 9.06
N ILE A 1164 19.77 20.31 8.84
CA ILE A 1164 18.83 21.15 8.08
C ILE A 1164 18.60 22.47 8.80
N ARG A 1165 18.42 22.43 10.12
CA ARG A 1165 18.18 23.64 10.89
C ARG A 1165 19.40 24.55 10.89
N ALA A 1166 20.60 23.99 10.80
CA ALA A 1166 21.80 24.81 10.79
C ALA A 1166 21.96 25.54 9.47
N PHE A 1167 21.68 24.87 8.35
CA PHE A 1167 21.85 25.47 7.04
C PHE A 1167 20.66 26.32 6.61
N GLU A 1168 19.62 26.44 7.44
CA GLU A 1168 18.41 27.20 7.12
C GLU A 1168 17.73 26.65 5.86
N GLU A 1169 17.57 25.33 5.82
CA GLU A 1169 17.01 24.64 4.67
C GLU A 1169 15.66 24.01 4.97
N GLN A 1170 14.93 24.58 5.93
CA GLN A 1170 13.63 24.01 6.31
C GLN A 1170 12.63 24.12 5.18
N GLU A 1171 12.60 25.25 4.47
CA GLU A 1171 11.62 25.45 3.42
C GLU A 1171 11.79 24.44 2.30
N ARG A 1172 13.04 24.16 1.92
CA ARG A 1172 13.29 23.22 0.83
C ARG A 1172 12.75 21.83 1.17
N PHE A 1173 13.00 21.36 2.38
CA PHE A 1173 12.57 20.02 2.74
C PHE A 1173 11.07 19.95 2.96
N ILE A 1174 10.46 21.02 3.46
CA ILE A 1174 9.01 21.08 3.55
C ILE A 1174 8.39 21.00 2.16
N ARG A 1175 8.95 21.76 1.20
CA ARG A 1175 8.44 21.72 -0.16
C ARG A 1175 8.62 20.34 -0.79
N GLN A 1176 9.74 19.68 -0.51
CA GLN A 1176 9.96 18.35 -1.05
C GLN A 1176 8.96 17.35 -0.48
N SER A 1177 8.68 17.44 0.82
CA SER A 1177 7.68 16.57 1.42
C SER A 1177 6.30 16.83 0.81
N ASP A 1178 5.98 18.11 0.58
CA ASP A 1178 4.73 18.44 -0.10
C ASP A 1178 4.66 17.80 -1.47
N LEU A 1179 5.76 17.87 -2.23
CA LEU A 1179 5.79 17.26 -3.56
C LEU A 1179 5.60 15.76 -3.50
N LYS A 1180 6.22 15.10 -2.52
CA LYS A 1180 6.10 13.64 -2.42
C LYS A 1180 4.67 13.24 -2.07
N VAL A 1181 4.06 13.95 -1.11
CA VAL A 1181 2.67 13.66 -0.76
C VAL A 1181 1.77 13.90 -1.96
N ASP A 1182 2.01 14.98 -2.70
CA ASP A 1182 1.17 15.29 -3.85
C ASP A 1182 1.35 14.24 -4.95
N GLU A 1183 2.57 13.72 -5.12
CA GLU A 1183 2.78 12.66 -6.10
C GLU A 1183 2.06 11.39 -5.71
N ASN A 1184 2.01 11.08 -4.42
CA ASN A 1184 1.24 9.91 -3.99
C ASN A 1184 -0.26 10.12 -4.23
N GLN A 1185 -0.78 11.29 -3.87
CA GLN A 1185 -2.20 11.56 -4.09
C GLN A 1185 -2.54 11.60 -5.58
N LYS A 1186 -1.57 11.98 -6.42
CA LYS A 1186 -1.78 11.98 -7.86
C LYS A 1186 -2.18 10.61 -8.36
N ALA A 1187 -1.67 9.54 -7.73
CA ALA A 1187 -2.07 8.19 -8.10
C ALA A 1187 -3.23 7.69 -7.27
N TYR A 1188 -3.37 8.19 -6.04
CA TYR A 1188 -4.47 7.70 -5.20
C TYR A 1188 -5.83 8.19 -5.70
N TYR A 1189 -5.93 9.46 -6.11
CA TYR A 1189 -7.22 10.01 -6.52
C TYR A 1189 -7.85 9.29 -7.71
N PRO A 1190 -7.13 9.01 -8.81
CA PRO A 1190 -7.77 8.28 -9.91
C PRO A 1190 -8.24 6.90 -9.50
N SER A 1191 -7.62 6.26 -8.52
CA SER A 1191 -8.10 4.97 -8.05
C SER A 1191 -9.48 5.08 -7.45
N ILE A 1192 -9.69 6.08 -6.59
CA ILE A 1192 -10.99 6.29 -5.98
C ILE A 1192 -12.03 6.63 -7.05
N VAL A 1193 -11.67 7.51 -7.98
CA VAL A 1193 -12.63 7.89 -9.02
C VAL A 1193 -12.95 6.70 -9.91
N ALA A 1194 -11.96 5.84 -10.15
CA ALA A 1194 -12.19 4.64 -10.95
C ALA A 1194 -13.14 3.68 -10.25
N ASN A 1195 -13.00 3.53 -8.94
CA ASN A 1195 -13.94 2.72 -8.18
C ASN A 1195 -15.35 3.26 -8.30
N ARG A 1196 -15.49 4.59 -8.17
CA ARG A 1196 -16.82 5.20 -8.31
C ARG A 1196 -17.37 4.98 -9.72
N TRP A 1197 -16.51 5.11 -10.73
CA TRP A 1197 -16.89 4.89 -12.12
C TRP A 1197 -17.46 3.50 -12.35
N LEU A 1198 -16.71 2.48 -11.94
CA LEU A 1198 -17.14 1.11 -12.12
C LEU A 1198 -18.42 0.84 -11.33
N ALA A 1199 -18.51 1.38 -10.12
CA ALA A 1199 -19.71 1.14 -9.31
C ALA A 1199 -20.95 1.74 -9.97
N VAL A 1200 -20.83 2.96 -10.49
CA VAL A 1200 -21.96 3.58 -11.19
C VAL A 1200 -22.39 2.72 -12.36
N ARG A 1201 -21.43 2.28 -13.17
CA ARG A 1201 -21.79 1.50 -14.37
C ARG A 1201 -22.46 0.19 -14.01
N LEU A 1202 -21.88 -0.55 -13.06
CA LEU A 1202 -22.44 -1.85 -12.70
C LEU A 1202 -23.81 -1.72 -12.04
N GLU A 1203 -23.99 -0.71 -11.19
CA GLU A 1203 -25.30 -0.54 -10.60
C GLU A 1203 -26.31 -0.04 -11.62
N CYS A 1204 -25.87 0.65 -12.67
CA CYS A 1204 -26.76 0.95 -13.78
C CYS A 1204 -27.22 -0.34 -14.47
N VAL A 1205 -26.29 -1.28 -14.66
CA VAL A 1205 -26.66 -2.57 -15.23
C VAL A 1205 -27.71 -3.25 -14.36
N GLY A 1206 -27.47 -3.26 -13.05
CA GLY A 1206 -28.41 -3.91 -12.14
C GLY A 1206 -29.77 -3.22 -12.10
N ASN A 1207 -29.77 -1.89 -12.14
CA ASN A 1207 -31.04 -1.15 -12.15
C ASN A 1207 -31.83 -1.45 -13.42
N CYS A 1208 -31.14 -1.52 -14.57
CA CYS A 1208 -31.83 -1.88 -15.80
C CYS A 1208 -32.37 -3.30 -15.72
N ILE A 1209 -31.62 -4.21 -15.10
CA ILE A 1209 -32.09 -5.59 -14.98
C ILE A 1209 -33.36 -5.64 -14.12
N VAL A 1210 -33.38 -4.91 -13.01
CA VAL A 1210 -34.58 -4.92 -12.17
C VAL A 1210 -35.74 -4.26 -12.90
N LEU A 1211 -35.47 -3.21 -13.67
CA LEU A 1211 -36.52 -2.56 -14.45
C LEU A 1211 -37.14 -3.53 -15.44
N PHE A 1212 -36.30 -4.28 -16.15
CA PHE A 1212 -36.84 -5.17 -17.18
C PHE A 1212 -37.54 -6.37 -16.57
N ALA A 1213 -37.03 -6.90 -15.46
CA ALA A 1213 -37.72 -7.98 -14.77
C ALA A 1213 -39.12 -7.53 -14.34
N SER A 1214 -39.21 -6.39 -13.66
CA SER A 1214 -40.51 -5.90 -13.23
C SER A 1214 -41.42 -5.57 -14.42
N LEU A 1215 -40.85 -5.02 -15.49
CA LEU A 1215 -41.67 -4.60 -16.62
C LEU A 1215 -42.24 -5.78 -17.38
N PHE A 1216 -41.43 -6.82 -17.61
CA PHE A 1216 -41.98 -8.02 -18.25
C PHE A 1216 -42.93 -8.76 -17.33
N ALA A 1217 -42.72 -8.68 -16.01
CA ALA A 1217 -43.70 -9.23 -15.09
C ALA A 1217 -45.04 -8.50 -15.18
N VAL A 1218 -45.00 -7.18 -15.35
CA VAL A 1218 -46.23 -6.41 -15.52
C VAL A 1218 -46.89 -6.74 -16.86
N ILE A 1219 -46.09 -6.94 -17.92
CA ILE A 1219 -46.67 -7.30 -19.21
C ILE A 1219 -47.38 -8.64 -19.14
N SER A 1220 -46.76 -9.63 -18.48
CA SER A 1220 -47.31 -10.98 -18.39
C SER A 1220 -48.04 -11.21 -17.08
N ARG A 1221 -48.73 -10.18 -16.57
CA ARG A 1221 -49.39 -10.30 -15.28
C ARG A 1221 -50.52 -11.31 -15.31
N HIS A 1222 -51.13 -11.54 -16.46
CA HIS A 1222 -52.26 -12.45 -16.55
C HIS A 1222 -51.84 -13.91 -16.61
N SER A 1223 -50.57 -14.19 -16.85
CA SER A 1223 -50.07 -15.57 -16.87
C SER A 1223 -49.15 -15.89 -15.70
N LEU A 1224 -48.53 -14.88 -15.08
CA LEU A 1224 -47.68 -15.12 -13.93
C LEU A 1224 -48.54 -15.36 -12.70
N SER A 1225 -47.93 -15.96 -11.66
CA SER A 1225 -48.68 -16.46 -10.53
C SER A 1225 -48.50 -15.65 -9.26
N ALA A 1226 -47.98 -14.42 -9.37
CA ALA A 1226 -47.88 -13.46 -8.28
C ALA A 1226 -46.83 -13.86 -7.27
N GLY A 1227 -46.25 -15.05 -7.43
CA GLY A 1227 -45.14 -15.49 -6.61
C GLY A 1227 -43.87 -15.49 -7.43
N LEU A 1228 -44.00 -15.78 -8.72
CA LEU A 1228 -42.86 -15.68 -9.62
C LEU A 1228 -42.41 -14.23 -9.75
N VAL A 1229 -43.36 -13.29 -9.74
CA VAL A 1229 -43.02 -11.88 -9.87
C VAL A 1229 -42.14 -11.45 -8.70
N GLY A 1230 -42.58 -11.79 -7.48
CA GLY A 1230 -41.79 -11.43 -6.32
C GLY A 1230 -40.41 -12.05 -6.33
N LEU A 1231 -40.32 -13.31 -6.74
CA LEU A 1231 -39.04 -13.99 -6.80
C LEU A 1231 -38.11 -13.30 -7.79
N SER A 1232 -38.62 -13.00 -8.99
CA SER A 1232 -37.81 -12.35 -10.01
C SER A 1232 -37.32 -10.99 -9.55
N VAL A 1233 -38.22 -10.17 -9.00
CA VAL A 1233 -37.82 -8.83 -8.59
C VAL A 1233 -36.88 -8.88 -7.40
N SER A 1234 -37.09 -9.82 -6.48
CA SER A 1234 -36.21 -9.95 -5.33
C SER A 1234 -34.79 -10.33 -5.76
N TYR A 1235 -34.66 -11.25 -6.72
CA TYR A 1235 -33.34 -11.59 -7.22
C TYR A 1235 -32.72 -10.43 -7.98
N SER A 1236 -33.53 -9.70 -8.74
CA SER A 1236 -33.03 -8.55 -9.48
C SER A 1236 -32.49 -7.48 -8.53
N LEU A 1237 -33.11 -7.34 -7.36
CA LEU A 1237 -32.63 -6.38 -6.38
C LEU A 1237 -31.21 -6.71 -5.90
N GLN A 1238 -30.82 -7.99 -5.93
CA GLN A 1238 -29.51 -8.43 -5.46
C GLN A 1238 -28.48 -8.49 -6.57
N VAL A 1239 -28.93 -8.54 -7.83
CA VAL A 1239 -28.03 -8.62 -8.98
C VAL A 1239 -26.92 -7.56 -8.91
N THR A 1240 -27.23 -6.36 -8.44
CA THR A 1240 -26.24 -5.28 -8.50
C THR A 1240 -25.08 -5.52 -7.53
N THR A 1241 -25.39 -5.90 -6.29
CA THR A 1241 -24.32 -6.23 -5.35
C THR A 1241 -23.53 -7.43 -5.84
N TYR A 1242 -24.22 -8.41 -6.42
CA TYR A 1242 -23.52 -9.57 -6.94
C TYR A 1242 -22.57 -9.18 -8.06
N LEU A 1243 -22.98 -8.26 -8.93
CA LEU A 1243 -22.14 -7.83 -10.05
C LEU A 1243 -20.91 -7.08 -9.55
N ASN A 1244 -21.10 -6.20 -8.58
CA ASN A 1244 -19.95 -5.49 -8.01
C ASN A 1244 -18.96 -6.47 -7.39
N TRP A 1245 -19.47 -7.41 -6.59
CA TRP A 1245 -18.61 -8.42 -6.00
C TRP A 1245 -17.87 -9.20 -7.08
N LEU A 1246 -18.58 -9.56 -8.15
CA LEU A 1246 -17.97 -10.38 -9.19
C LEU A 1246 -16.84 -9.64 -9.90
N VAL A 1247 -17.05 -8.38 -10.25
CA VAL A 1247 -16.01 -7.65 -10.96
C VAL A 1247 -14.80 -7.43 -10.06
N ARG A 1248 -15.03 -7.04 -8.82
CA ARG A 1248 -13.90 -6.83 -7.91
C ARG A 1248 -13.13 -8.12 -7.68
N MET A 1249 -13.83 -9.25 -7.52
CA MET A 1249 -13.14 -10.50 -7.27
C MET A 1249 -12.49 -11.06 -8.53
N SER A 1250 -13.05 -10.77 -9.71
CA SER A 1250 -12.37 -11.15 -10.94
C SER A 1250 -11.06 -10.39 -11.10
N SER A 1251 -11.07 -9.09 -10.81
CA SER A 1251 -9.82 -8.34 -10.84
C SER A 1251 -8.84 -8.86 -9.81
N GLU A 1252 -9.32 -9.12 -8.59
CA GLU A 1252 -8.43 -9.59 -7.53
C GLU A 1252 -7.90 -10.98 -7.81
N MET A 1253 -8.62 -11.77 -8.60
CA MET A 1253 -8.08 -13.03 -9.09
C MET A 1253 -7.02 -12.82 -10.14
N GLU A 1254 -7.29 -11.92 -11.10
CA GLU A 1254 -6.36 -11.73 -12.20
C GLU A 1254 -5.01 -11.20 -11.72
N THR A 1255 -5.02 -10.21 -10.82
CA THR A 1255 -3.76 -9.62 -10.37
C THR A 1255 -3.02 -10.49 -9.37
N ASN A 1256 -3.61 -11.60 -8.93
CA ASN A 1256 -3.05 -12.41 -7.86
C ASN A 1256 -2.74 -13.84 -8.28
N ILE A 1257 -3.27 -14.31 -9.41
CA ILE A 1257 -3.01 -15.68 -9.84
C ILE A 1257 -1.62 -15.81 -10.46
N VAL A 1258 -1.02 -14.71 -10.92
CA VAL A 1258 0.29 -14.74 -11.56
C VAL A 1258 1.37 -15.29 -10.63
N ALA A 1259 1.08 -15.39 -9.33
CA ALA A 1259 2.02 -16.00 -8.41
C ALA A 1259 2.27 -17.46 -8.77
N VAL A 1260 1.26 -18.15 -9.29
CA VAL A 1260 1.46 -19.54 -9.69
C VAL A 1260 2.39 -19.61 -10.90
N GLU A 1261 2.25 -18.65 -11.82
CA GLU A 1261 3.19 -18.58 -12.94
C GLU A 1261 4.60 -18.33 -12.44
N ARG A 1262 4.75 -17.48 -11.42
CA ARG A 1262 6.07 -17.19 -10.88
C ARG A 1262 6.67 -18.38 -10.15
N LEU A 1263 5.86 -19.13 -9.39
CA LEU A 1263 6.41 -20.23 -8.59
C LEU A 1263 6.85 -21.40 -9.44
N LYS A 1264 6.41 -21.49 -10.69
CA LYS A 1264 6.84 -22.53 -11.61
C LYS A 1264 7.80 -22.00 -12.66
N GLU A 1265 8.37 -20.80 -12.45
CA GLU A 1265 9.19 -20.16 -13.47
C GLU A 1265 10.44 -20.99 -13.75
N TYR A 1266 11.10 -21.48 -12.71
CA TYR A 1266 12.32 -22.27 -12.88
C TYR A 1266 12.05 -23.75 -13.09
N SER A 1267 10.85 -24.11 -13.53
CA SER A 1267 10.54 -25.51 -13.81
C SER A 1267 11.17 -25.99 -15.11
N GLU A 1268 11.73 -25.10 -15.91
CA GLU A 1268 12.37 -25.47 -17.17
C GLU A 1268 13.76 -24.88 -17.35
N THR A 1269 14.22 -24.03 -16.44
CA THR A 1269 15.60 -23.54 -16.51
C THR A 1269 16.55 -24.72 -16.39
N GLU A 1270 17.66 -24.65 -17.11
CA GLU A 1270 18.58 -25.79 -17.19
C GLU A 1270 19.08 -26.17 -15.80
N LYS A 1271 19.05 -27.48 -15.51
CA LYS A 1271 19.44 -28.02 -14.23
C LYS A 1271 20.81 -28.68 -14.30
N GLU A 1272 21.30 -29.09 -13.13
CA GLU A 1272 22.56 -29.82 -13.07
C GLU A 1272 22.39 -31.22 -13.65
N ALA A 1273 23.51 -31.89 -13.86
CA ALA A 1273 23.55 -33.26 -14.32
C ALA A 1273 22.78 -34.15 -13.35
N PRO A 1274 22.37 -35.36 -13.76
CA PRO A 1274 21.61 -36.22 -12.83
C PRO A 1274 22.34 -36.46 -11.53
N TRP A 1275 21.70 -36.08 -10.42
CA TRP A 1275 22.34 -36.16 -9.11
C TRP A 1275 22.90 -37.56 -8.84
N GLN A 1276 22.02 -38.55 -8.78
CA GLN A 1276 22.41 -39.92 -8.49
C GLN A 1276 21.92 -40.82 -9.61
N ILE A 1277 22.84 -41.29 -10.45
CA ILE A 1277 22.56 -42.32 -11.44
C ILE A 1277 23.29 -43.58 -11.00
N GLN A 1278 22.55 -44.67 -10.83
CA GLN A 1278 23.07 -45.88 -10.21
C GLN A 1278 23.50 -46.94 -11.22
N ASP A 1279 23.45 -46.64 -12.52
CA ASP A 1279 23.76 -47.63 -13.53
C ASP A 1279 25.24 -48.04 -13.54
N MET A 1280 26.14 -47.10 -13.24
CA MET A 1280 27.56 -47.42 -13.15
C MET A 1280 28.16 -46.94 -11.83
N ALA A 1281 27.57 -47.35 -10.72
CA ALA A 1281 28.07 -46.97 -9.41
C ALA A 1281 29.53 -47.39 -9.26
N PRO A 1282 30.36 -46.58 -8.60
CA PRO A 1282 31.78 -46.89 -8.50
C PRO A 1282 32.06 -47.74 -7.27
N PRO A 1283 33.28 -48.24 -7.13
CA PRO A 1283 33.69 -48.89 -5.87
C PRO A 1283 33.99 -47.85 -4.80
N LYS A 1284 34.49 -48.34 -3.66
CA LYS A 1284 34.72 -47.51 -2.48
C LYS A 1284 36.15 -47.02 -2.37
N ASP A 1285 36.74 -46.56 -3.48
CA ASP A 1285 38.13 -46.09 -3.45
C ASP A 1285 38.28 -44.92 -2.49
N TRP A 1286 37.32 -43.98 -2.48
CA TRP A 1286 37.34 -42.78 -1.66
C TRP A 1286 38.52 -41.90 -2.06
N PRO A 1287 38.70 -40.69 -1.50
CA PRO A 1287 39.90 -39.91 -1.82
C PRO A 1287 41.08 -40.18 -0.91
N GLN A 1288 40.92 -41.06 0.07
CA GLN A 1288 41.93 -41.27 1.09
C GLN A 1288 43.24 -41.74 0.46
N VAL A 1289 44.24 -40.86 0.52
CA VAL A 1289 45.60 -40.93 -0.06
C VAL A 1289 45.79 -39.61 -0.80
N GLY A 1290 44.69 -39.02 -1.28
CA GLY A 1290 44.73 -37.70 -1.88
C GLY A 1290 45.40 -37.61 -3.24
N ARG A 1291 44.77 -38.20 -4.25
CA ARG A 1291 45.29 -38.23 -5.61
C ARG A 1291 44.72 -37.08 -6.45
N VAL A 1292 45.55 -36.55 -7.35
CA VAL A 1292 45.17 -35.46 -8.25
C VAL A 1292 45.49 -35.86 -9.68
N GLU A 1293 44.55 -35.61 -10.59
CA GLU A 1293 44.70 -35.99 -12.00
C GLU A 1293 43.98 -35.01 -12.90
N PHE A 1294 44.58 -34.72 -14.06
CA PHE A 1294 43.98 -33.86 -15.07
C PHE A 1294 44.51 -34.27 -16.44
N ARG A 1295 43.62 -34.33 -17.43
CA ARG A 1295 43.97 -34.70 -18.81
C ARG A 1295 43.44 -33.63 -19.76
N ASP A 1296 44.26 -32.63 -20.06
CA ASP A 1296 43.92 -31.55 -20.99
C ASP A 1296 42.60 -30.89 -20.60
N TYR A 1297 42.46 -30.62 -19.31
CA TYR A 1297 41.23 -30.06 -18.77
C TYR A 1297 41.00 -28.65 -19.28
N GLY A 1298 39.74 -28.23 -19.27
CA GLY A 1298 39.38 -26.88 -19.68
C GLY A 1298 38.03 -26.43 -19.14
N LEU A 1299 38.00 -25.25 -18.52
CA LEU A 1299 36.78 -24.69 -17.98
C LEU A 1299 36.73 -23.20 -18.26
N ARG A 1300 35.51 -22.67 -18.26
CA ARG A 1300 35.29 -21.26 -18.51
C ARG A 1300 34.01 -20.86 -17.79
N TYR A 1301 34.05 -19.69 -17.13
CA TYR A 1301 32.90 -19.19 -16.38
C TYR A 1301 31.62 -19.28 -17.19
N ARG A 1302 31.58 -18.57 -18.31
CA ARG A 1302 30.50 -18.66 -19.28
C ARG A 1302 31.12 -18.63 -20.66
N GLU A 1303 30.58 -19.47 -21.57
CA GLU A 1303 31.30 -19.80 -22.79
C GLU A 1303 31.59 -18.57 -23.65
N ASP A 1304 30.83 -17.49 -23.47
CA ASP A 1304 31.10 -16.27 -24.22
C ASP A 1304 32.32 -15.52 -23.68
N LEU A 1305 32.72 -15.77 -22.44
CA LEU A 1305 33.90 -15.14 -21.86
C LEU A 1305 35.16 -15.89 -22.30
N ASP A 1306 36.28 -15.63 -21.64
CA ASP A 1306 37.54 -16.27 -21.94
C ASP A 1306 37.74 -17.52 -21.09
N LEU A 1307 38.42 -18.51 -21.68
CA LEU A 1307 38.70 -19.78 -21.00
C LEU A 1307 39.66 -19.52 -19.85
N VAL A 1308 39.15 -19.57 -18.63
CA VAL A 1308 39.99 -19.35 -17.45
C VAL A 1308 40.97 -20.49 -17.23
N LEU A 1309 40.67 -21.68 -17.78
CA LEU A 1309 41.52 -22.85 -17.60
C LEU A 1309 41.68 -23.53 -18.95
N LYS A 1310 42.93 -23.83 -19.32
CA LYS A 1310 43.25 -24.32 -20.66
C LYS A 1310 44.28 -25.44 -20.56
N HIS A 1311 43.87 -26.65 -20.95
CA HIS A 1311 44.79 -27.76 -21.23
C HIS A 1311 45.70 -28.06 -20.04
N ILE A 1312 45.09 -28.49 -18.94
CA ILE A 1312 45.84 -28.95 -17.78
C ILE A 1312 46.00 -30.46 -17.89
N ASN A 1313 47.26 -30.92 -17.94
CA ASN A 1313 47.57 -32.34 -18.04
C ASN A 1313 48.52 -32.70 -16.91
N VAL A 1314 48.08 -33.62 -16.04
CA VAL A 1314 48.90 -34.07 -14.92
C VAL A 1314 48.28 -35.34 -14.37
N THR A 1315 49.12 -36.20 -13.79
CA THR A 1315 48.65 -37.46 -13.20
C THR A 1315 49.63 -37.83 -12.10
N ILE A 1316 49.21 -37.65 -10.84
CA ILE A 1316 50.08 -37.83 -9.69
C ILE A 1316 49.43 -38.81 -8.72
N ASP A 1317 50.22 -39.72 -8.19
CA ASP A 1317 49.75 -40.63 -7.15
C ASP A 1317 49.52 -39.88 -5.84
N GLY A 1318 48.73 -40.50 -4.97
CA GLY A 1318 48.33 -39.86 -3.74
C GLY A 1318 49.46 -39.76 -2.73
N GLY A 1319 49.15 -39.12 -1.61
CA GLY A 1319 50.11 -38.95 -0.53
C GLY A 1319 50.99 -37.73 -0.63
N GLU A 1320 50.64 -36.78 -1.48
CA GLU A 1320 51.45 -35.60 -1.75
C GLU A 1320 50.80 -34.34 -1.22
N LYS A 1321 51.63 -33.33 -0.93
CA LYS A 1321 51.16 -32.00 -0.51
C LYS A 1321 51.63 -30.98 -1.53
N VAL A 1322 50.76 -30.59 -2.45
CA VAL A 1322 51.05 -29.58 -3.47
C VAL A 1322 50.21 -28.34 -3.23
N GLY A 1323 50.86 -27.18 -3.25
CA GLY A 1323 50.16 -25.91 -3.32
C GLY A 1323 50.11 -25.40 -4.75
N ILE A 1324 49.18 -24.47 -5.00
CA ILE A 1324 48.97 -23.89 -6.32
C ILE A 1324 49.24 -22.40 -6.22
N VAL A 1325 50.09 -21.89 -7.11
CA VAL A 1325 50.53 -20.50 -7.06
C VAL A 1325 50.20 -19.81 -8.37
N GLY A 1326 49.80 -18.56 -8.30
CA GLY A 1326 49.50 -17.77 -9.47
C GLY A 1326 49.26 -16.33 -9.09
N ARG A 1327 49.17 -15.49 -10.12
CA ARG A 1327 48.92 -14.08 -9.90
C ARG A 1327 47.42 -13.82 -9.80
N THR A 1328 47.04 -12.55 -9.81
CA THR A 1328 45.64 -12.17 -9.69
C THR A 1328 44.83 -12.70 -10.86
N GLY A 1329 43.80 -13.48 -10.56
CA GLY A 1329 42.99 -14.09 -11.60
C GLY A 1329 43.76 -15.08 -12.46
N ALA A 1330 44.67 -15.85 -11.85
CA ALA A 1330 45.48 -16.81 -12.60
C ALA A 1330 44.69 -18.04 -13.00
N GLY A 1331 43.73 -18.48 -12.17
CA GLY A 1331 43.01 -19.70 -12.44
C GLY A 1331 42.89 -20.61 -11.24
N LYS A 1332 43.22 -20.07 -10.07
CA LYS A 1332 43.21 -20.86 -8.84
C LYS A 1332 41.79 -21.24 -8.44
N SER A 1333 40.95 -20.22 -8.19
CA SER A 1333 39.58 -20.47 -7.76
C SER A 1333 38.81 -21.26 -8.79
N SER A 1334 39.09 -21.03 -10.08
CA SER A 1334 38.43 -21.82 -11.12
C SER A 1334 38.80 -23.29 -11.00
N LEU A 1335 40.06 -23.58 -10.70
CA LEU A 1335 40.47 -24.97 -10.48
C LEU A 1335 39.75 -25.56 -9.28
N THR A 1336 39.62 -24.77 -8.20
CA THR A 1336 38.90 -25.25 -7.03
C THR A 1336 37.45 -25.59 -7.36
N LEU A 1337 36.78 -24.71 -8.11
CA LEU A 1337 35.41 -25.01 -8.53
C LEU A 1337 35.35 -26.24 -9.43
N GLY A 1338 36.35 -26.40 -10.30
CA GLY A 1338 36.33 -27.51 -11.24
C GLY A 1338 36.70 -28.84 -10.64
N LEU A 1339 37.31 -28.84 -9.45
CA LEU A 1339 37.63 -30.11 -8.79
C LEU A 1339 36.40 -31.00 -8.66
N PHE A 1340 35.32 -30.45 -8.10
CA PHE A 1340 34.10 -31.23 -7.90
C PHE A 1340 33.14 -31.11 -9.07
N ARG A 1341 33.64 -30.75 -10.26
CA ARG A 1341 32.85 -30.68 -11.49
C ARG A 1341 31.59 -29.84 -11.33
N ILE A 1342 31.65 -28.82 -10.45
CA ILE A 1342 30.50 -27.95 -10.24
C ILE A 1342 30.14 -27.18 -11.50
N LYS A 1343 31.07 -27.07 -12.44
CA LYS A 1343 30.79 -26.52 -13.77
C LYS A 1343 31.13 -27.59 -14.80
N GLU A 1344 30.26 -27.75 -15.78
CA GLU A 1344 30.39 -28.85 -16.73
C GLU A 1344 31.64 -28.68 -17.58
N SER A 1345 32.40 -29.77 -17.71
CA SER A 1345 33.67 -29.75 -18.42
C SER A 1345 33.42 -29.65 -19.92
N ALA A 1346 33.64 -28.47 -20.48
CA ALA A 1346 33.48 -28.29 -21.92
C ALA A 1346 34.48 -29.15 -22.69
N GLU A 1347 35.71 -29.21 -22.22
CA GLU A 1347 36.75 -29.98 -22.89
C GLU A 1347 37.64 -30.63 -21.85
N GLY A 1348 38.34 -31.68 -22.26
CA GLY A 1348 39.18 -32.43 -21.35
C GLY A 1348 38.40 -33.43 -20.52
N GLU A 1349 39.03 -33.89 -19.44
CA GLU A 1349 38.42 -34.88 -18.56
C GLU A 1349 39.24 -34.96 -17.28
N ILE A 1350 38.60 -35.45 -16.23
CA ILE A 1350 39.26 -35.75 -14.95
C ILE A 1350 38.89 -37.18 -14.57
N ILE A 1351 39.89 -37.96 -14.18
CA ILE A 1351 39.68 -39.35 -13.76
C ILE A 1351 40.43 -39.57 -12.45
N ILE A 1352 39.74 -40.14 -11.46
CA ILE A 1352 40.33 -40.44 -10.16
C ILE A 1352 40.21 -41.94 -9.91
N ASP A 1353 41.34 -42.56 -9.55
CA ASP A 1353 41.40 -43.99 -9.22
C ASP A 1353 40.71 -44.84 -10.30
N ASP A 1354 40.89 -44.43 -11.56
CA ASP A 1354 40.31 -45.07 -12.73
C ASP A 1354 38.78 -45.07 -12.56
N ILE A 1355 38.25 -43.85 -12.57
CA ILE A 1355 36.81 -43.56 -12.72
C ILE A 1355 36.69 -42.24 -13.45
N ASN A 1356 35.95 -42.22 -14.56
CA ASN A 1356 35.71 -40.97 -15.29
C ASN A 1356 34.62 -40.19 -14.54
N ILE A 1357 35.06 -39.23 -13.74
CA ILE A 1357 34.13 -38.49 -12.90
C ILE A 1357 33.34 -37.45 -13.69
N ALA A 1358 33.75 -37.15 -14.92
CA ALA A 1358 33.06 -36.16 -15.71
C ALA A 1358 31.72 -36.66 -16.24
N LYS A 1359 31.42 -37.95 -16.06
CA LYS A 1359 30.18 -38.54 -16.55
C LYS A 1359 29.24 -38.97 -15.43
N ILE A 1360 29.77 -39.47 -14.31
CA ILE A 1360 28.95 -40.10 -13.29
C ILE A 1360 28.14 -39.03 -12.55
N GLY A 1361 26.96 -39.44 -12.06
CA GLY A 1361 26.11 -38.55 -11.31
C GLY A 1361 26.85 -37.87 -10.18
N LEU A 1362 26.79 -36.53 -10.17
CA LEU A 1362 27.71 -35.76 -9.34
C LEU A 1362 27.53 -36.02 -7.85
N HIS A 1363 26.33 -36.42 -7.41
CA HIS A 1363 26.18 -36.81 -6.02
C HIS A 1363 27.00 -38.05 -5.69
N ASP A 1364 27.19 -38.93 -6.67
CA ASP A 1364 27.93 -40.16 -6.43
C ASP A 1364 29.42 -39.91 -6.23
N LEU A 1365 29.90 -38.70 -6.53
CA LEU A 1365 31.29 -38.35 -6.31
C LEU A 1365 31.49 -37.17 -5.39
N ARG A 1366 30.56 -36.22 -5.36
CA ARG A 1366 30.73 -35.02 -4.55
C ARG A 1366 30.89 -35.35 -3.07
N PHE A 1367 30.29 -36.44 -2.61
CA PHE A 1367 30.48 -36.88 -1.22
C PHE A 1367 31.83 -37.57 -1.00
N LYS A 1368 32.52 -37.94 -2.06
CA LYS A 1368 33.71 -38.78 -1.95
C LYS A 1368 35.00 -38.02 -2.21
N ILE A 1369 34.99 -36.68 -2.10
CA ILE A 1369 36.19 -35.85 -1.98
C ILE A 1369 35.80 -34.73 -1.03
N THR A 1370 36.74 -33.86 -0.64
CA THR A 1370 36.42 -32.77 0.27
C THR A 1370 37.02 -31.45 -0.20
N ILE A 1371 36.50 -30.37 0.38
CA ILE A 1371 36.84 -29.00 0.00
C ILE A 1371 36.34 -28.06 1.10
N ILE A 1372 37.09 -27.00 1.37
CA ILE A 1372 36.64 -25.96 2.31
C ILE A 1372 37.00 -24.61 1.74
N PRO A 1373 36.09 -23.63 1.76
CA PRO A 1373 36.41 -22.30 1.24
C PRO A 1373 37.22 -21.49 2.24
N GLN A 1374 37.44 -20.22 1.88
CA GLN A 1374 38.18 -19.31 2.74
C GLN A 1374 37.50 -19.15 4.10
N ASP A 1375 36.18 -18.94 4.09
CA ASP A 1375 35.39 -18.79 5.32
C ASP A 1375 34.22 -19.76 5.21
N PRO A 1376 34.44 -21.04 5.51
CA PRO A 1376 33.34 -22.02 5.43
C PRO A 1376 32.17 -21.61 6.30
N VAL A 1377 30.98 -21.60 5.70
CA VAL A 1377 29.80 -21.06 6.37
C VAL A 1377 29.23 -22.12 7.31
N LEU A 1378 28.66 -21.65 8.41
CA LEU A 1378 27.93 -22.46 9.36
C LEU A 1378 26.44 -22.25 9.14
N PHE A 1379 25.61 -22.96 9.90
CA PHE A 1379 24.17 -22.91 9.73
C PHE A 1379 23.49 -22.74 11.08
N SER A 1380 22.31 -22.13 11.05
CA SER A 1380 21.50 -21.95 12.25
C SER A 1380 20.94 -23.30 12.69
N GLY A 1381 21.52 -23.87 13.73
CA GLY A 1381 21.07 -25.16 14.22
C GLY A 1381 22.05 -25.72 15.22
N SER A 1382 21.88 -27.00 15.51
CA SER A 1382 22.77 -27.68 16.44
C SER A 1382 24.14 -27.84 15.80
N LEU A 1383 25.19 -27.78 16.64
CA LEU A 1383 26.53 -28.09 16.16
C LEU A 1383 26.60 -29.54 15.67
N ARG A 1384 25.76 -30.41 16.22
CA ARG A 1384 25.67 -31.78 15.71
C ARG A 1384 25.15 -31.79 14.28
N MET A 1385 24.13 -30.98 13.99
CA MET A 1385 23.59 -30.92 12.63
C MET A 1385 24.62 -30.36 11.66
N ASN A 1386 25.31 -29.28 12.05
CA ASN A 1386 26.31 -28.69 11.17
C ASN A 1386 27.46 -29.65 10.92
N LEU A 1387 27.93 -30.33 11.97
CA LEU A 1387 28.99 -31.32 11.77
C LEU A 1387 28.50 -32.51 10.97
N ASP A 1388 27.26 -32.93 11.14
CA ASP A 1388 26.70 -33.96 10.28
C ASP A 1388 25.18 -33.86 10.25
N PRO A 1389 24.59 -33.40 9.16
CA PRO A 1389 23.12 -33.41 9.06
C PRO A 1389 22.54 -34.81 9.12
N PHE A 1390 23.26 -35.79 8.59
CA PHE A 1390 22.84 -37.19 8.69
C PHE A 1390 23.10 -37.75 10.08
N SER A 1391 24.06 -37.16 10.81
CA SER A 1391 24.42 -37.58 12.17
C SER A 1391 24.84 -39.04 12.21
N GLN A 1392 25.44 -39.54 11.13
CA GLN A 1392 25.82 -40.94 11.07
C GLN A 1392 27.08 -41.22 11.87
N TYR A 1393 27.98 -40.25 11.98
CA TYR A 1393 29.19 -40.44 12.75
C TYR A 1393 28.90 -40.44 14.25
N SER A 1394 29.63 -41.26 14.98
CA SER A 1394 29.48 -41.35 16.42
C SER A 1394 30.03 -40.10 17.10
N ASP A 1395 29.44 -39.74 18.24
CA ASP A 1395 29.83 -38.52 18.94
C ASP A 1395 31.27 -38.59 19.42
N GLU A 1396 31.80 -39.80 19.61
CA GLU A 1396 33.22 -39.93 19.92
C GLU A 1396 34.08 -39.35 18.81
N GLU A 1397 33.65 -39.51 17.55
CA GLU A 1397 34.38 -38.90 16.44
C GLU A 1397 34.22 -37.38 16.46
N VAL A 1398 33.06 -36.89 16.89
CA VAL A 1398 32.87 -35.46 17.07
C VAL A 1398 33.90 -34.90 18.03
N TRP A 1399 34.03 -35.55 19.20
CA TRP A 1399 34.99 -35.11 20.19
C TRP A 1399 36.43 -35.31 19.72
N THR A 1400 36.67 -36.35 18.92
CA THR A 1400 37.97 -36.50 18.29
C THR A 1400 38.31 -35.26 17.48
N SER A 1401 37.40 -34.86 16.59
CA SER A 1401 37.64 -33.66 15.79
C SER A 1401 37.84 -32.44 16.66
N LEU A 1402 37.03 -32.31 17.72
CA LEU A 1402 37.11 -31.13 18.56
C LEU A 1402 38.45 -31.03 19.27
N GLU A 1403 38.98 -32.16 19.77
CA GLU A 1403 40.30 -32.11 20.40
C GLU A 1403 41.38 -31.83 19.35
N LEU A 1404 41.27 -32.43 18.17
CA LEU A 1404 42.16 -32.03 17.09
C LEU A 1404 41.81 -30.66 16.55
N ALA A 1405 40.66 -30.11 16.92
CA ALA A 1405 40.36 -28.71 16.68
C ALA A 1405 40.71 -27.83 17.88
N HIS A 1406 41.31 -28.41 18.92
CA HIS A 1406 41.65 -27.68 20.16
C HIS A 1406 40.41 -27.03 20.77
N LEU A 1407 39.31 -27.78 20.85
CA LEU A 1407 38.06 -27.23 21.32
C LEU A 1407 37.32 -28.08 22.34
N LYS A 1408 37.74 -29.33 22.57
CA LYS A 1408 37.02 -30.20 23.51
C LYS A 1408 36.83 -29.53 24.86
N GLY A 1409 37.89 -28.94 25.41
CA GLY A 1409 37.75 -28.21 26.66
C GLY A 1409 36.82 -27.02 26.53
N PHE A 1410 36.99 -26.23 25.47
CA PHE A 1410 36.13 -25.07 25.26
C PHE A 1410 34.70 -25.50 24.95
N VAL A 1411 34.53 -26.51 24.09
CA VAL A 1411 33.18 -26.95 23.73
C VAL A 1411 32.45 -27.52 24.93
N SER A 1412 33.17 -28.31 25.75
CA SER A 1412 32.57 -28.82 26.98
C SER A 1412 32.29 -27.69 27.97
N ALA A 1413 33.06 -26.60 27.91
CA ALA A 1413 32.76 -25.45 28.75
C ALA A 1413 31.45 -24.79 28.37
N LEU A 1414 30.96 -25.01 27.16
CA LEU A 1414 29.64 -24.54 26.77
C LEU A 1414 28.57 -25.29 27.57
N PRO A 1415 27.40 -24.68 27.76
CA PRO A 1415 26.34 -25.36 28.54
C PRO A 1415 25.94 -26.71 27.97
N ASP A 1416 25.98 -26.88 26.65
CA ASP A 1416 25.70 -28.17 26.01
C ASP A 1416 26.99 -28.72 25.43
N LYS A 1417 27.33 -29.95 25.80
CA LYS A 1417 28.60 -30.53 25.35
C LYS A 1417 28.57 -30.84 23.87
N LEU A 1418 27.52 -31.51 23.39
CA LEU A 1418 27.49 -31.98 22.01
C LEU A 1418 26.46 -31.28 21.14
N ASN A 1419 25.40 -30.73 21.72
CA ASN A 1419 24.29 -30.21 20.93
C ASN A 1419 24.12 -28.71 21.12
N HIS A 1420 25.20 -28.01 21.47
CA HIS A 1420 25.12 -26.56 21.63
C HIS A 1420 24.75 -25.94 20.30
N GLU A 1421 23.56 -25.34 20.23
CA GLU A 1421 23.09 -24.77 18.98
C GLU A 1421 24.05 -23.69 18.50
N CYS A 1422 24.38 -23.72 17.22
CA CYS A 1422 25.32 -22.77 16.62
C CYS A 1422 24.58 -21.81 15.71
N ALA A 1423 24.90 -20.52 15.85
CA ALA A 1423 24.22 -19.49 15.09
C ALA A 1423 24.61 -19.56 13.61
N GLU A 1424 23.92 -18.75 12.80
CA GLU A 1424 24.18 -18.73 11.37
C GLU A 1424 25.58 -18.22 11.08
N GLY A 1425 26.28 -18.87 10.16
CA GLY A 1425 27.59 -18.44 9.74
C GLY A 1425 28.61 -18.39 10.86
N GLY A 1426 28.39 -19.15 11.93
CA GLY A 1426 29.29 -19.11 13.07
C GLY A 1426 29.26 -17.80 13.82
N GLU A 1427 28.08 -17.21 13.99
CA GLU A 1427 27.98 -15.96 14.75
C GLU A 1427 28.17 -16.20 16.24
N ASN A 1428 27.74 -17.37 16.74
CA ASN A 1428 27.92 -17.70 18.15
C ASN A 1428 29.39 -17.80 18.52
N LEU A 1429 30.27 -17.92 17.54
CA LEU A 1429 31.70 -18.01 17.77
C LEU A 1429 32.38 -16.79 17.18
N SER A 1430 33.48 -16.35 17.81
CA SER A 1430 34.25 -15.25 17.25
C SER A 1430 34.82 -15.65 15.89
N VAL A 1431 35.24 -14.65 15.12
CA VAL A 1431 35.70 -14.91 13.75
C VAL A 1431 36.90 -15.86 13.77
N GLY A 1432 37.83 -15.66 14.71
CA GLY A 1432 38.88 -16.64 14.90
C GLY A 1432 38.33 -17.98 15.33
N GLN A 1433 37.42 -17.97 16.31
CA GLN A 1433 36.76 -19.21 16.69
C GLN A 1433 35.90 -19.74 15.54
N ARG A 1434 35.39 -18.86 14.69
CA ARG A 1434 34.61 -19.31 13.53
C ARG A 1434 35.48 -20.11 12.57
N GLN A 1435 36.69 -19.63 12.27
CA GLN A 1435 37.57 -20.43 11.43
C GLN A 1435 38.08 -21.66 12.18
N LEU A 1436 38.16 -21.59 13.51
CA LEU A 1436 38.45 -22.80 14.27
C LEU A 1436 37.36 -23.84 14.06
N VAL A 1437 36.09 -23.42 14.08
CA VAL A 1437 34.99 -24.36 13.86
C VAL A 1437 34.99 -24.86 12.43
N CYS A 1438 35.38 -24.01 11.47
CA CYS A 1438 35.45 -24.49 10.09
C CYS A 1438 36.54 -25.55 9.95
N LEU A 1439 37.68 -25.33 10.58
CA LEU A 1439 38.73 -26.35 10.65
C LEU A 1439 38.18 -27.62 11.29
N ALA A 1440 37.38 -27.46 12.34
CA ALA A 1440 36.77 -28.58 13.05
C ALA A 1440 35.89 -29.38 12.10
N ARG A 1441 35.02 -28.71 11.34
CA ARG A 1441 34.18 -29.42 10.38
C ARG A 1441 35.03 -30.13 9.34
N ALA A 1442 36.02 -29.43 8.81
CA ALA A 1442 36.87 -29.98 7.77
C ALA A 1442 37.52 -31.29 8.23
N LEU A 1443 38.10 -31.28 9.43
CA LEU A 1443 38.67 -32.51 9.96
C LEU A 1443 37.57 -33.53 10.25
N LEU A 1444 36.45 -33.07 10.82
CA LEU A 1444 35.43 -33.98 11.34
C LEU A 1444 34.81 -34.82 10.25
N ARG A 1445 34.69 -34.29 9.05
CA ARG A 1445 34.03 -35.14 8.07
C ARG A 1445 34.91 -36.31 7.62
N LYS A 1446 36.03 -36.61 8.30
CA LYS A 1446 36.92 -37.70 7.91
C LYS A 1446 37.43 -37.50 6.50
N THR A 1447 38.21 -36.43 6.32
CA THR A 1447 38.45 -35.85 5.01
C THR A 1447 39.89 -36.00 4.58
N LYS A 1448 40.12 -35.84 3.27
CA LYS A 1448 41.43 -36.00 2.67
C LYS A 1448 41.92 -34.72 2.01
N ILE A 1449 41.11 -34.09 1.15
CA ILE A 1449 41.53 -32.95 0.35
C ILE A 1449 40.97 -31.68 0.97
N LEU A 1450 41.85 -30.74 1.30
CA LEU A 1450 41.45 -29.45 1.86
C LEU A 1450 42.14 -28.33 1.10
N VAL A 1451 41.52 -27.15 1.13
CA VAL A 1451 42.02 -25.98 0.41
C VAL A 1451 41.81 -24.75 1.27
N LEU A 1452 42.77 -23.83 1.22
CA LEU A 1452 42.65 -22.51 1.85
C LEU A 1452 42.80 -21.47 0.75
N ASP A 1453 41.69 -21.14 0.10
CA ASP A 1453 41.68 -20.20 -1.01
C ASP A 1453 41.65 -18.79 -0.46
N GLU A 1454 42.82 -18.13 -0.47
CA GLU A 1454 43.06 -16.78 0.04
C GLU A 1454 42.90 -16.69 1.55
N ALA A 1455 42.55 -17.80 2.23
CA ALA A 1455 42.35 -17.74 3.67
C ALA A 1455 43.63 -17.48 4.44
N THR A 1456 44.79 -17.68 3.81
CA THR A 1456 46.07 -17.48 4.52
C THR A 1456 46.27 -16.03 4.91
N ALA A 1457 45.64 -15.09 4.21
CA ALA A 1457 45.80 -13.67 4.47
C ALA A 1457 44.68 -13.09 5.32
N ALA A 1458 43.74 -13.93 5.77
CA ALA A 1458 42.63 -13.49 6.60
C ALA A 1458 42.61 -14.15 7.97
N VAL A 1459 43.68 -14.82 8.36
CA VAL A 1459 43.75 -15.55 9.62
C VAL A 1459 45.01 -15.12 10.36
N ASP A 1460 44.88 -14.86 11.66
CA ASP A 1460 46.01 -14.40 12.46
C ASP A 1460 47.07 -15.50 12.60
N LEU A 1461 48.31 -15.07 12.85
CA LEU A 1461 49.47 -15.97 12.87
C LEU A 1461 49.47 -16.93 14.08
N GLU A 1462 48.45 -16.95 14.93
CA GLU A 1462 48.38 -17.90 16.04
C GLU A 1462 47.47 -19.08 15.70
N THR A 1463 46.25 -18.80 15.23
CA THR A 1463 45.32 -19.87 14.91
C THR A 1463 45.74 -20.62 13.65
N ASP A 1464 46.21 -19.89 12.64
CA ASP A 1464 46.72 -20.57 11.45
C ASP A 1464 48.00 -21.33 11.77
N ASP A 1465 48.72 -20.90 12.81
CA ASP A 1465 49.81 -21.72 13.32
C ASP A 1465 49.28 -23.05 13.83
N LEU A 1466 48.13 -23.02 14.52
CA LEU A 1466 47.49 -24.25 14.95
C LEU A 1466 47.12 -25.12 13.76
N ILE A 1467 46.51 -24.51 12.72
CA ILE A 1467 46.09 -25.31 11.58
C ILE A 1467 47.30 -25.87 10.83
N GLN A 1468 48.39 -25.10 10.77
CA GLN A 1468 49.61 -25.58 10.12
C GLN A 1468 50.21 -26.74 10.89
N SER A 1469 50.29 -26.62 12.22
CA SER A 1469 50.78 -27.73 13.03
C SER A 1469 49.89 -28.96 12.90
N THR A 1470 48.59 -28.74 12.64
CA THR A 1470 47.71 -29.88 12.37
C THR A 1470 48.04 -30.51 11.01
N ILE A 1471 48.35 -29.70 10.02
CA ILE A 1471 48.88 -30.27 8.77
C ILE A 1471 50.19 -30.98 9.03
N ARG A 1472 50.88 -30.65 10.12
CA ARG A 1472 52.07 -31.39 10.50
C ARG A 1472 51.75 -32.60 11.37
N THR A 1473 50.58 -32.62 12.02
CA THR A 1473 50.22 -33.69 12.93
C THR A 1473 48.91 -34.38 12.62
N GLN A 1474 47.92 -33.66 12.08
CA GLN A 1474 46.60 -34.23 11.81
C GLN A 1474 46.35 -34.39 10.31
N PHE A 1475 46.54 -33.33 9.53
CA PHE A 1475 46.61 -33.46 8.08
C PHE A 1475 48.01 -33.73 7.59
N ASP A 1476 48.87 -34.31 8.43
CA ASP A 1476 50.13 -34.86 7.95
C ASP A 1476 49.89 -35.92 6.89
N ASP A 1477 48.91 -36.80 7.14
CA ASP A 1477 48.53 -37.80 6.15
C ASP A 1477 47.66 -37.21 5.04
N CYS A 1478 46.92 -36.13 5.34
CA CYS A 1478 45.95 -35.61 4.39
C CYS A 1478 46.63 -34.81 3.27
N THR A 1479 46.03 -34.88 2.07
CA THR A 1479 46.54 -34.18 0.90
C THR A 1479 45.86 -32.81 0.80
N VAL A 1480 46.66 -31.76 0.80
CA VAL A 1480 46.16 -30.39 0.71
C VAL A 1480 46.64 -29.79 -0.61
N LEU A 1481 45.69 -29.46 -1.48
CA LEU A 1481 45.97 -28.81 -2.76
C LEU A 1481 45.40 -27.41 -2.69
N THR A 1482 46.17 -26.49 -2.12
CA THR A 1482 45.66 -25.19 -1.72
C THR A 1482 46.28 -24.08 -2.56
N ILE A 1483 45.83 -22.85 -2.29
CA ILE A 1483 46.33 -21.65 -2.94
C ILE A 1483 46.51 -20.60 -1.86
N ALA A 1484 47.74 -20.40 -1.41
CA ALA A 1484 48.05 -19.41 -0.39
C ALA A 1484 48.95 -18.35 -0.99
N HIS A 1485 48.45 -17.11 -1.08
CA HIS A 1485 49.30 -16.00 -1.49
C HIS A 1485 50.44 -15.79 -0.49
N ARG A 1486 50.16 -15.99 0.79
CA ARG A 1486 51.22 -16.11 1.80
C ARG A 1486 51.68 -17.56 1.89
N LEU A 1487 52.29 -18.03 0.79
CA LEU A 1487 52.73 -19.41 0.67
C LEU A 1487 53.91 -19.75 1.57
N ASN A 1488 54.36 -18.81 2.41
CA ASN A 1488 55.39 -19.10 3.40
C ASN A 1488 54.95 -20.21 4.35
N THR A 1489 53.63 -20.41 4.50
CA THR A 1489 53.14 -21.50 5.32
C THR A 1489 53.27 -22.85 4.61
N ILE A 1490 53.33 -22.84 3.29
CA ILE A 1490 53.31 -24.09 2.53
C ILE A 1490 54.59 -24.29 1.72
N MET A 1491 55.64 -23.49 1.97
CA MET A 1491 56.90 -23.72 1.30
C MET A 1491 57.41 -25.14 1.52
N ASP A 1492 57.11 -25.72 2.68
CA ASP A 1492 57.60 -27.05 3.03
C ASP A 1492 56.88 -28.14 2.24
N TYR A 1493 55.97 -27.74 1.35
CA TYR A 1493 55.25 -28.72 0.55
C TYR A 1493 56.20 -29.44 -0.40
N THR A 1494 55.85 -30.69 -0.73
CA THR A 1494 56.74 -31.50 -1.56
C THR A 1494 56.93 -30.90 -2.94
N ARG A 1495 55.85 -30.39 -3.54
CA ARG A 1495 55.91 -29.84 -4.89
C ARG A 1495 54.86 -28.74 -5.02
N VAL A 1496 55.09 -27.86 -5.99
CA VAL A 1496 54.18 -26.76 -6.29
C VAL A 1496 54.02 -26.66 -7.80
N ILE A 1497 52.77 -26.53 -8.26
CA ILE A 1497 52.47 -26.38 -9.68
C ILE A 1497 52.10 -24.92 -9.91
N VAL A 1498 52.89 -24.23 -10.73
CA VAL A 1498 52.69 -22.82 -11.03
C VAL A 1498 51.95 -22.70 -12.35
N LEU A 1499 50.90 -21.86 -12.36
CA LEU A 1499 50.09 -21.67 -13.54
C LEU A 1499 49.80 -20.18 -13.71
N ASP A 1500 49.73 -19.74 -14.96
CA ASP A 1500 49.40 -18.37 -15.28
C ASP A 1500 48.81 -18.33 -16.68
N LYS A 1501 48.18 -17.21 -17.03
CA LYS A 1501 47.53 -17.01 -18.33
C LYS A 1501 46.47 -18.08 -18.58
N GLY A 1502 45.95 -18.69 -17.52
CA GLY A 1502 44.98 -19.74 -17.69
C GLY A 1502 45.57 -21.08 -18.08
N GLU A 1503 46.90 -21.19 -18.09
CA GLU A 1503 47.57 -22.42 -18.49
C GLU A 1503 48.67 -22.73 -17.49
N ILE A 1504 49.23 -23.93 -17.59
CA ILE A 1504 50.31 -24.35 -16.71
C ILE A 1504 51.62 -23.74 -17.19
N GLN A 1505 52.34 -23.09 -16.27
CA GLN A 1505 53.66 -22.58 -16.60
C GLN A 1505 54.71 -23.68 -16.52
N GLU A 1506 54.88 -24.26 -15.35
CA GLU A 1506 55.83 -25.34 -15.11
C GLU A 1506 55.47 -25.96 -13.76
N TRP A 1507 56.33 -26.85 -13.27
CA TRP A 1507 56.08 -27.54 -12.02
C TRP A 1507 57.41 -28.00 -11.43
N GLY A 1508 57.33 -28.67 -10.28
CA GLY A 1508 58.50 -29.23 -9.62
C GLY A 1508 58.49 -28.94 -8.13
N SER A 1509 59.51 -29.45 -7.46
CA SER A 1509 59.70 -29.19 -6.05
C SER A 1509 60.02 -27.72 -5.82
N PRO A 1510 59.65 -27.15 -4.67
CA PRO A 1510 59.97 -25.74 -4.41
C PRO A 1510 61.45 -25.42 -4.45
N SER A 1511 62.31 -26.42 -4.23
CA SER A 1511 63.75 -26.16 -4.15
C SER A 1511 64.29 -25.58 -5.46
N ASP A 1512 64.18 -26.35 -6.55
CA ASP A 1512 64.74 -25.88 -7.82
C ASP A 1512 64.01 -24.64 -8.32
N LEU A 1513 62.73 -24.47 -7.95
CA LEU A 1513 62.05 -23.22 -8.26
C LEU A 1513 62.70 -22.04 -7.55
N LEU A 1514 63.12 -22.23 -6.30
CA LEU A 1514 63.90 -21.20 -5.61
C LEU A 1514 65.22 -20.95 -6.33
N GLN A 1515 65.93 -22.03 -6.67
CA GLN A 1515 67.26 -21.87 -7.27
C GLN A 1515 67.19 -21.26 -8.66
N GLN A 1516 66.14 -21.59 -9.42
CA GLN A 1516 66.01 -21.03 -10.77
C GLN A 1516 65.70 -19.53 -10.75
N ARG A 1517 65.36 -18.97 -9.59
CA ARG A 1517 64.96 -17.57 -9.47
C ARG A 1517 63.83 -17.23 -10.42
N GLY A 1518 62.90 -18.17 -10.60
CA GLY A 1518 61.87 -18.04 -11.59
C GLY A 1518 60.70 -17.20 -11.11
N LEU A 1519 59.57 -17.38 -11.81
CA LEU A 1519 58.36 -16.63 -11.48
C LEU A 1519 57.93 -16.88 -10.05
N PHE A 1520 57.93 -18.14 -9.63
CA PHE A 1520 57.54 -18.47 -8.26
C PHE A 1520 58.48 -17.77 -7.28
N TYR A 1521 59.78 -17.79 -7.55
CA TYR A 1521 60.71 -17.07 -6.69
C TYR A 1521 60.53 -15.56 -6.81
N SER A 1522 59.98 -15.06 -7.91
CA SER A 1522 59.75 -13.62 -8.04
C SER A 1522 58.62 -13.17 -7.12
N MET A 1523 57.52 -13.92 -7.09
CA MET A 1523 56.52 -13.67 -6.05
C MET A 1523 57.06 -13.97 -4.66
N ALA A 1524 58.01 -14.90 -4.54
CA ALA A 1524 58.62 -15.16 -3.24
C ALA A 1524 59.37 -13.93 -2.72
N LYS A 1525 60.08 -13.23 -3.61
CA LYS A 1525 60.81 -12.04 -3.18
C LYS A 1525 59.86 -10.88 -2.88
N ASP A 1526 58.67 -10.90 -3.44
CA ASP A 1526 57.70 -9.82 -3.23
C ASP A 1526 57.20 -9.79 -1.80
#